data_3NCY
#
_entry.id   3NCY
#
_cell.length_a   79.661
_cell.length_b   104.149
_cell.length_c   154.025
_cell.angle_alpha   81.96
_cell.angle_beta   75.93
_cell.angle_gamma   73.73
#
_symmetry.space_group_name_H-M   'P 1'
#
loop_
_entity.id
_entity.type
_entity.pdbx_description
1 polymer AdiC
2 polymer 'Fab Heavy chain'
3 polymer 'Fab Light chain'
#
loop_
_entity_poly.entity_id
_entity_poly.type
_entity_poly.pdbx_seq_one_letter_code
_entity_poly.pdbx_strand_id
1 'polypeptide(L)'
;MSSDADAHKVGLIPVTLMVSGNIMGSGVFLLPANLAATGGIAIYGWLVTIIGALALSMVYAKMSSLDPSPGGSYAYARRC
FGPFLGYQTNVLYWLACWIGNIAMVVIGVGYLSYFFPILKDPLVLTLTCVAVLWIFVLLNIVGPKMITRVQAVATVLALV
PIVGIAVFGWFWFKGETYMAAWNVSGMNTFGAIQSTLNVTLWSFIGVESASVAAGVVKNPKRNVPIATIGGVLIAAVCYV
LSTTAIMGMIPNAALRVSASPFGDAARMALGDTAGAIVSFCAAAGCLGSLGGWTLLAGQTAKAAADDGLFPPIFARVNKA
GTPVAGLLIVGVLMTIFQFSSMSPNAAKEFGLVSSVSVIFTLVPYLYTCAALLLLGHGHFGKARPLYLLITFVAFVYCIW
AVIGSGAKEVMWSFVTLMVITALYALNYNRIHKNPYPLDAPVKQD
;
A,B,C,D
2 'polypeptide(L)'
;QVQLQQSGPELVKPGALVKISCKASGYTFTNYDINWVKQRPGQGLEWIGWIYPGDGSTMYNEKFKGKATLTADKSSSTAY
MQLSSLTSENSSVYFCARLDGNYGGWFAYWGQGTSVTVSSAKTTPPSVYPLAPVCGDTTGSSVTLGCLVKGYFPEPVTVT
WNSGSLSSGVHTFPAVLQSDLYTLSSSVTVPSSTWPSETVTCNVAHPASSTKVDKKIVP
;
Q,P
3 'polypeptide(L)'
;ELVMTQSPAIMSASPGEKVTMTCSASSSVNYMHWYQQKSGTSPKRWIYDTSKLASGVPARFSGSGSGTSYSLTISSMEAE
DAATYYCQQWSYNPPTFGGGTKLEIKRADAAPTVSIFPPSSEQLTSGGASVVCFLNNFYPKDINVKWKKIDGSERQNGVL
NSWTDQDSKDSTYSMSSTLTLTKDEYERHNSYTCEATHKTSTSPIVKSFNR
;
W,S
#
# COMPACT_ATOMS: atom_id res chain seq x y z
N VAL A 10 -26.08 -8.92 -42.79
CA VAL A 10 -26.24 -9.96 -41.79
C VAL A 10 -26.94 -11.19 -42.40
N GLY A 11 -26.26 -12.33 -42.35
CA GLY A 11 -24.93 -12.42 -41.76
C GLY A 11 -23.83 -12.34 -42.78
N LEU A 12 -23.25 -13.48 -43.11
CA LEU A 12 -22.16 -13.54 -44.08
C LEU A 12 -22.63 -13.98 -45.46
N ILE A 13 -23.28 -15.13 -45.51
CA ILE A 13 -23.68 -15.74 -46.78
C ILE A 13 -24.62 -14.87 -47.63
N PRO A 14 -25.47 -14.04 -46.99
CA PRO A 14 -26.31 -13.17 -47.80
C PRO A 14 -25.54 -11.95 -48.31
N VAL A 15 -24.44 -11.63 -47.64
CA VAL A 15 -23.63 -10.46 -48.01
C VAL A 15 -22.61 -10.81 -49.08
N THR A 16 -22.01 -11.99 -48.97
CA THR A 16 -21.04 -12.46 -49.96
C THR A 16 -21.68 -12.52 -51.34
N LEU A 17 -23.00 -12.69 -51.38
CA LEU A 17 -23.73 -12.75 -52.64
C LEU A 17 -23.98 -11.35 -53.19
N MET A 18 -24.10 -10.37 -52.30
CA MET A 18 -24.27 -8.98 -52.69
C MET A 18 -22.98 -8.44 -53.30
N VAL A 19 -21.87 -8.67 -52.60
CA VAL A 19 -20.57 -8.20 -53.07
C VAL A 19 -20.29 -8.71 -54.48
N SER A 20 -20.82 -9.88 -54.79
CA SER A 20 -20.66 -10.47 -56.12
C SER A 20 -21.79 -10.03 -57.04
N GLY A 21 -22.99 -9.94 -56.49
CA GLY A 21 -24.16 -9.54 -57.25
C GLY A 21 -24.04 -8.13 -57.81
N ASN A 22 -23.46 -7.23 -57.01
CA ASN A 22 -23.26 -5.86 -57.43
C ASN A 22 -22.15 -5.73 -58.47
N ILE A 23 -21.57 -6.87 -58.85
CA ILE A 23 -20.56 -6.90 -59.89
C ILE A 23 -21.18 -7.44 -61.18
N MET A 24 -22.00 -8.47 -61.03
CA MET A 24 -22.55 -9.19 -62.17
C MET A 24 -23.96 -8.73 -62.53
N GLY A 25 -24.12 -7.43 -62.73
CA GLY A 25 -25.37 -6.87 -63.21
C GLY A 25 -25.39 -6.90 -64.72
N SER A 26 -24.36 -7.51 -65.30
CA SER A 26 -24.21 -7.61 -66.74
C SER A 26 -23.25 -8.74 -67.08
N GLY A 27 -23.22 -9.77 -66.25
CA GLY A 27 -22.30 -10.88 -66.42
C GLY A 27 -22.70 -11.81 -67.55
N VAL A 28 -24.00 -11.83 -67.88
CA VAL A 28 -24.52 -12.70 -68.92
C VAL A 28 -24.29 -12.12 -70.33
N PHE A 29 -24.31 -10.80 -70.43
CA PHE A 29 -24.13 -10.12 -71.72
C PHE A 29 -22.67 -9.76 -71.97
N LEU A 30 -21.87 -9.76 -70.92
CA LEU A 30 -20.50 -9.26 -71.00
C LEU A 30 -19.67 -9.94 -72.08
N LEU A 31 -19.84 -11.25 -72.22
CA LEU A 31 -19.03 -12.04 -73.14
C LEU A 31 -18.96 -11.45 -74.55
N PRO A 32 -20.11 -11.36 -75.25
CA PRO A 32 -20.15 -10.89 -76.64
C PRO A 32 -19.44 -9.55 -76.84
N ALA A 33 -19.77 -8.57 -76.01
CA ALA A 33 -19.18 -7.24 -76.11
C ALA A 33 -17.66 -7.32 -76.06
N ASN A 34 -17.15 -8.37 -75.41
CA ASN A 34 -15.73 -8.59 -75.27
C ASN A 34 -15.15 -9.45 -76.39
N LEU A 35 -16.01 -10.24 -77.01
CA LEU A 35 -15.59 -11.14 -78.09
C LEU A 35 -15.23 -10.37 -79.36
N ALA A 36 -15.76 -9.15 -79.49
CA ALA A 36 -15.45 -8.31 -80.62
C ALA A 36 -13.94 -8.20 -80.78
N ALA A 37 -13.27 -7.76 -79.71
CA ALA A 37 -11.82 -7.74 -79.67
C ALA A 37 -11.33 -9.14 -79.32
N THR A 38 -11.56 -10.08 -80.23
CA THR A 38 -11.22 -11.50 -80.04
C THR A 38 -11.68 -12.07 -78.70
N GLY A 39 -11.47 -13.38 -78.52
CA GLY A 39 -11.86 -14.05 -77.29
C GLY A 39 -10.88 -15.15 -76.94
N GLY A 40 -9.87 -15.32 -77.78
CA GLY A 40 -8.83 -16.29 -77.55
C GLY A 40 -7.68 -15.69 -76.78
N ILE A 41 -7.20 -14.54 -77.24
CA ILE A 41 -6.17 -13.80 -76.54
C ILE A 41 -6.81 -12.83 -75.56
N ALA A 42 -8.10 -13.04 -75.30
CA ALA A 42 -8.83 -12.26 -74.32
C ALA A 42 -8.60 -12.82 -72.93
N ILE A 43 -8.52 -14.16 -72.85
CA ILE A 43 -8.21 -14.83 -71.60
C ILE A 43 -6.78 -14.49 -71.21
N TYR A 44 -5.98 -14.15 -72.21
CA TYR A 44 -4.61 -13.69 -72.00
C TYR A 44 -4.65 -12.24 -71.53
N GLY A 45 -5.81 -11.84 -71.03
CA GLY A 45 -6.00 -10.48 -70.54
C GLY A 45 -6.76 -10.48 -69.23
N TRP A 46 -7.50 -11.56 -68.96
CA TRP A 46 -8.22 -11.70 -67.70
C TRP A 46 -7.26 -11.73 -66.52
N LEU A 47 -6.02 -12.12 -66.78
CA LEU A 47 -5.00 -12.15 -65.74
C LEU A 47 -4.74 -10.75 -65.21
N VAL A 48 -4.27 -9.87 -66.09
CA VAL A 48 -4.01 -8.48 -65.72
C VAL A 48 -5.19 -7.89 -64.96
N THR A 49 -6.40 -8.24 -65.40
CA THR A 49 -7.61 -7.74 -64.76
C THR A 49 -7.80 -8.34 -63.37
N ILE A 50 -7.89 -9.66 -63.30
CA ILE A 50 -8.11 -10.35 -62.03
C ILE A 50 -7.02 -10.05 -61.00
N ILE A 51 -5.78 -9.95 -61.47
CA ILE A 51 -4.68 -9.60 -60.57
C ILE A 51 -4.87 -8.22 -59.96
N GLY A 52 -5.06 -7.22 -60.83
CA GLY A 52 -5.28 -5.86 -60.37
C GLY A 52 -6.54 -5.74 -59.55
N ALA A 53 -7.60 -6.41 -59.99
CA ALA A 53 -8.89 -6.36 -59.29
C ALA A 53 -8.84 -7.08 -57.95
N LEU A 54 -8.07 -8.16 -57.90
CA LEU A 54 -7.91 -8.90 -56.65
C LEU A 54 -7.14 -8.04 -55.66
N ALA A 55 -6.17 -7.28 -56.17
CA ALA A 55 -5.40 -6.37 -55.32
C ALA A 55 -6.32 -5.36 -54.63
N LEU A 56 -7.36 -4.93 -55.35
CA LEU A 56 -8.32 -3.99 -54.80
C LEU A 56 -9.17 -4.65 -53.73
N SER A 57 -9.62 -5.88 -54.00
CA SER A 57 -10.40 -6.63 -53.04
C SER A 57 -9.62 -6.85 -51.75
N MET A 58 -8.30 -6.92 -51.88
CA MET A 58 -7.42 -7.06 -50.72
C MET A 58 -7.47 -5.78 -49.89
N VAL A 59 -7.16 -4.66 -50.53
CA VAL A 59 -7.15 -3.35 -49.86
C VAL A 59 -8.43 -3.13 -49.05
N TYR A 60 -9.57 -3.25 -49.71
CA TYR A 60 -10.85 -3.05 -49.03
C TYR A 60 -11.07 -4.07 -47.91
N ALA A 61 -10.64 -5.30 -48.14
CA ALA A 61 -10.78 -6.35 -47.13
C ALA A 61 -9.96 -6.01 -45.89
N LYS A 62 -8.75 -5.49 -46.11
CA LYS A 62 -7.87 -5.12 -45.02
C LYS A 62 -8.34 -3.84 -44.32
N MET A 63 -8.66 -2.83 -45.12
CA MET A 63 -9.07 -1.54 -44.58
C MET A 63 -10.32 -1.66 -43.73
N SER A 64 -11.17 -2.63 -44.07
CA SER A 64 -12.42 -2.84 -43.34
C SER A 64 -12.21 -3.66 -42.07
N SER A 65 -11.11 -4.43 -42.04
CA SER A 65 -10.79 -5.23 -40.86
C SER A 65 -10.20 -4.34 -39.77
N LEU A 66 -9.60 -3.22 -40.18
CA LEU A 66 -9.02 -2.28 -39.23
C LEU A 66 -10.07 -1.28 -38.75
N ASP A 67 -11.15 -1.13 -39.53
CA ASP A 67 -12.20 -0.18 -39.19
C ASP A 67 -13.51 -0.48 -39.91
N PRO A 68 -14.39 -1.24 -39.26
CA PRO A 68 -15.76 -1.48 -39.76
C PRO A 68 -16.58 -0.21 -39.61
N SER A 69 -16.74 0.54 -40.69
CA SER A 69 -17.33 1.87 -40.61
C SER A 69 -18.78 1.92 -41.06
N PRO A 70 -19.46 3.04 -40.75
CA PRO A 70 -20.89 3.28 -41.03
C PRO A 70 -21.42 2.77 -42.38
N GLY A 71 -20.76 3.03 -43.50
CA GLY A 71 -19.51 3.79 -43.57
C GLY A 71 -18.94 3.70 -44.98
N GLY A 72 -17.74 4.22 -45.16
CA GLY A 72 -17.08 4.16 -46.46
C GLY A 72 -16.05 3.05 -46.48
N SER A 73 -15.05 3.14 -47.35
CA SER A 73 -14.86 4.22 -48.32
C SER A 73 -14.89 5.62 -47.73
N TYR A 74 -15.98 6.35 -47.98
CA TYR A 74 -16.20 7.67 -47.42
C TYR A 74 -15.53 7.83 -46.04
N ALA A 75 -15.80 6.88 -45.16
CA ALA A 75 -15.25 6.90 -43.81
C ALA A 75 -13.73 6.91 -43.84
N TYR A 76 -13.16 5.90 -44.50
CA TYR A 76 -11.72 5.79 -44.62
C TYR A 76 -11.14 7.07 -45.21
N ALA A 77 -11.82 7.59 -46.24
CA ALA A 77 -11.39 8.81 -46.89
C ALA A 77 -11.40 9.97 -45.91
N ARG A 78 -12.43 10.02 -45.07
CA ARG A 78 -12.54 11.07 -44.07
C ARG A 78 -11.31 11.10 -43.18
N ARG A 79 -11.08 9.99 -42.47
CA ARG A 79 -9.93 9.86 -41.60
C ARG A 79 -8.65 10.24 -42.35
N CYS A 80 -8.44 9.58 -43.48
CA CYS A 80 -7.21 9.74 -44.24
C CYS A 80 -6.89 11.20 -44.57
N PHE A 81 -7.82 11.86 -45.27
CA PHE A 81 -7.53 13.19 -45.83
C PHE A 81 -8.26 14.34 -45.15
N GLY A 82 -9.29 14.02 -44.37
CA GLY A 82 -10.04 15.04 -43.66
C GLY A 82 -11.51 15.04 -44.01
N PRO A 83 -12.19 16.18 -43.79
CA PRO A 83 -13.64 16.31 -44.02
C PRO A 83 -13.96 16.60 -45.47
N PHE A 84 -13.20 17.49 -46.10
CA PHE A 84 -13.45 17.88 -47.48
C PHE A 84 -13.52 16.67 -48.41
N LEU A 85 -12.45 15.89 -48.46
CA LEU A 85 -12.38 14.74 -49.36
C LEU A 85 -13.33 13.63 -48.96
N GLY A 86 -13.73 13.63 -47.69
CA GLY A 86 -14.75 12.71 -47.24
C GLY A 86 -16.07 13.10 -47.86
N TYR A 87 -16.47 14.34 -47.61
CA TYR A 87 -17.70 14.90 -48.18
C TYR A 87 -17.73 14.67 -49.68
N GLN A 88 -16.61 14.93 -50.33
CA GLN A 88 -16.49 14.76 -51.78
C GLN A 88 -16.64 13.29 -52.18
N THR A 89 -15.93 12.42 -51.48
CA THR A 89 -16.00 10.99 -51.75
C THR A 89 -17.44 10.49 -51.65
N ASN A 90 -18.19 11.06 -50.71
CA ASN A 90 -19.59 10.69 -50.53
C ASN A 90 -20.44 11.02 -51.74
N VAL A 91 -20.43 12.29 -52.14
CA VAL A 91 -21.27 12.75 -53.25
C VAL A 91 -21.03 11.91 -54.49
N LEU A 92 -19.78 11.84 -54.93
CA LEU A 92 -19.43 11.09 -56.12
C LEU A 92 -19.97 9.67 -56.09
N TYR A 93 -19.75 8.98 -54.96
CA TYR A 93 -20.17 7.60 -54.83
C TYR A 93 -21.69 7.48 -54.67
N TRP A 94 -22.28 8.43 -53.94
CA TRP A 94 -23.73 8.43 -53.76
C TRP A 94 -24.42 8.56 -55.10
N LEU A 95 -23.93 9.46 -55.95
CA LEU A 95 -24.49 9.66 -57.28
C LEU A 95 -24.31 8.40 -58.13
N ALA A 96 -23.09 7.87 -58.14
CA ALA A 96 -22.79 6.69 -58.95
C ALA A 96 -23.68 5.50 -58.58
N CYS A 97 -24.28 5.56 -57.40
CA CYS A 97 -25.15 4.47 -56.93
C CYS A 97 -26.51 4.48 -57.61
N TRP A 98 -27.20 5.62 -57.58
CA TRP A 98 -28.55 5.70 -58.13
C TRP A 98 -28.59 6.15 -59.59
N ILE A 99 -27.62 6.95 -59.99
CA ILE A 99 -27.50 7.32 -61.41
C ILE A 99 -27.12 6.09 -62.23
N GLY A 100 -26.43 5.15 -61.58
CA GLY A 100 -26.07 3.91 -62.23
C GLY A 100 -27.22 2.92 -62.22
N ASN A 101 -28.26 3.26 -61.46
CA ASN A 101 -29.42 2.39 -61.34
C ASN A 101 -30.39 2.51 -62.51
N ILE A 102 -30.50 3.70 -63.08
CA ILE A 102 -31.44 3.94 -64.17
C ILE A 102 -31.12 3.10 -65.41
N ALA A 103 -29.85 2.79 -65.60
CA ALA A 103 -29.43 1.97 -66.73
C ALA A 103 -29.63 0.49 -66.43
N MET A 104 -29.86 0.18 -65.15
CA MET A 104 -30.03 -1.21 -64.73
C MET A 104 -31.49 -1.66 -64.84
N VAL A 105 -32.42 -0.70 -64.74
CA VAL A 105 -33.84 -1.00 -64.90
C VAL A 105 -34.17 -1.18 -66.38
N VAL A 106 -33.64 -0.30 -67.21
CA VAL A 106 -33.84 -0.38 -68.65
C VAL A 106 -33.41 -1.75 -69.16
N ILE A 107 -32.17 -2.13 -68.86
CA ILE A 107 -31.64 -3.43 -69.26
C ILE A 107 -32.31 -4.56 -68.49
N GLY A 108 -32.66 -4.29 -67.24
CA GLY A 108 -33.34 -5.28 -66.42
C GLY A 108 -34.67 -5.69 -67.02
N VAL A 109 -35.57 -4.72 -67.15
CA VAL A 109 -36.87 -4.97 -67.76
C VAL A 109 -36.70 -5.40 -69.21
N GLY A 110 -35.65 -4.88 -69.86
CA GLY A 110 -35.35 -5.23 -71.24
C GLY A 110 -34.88 -6.66 -71.39
N TYR A 111 -35.10 -7.46 -70.36
CA TYR A 111 -34.79 -8.88 -70.40
C TYR A 111 -36.06 -9.70 -70.19
N LEU A 112 -37.07 -9.06 -69.62
CA LEU A 112 -38.37 -9.69 -69.42
C LEU A 112 -39.28 -9.45 -70.62
N SER A 113 -39.43 -8.19 -71.00
CA SER A 113 -40.27 -7.81 -72.12
C SER A 113 -39.54 -7.93 -73.44
N TYR A 114 -38.36 -8.55 -73.41
CA TYR A 114 -37.59 -8.78 -74.61
C TYR A 114 -37.80 -10.22 -75.09
N PHE A 115 -38.19 -11.09 -74.17
CA PHE A 115 -38.46 -12.48 -74.51
C PHE A 115 -39.86 -12.90 -74.05
N PHE A 116 -40.87 -12.49 -74.80
CA PHE A 116 -42.24 -12.94 -74.59
C PHE A 116 -43.16 -12.51 -75.75
N PRO A 117 -43.16 -11.21 -76.09
CA PRO A 117 -42.52 -10.09 -75.42
C PRO A 117 -43.57 -9.16 -74.82
N ILE A 118 -43.85 -9.32 -73.53
CA ILE A 118 -44.90 -8.55 -72.85
C ILE A 118 -45.23 -7.23 -73.55
N LEU A 119 -44.41 -6.21 -73.33
CA LEU A 119 -44.60 -4.91 -73.98
C LEU A 119 -43.24 -4.25 -74.23
N LYS A 120 -43.18 -3.34 -75.22
CA LYS A 120 -41.90 -2.82 -75.67
C LYS A 120 -41.84 -1.30 -75.79
N ASP A 121 -42.96 -0.69 -76.19
CA ASP A 121 -42.99 0.72 -76.56
C ASP A 121 -42.53 1.68 -75.46
N PRO A 122 -42.07 2.88 -75.86
CA PRO A 122 -41.50 3.93 -75.00
C PRO A 122 -42.23 4.13 -73.68
N LEU A 123 -43.37 4.81 -73.72
CA LEU A 123 -44.11 5.17 -72.51
C LEU A 123 -44.68 3.95 -71.78
N VAL A 124 -44.40 2.77 -72.31
CA VAL A 124 -44.85 1.53 -71.69
C VAL A 124 -43.76 0.93 -70.81
N LEU A 125 -42.54 0.92 -71.33
CA LEU A 125 -41.39 0.37 -70.61
C LEU A 125 -40.94 1.33 -69.53
N THR A 126 -41.12 2.63 -69.77
CA THR A 126 -40.70 3.66 -68.83
C THR A 126 -41.52 3.63 -67.55
N LEU A 127 -42.74 3.12 -67.64
CA LEU A 127 -43.63 3.06 -66.49
C LEU A 127 -43.35 1.83 -65.61
N THR A 128 -43.07 0.70 -66.25
CA THR A 128 -42.76 -0.53 -65.53
C THR A 128 -41.39 -0.49 -64.88
N CYS A 129 -40.52 0.40 -65.38
CA CYS A 129 -39.23 0.62 -64.75
C CYS A 129 -39.39 1.46 -63.49
N VAL A 130 -40.06 2.60 -63.63
CA VAL A 130 -40.39 3.44 -62.49
C VAL A 130 -41.12 2.61 -61.44
N ALA A 131 -41.99 1.72 -61.91
CA ALA A 131 -42.76 0.85 -61.04
C ALA A 131 -41.87 -0.09 -60.25
N VAL A 132 -40.96 -0.77 -60.94
CA VAL A 132 -40.07 -1.73 -60.30
C VAL A 132 -39.00 -1.03 -59.47
N LEU A 133 -38.71 0.22 -59.78
CA LEU A 133 -37.77 1.02 -59.00
C LEU A 133 -38.27 1.15 -57.57
N TRP A 134 -39.45 1.76 -57.42
CA TRP A 134 -40.05 1.93 -56.11
C TRP A 134 -40.34 0.58 -55.46
N ILE A 135 -40.46 -0.46 -56.28
CA ILE A 135 -40.65 -1.80 -55.77
C ILE A 135 -39.44 -2.22 -54.93
N PHE A 136 -38.28 -1.69 -55.27
CA PHE A 136 -37.06 -1.98 -54.52
C PHE A 136 -36.72 -0.87 -53.54
N VAL A 137 -37.20 0.34 -53.81
CA VAL A 137 -37.03 1.45 -52.88
C VAL A 137 -37.83 1.20 -51.60
N LEU A 138 -38.93 0.46 -51.74
CA LEU A 138 -39.78 0.12 -50.60
C LEU A 138 -39.18 -1.03 -49.79
N LEU A 139 -38.61 -2.01 -50.50
CA LEU A 139 -38.01 -3.17 -49.84
C LEU A 139 -36.80 -2.77 -49.01
N ASN A 140 -36.18 -1.65 -49.37
CA ASN A 140 -35.01 -1.16 -48.65
C ASN A 140 -35.39 -0.34 -47.43
N ILE A 141 -36.43 0.47 -47.57
CA ILE A 141 -36.89 1.33 -46.48
C ILE A 141 -37.60 0.54 -45.40
N VAL A 142 -37.70 -0.78 -45.58
CA VAL A 142 -38.32 -1.62 -44.56
C VAL A 142 -37.87 -3.08 -44.66
N GLY A 143 -36.58 -3.31 -44.50
CA GLY A 143 -36.05 -4.66 -44.50
C GLY A 143 -34.67 -4.80 -45.09
N PRO A 144 -33.65 -4.32 -44.36
CA PRO A 144 -32.26 -4.54 -44.79
C PRO A 144 -31.97 -6.04 -44.91
N LYS A 145 -32.60 -6.83 -44.05
CA LYS A 145 -32.42 -8.28 -44.08
C LYS A 145 -33.25 -8.83 -45.22
N MET A 146 -34.42 -8.23 -45.38
CA MET A 146 -35.39 -8.65 -46.38
C MET A 146 -34.87 -8.42 -47.81
N ILE A 147 -34.22 -7.29 -48.01
CA ILE A 147 -33.67 -6.95 -49.32
C ILE A 147 -32.45 -7.81 -49.63
N THR A 148 -31.67 -8.13 -48.61
CA THR A 148 -30.52 -9.00 -48.77
C THR A 148 -30.97 -10.43 -49.06
N ARG A 149 -32.16 -10.78 -48.58
CA ARG A 149 -32.77 -12.06 -48.91
C ARG A 149 -33.09 -12.08 -50.39
N VAL A 150 -33.79 -11.03 -50.85
CA VAL A 150 -34.19 -10.91 -52.24
C VAL A 150 -33.00 -11.06 -53.19
N GLN A 151 -31.96 -10.26 -52.97
CA GLN A 151 -30.78 -10.32 -53.83
C GLN A 151 -30.11 -11.68 -53.74
N ALA A 152 -29.98 -12.21 -52.53
CA ALA A 152 -29.39 -13.53 -52.33
C ALA A 152 -30.14 -14.57 -53.17
N VAL A 153 -31.44 -14.38 -53.31
CA VAL A 153 -32.27 -15.28 -54.10
C VAL A 153 -32.05 -15.05 -55.60
N ALA A 154 -32.10 -13.79 -56.01
CA ALA A 154 -32.00 -13.43 -57.42
C ALA A 154 -30.61 -13.68 -58.01
N THR A 155 -29.58 -13.53 -57.18
CA THR A 155 -28.20 -13.73 -57.63
C THR A 155 -27.86 -15.20 -57.80
N VAL A 156 -28.48 -16.06 -56.98
CA VAL A 156 -28.31 -17.50 -57.12
C VAL A 156 -29.02 -17.99 -58.37
N LEU A 157 -30.23 -17.47 -58.61
CA LEU A 157 -30.97 -17.77 -59.82
C LEU A 157 -30.18 -17.34 -61.05
N ALA A 158 -29.67 -16.12 -61.01
CA ALA A 158 -28.91 -15.55 -62.12
C ALA A 158 -27.61 -16.31 -62.36
N LEU A 159 -27.18 -17.07 -61.34
CA LEU A 159 -25.93 -17.81 -61.44
C LEU A 159 -26.16 -19.20 -62.03
N VAL A 160 -27.41 -19.66 -61.96
CA VAL A 160 -27.77 -20.98 -62.49
C VAL A 160 -27.20 -21.23 -63.88
N PRO A 161 -27.41 -20.28 -64.82
CA PRO A 161 -26.83 -20.44 -66.16
C PRO A 161 -25.31 -20.45 -66.14
N ILE A 162 -24.71 -19.39 -65.61
CA ILE A 162 -23.26 -19.24 -65.61
C ILE A 162 -22.56 -20.39 -64.89
N VAL A 163 -23.10 -20.79 -63.75
CA VAL A 163 -22.54 -21.92 -63.00
C VAL A 163 -22.84 -23.23 -63.73
N GLY A 164 -23.94 -23.23 -64.49
CA GLY A 164 -24.32 -24.40 -65.26
C GLY A 164 -23.51 -24.51 -66.53
N ILE A 165 -22.88 -23.41 -66.93
CA ILE A 165 -22.03 -23.40 -68.12
C ILE A 165 -20.62 -23.85 -67.78
N ALA A 166 -20.45 -25.16 -67.61
CA ALA A 166 -19.15 -25.79 -67.38
C ALA A 166 -19.29 -27.17 -66.72
N VAL A 167 -19.77 -28.19 -67.44
CA VAL A 167 -20.24 -28.12 -68.84
C VAL A 167 -19.30 -27.43 -69.84
N PHE A 168 -18.29 -28.16 -70.31
CA PHE A 168 -17.30 -27.60 -71.22
C PHE A 168 -17.36 -28.22 -72.61
N GLY A 169 -17.66 -29.52 -72.68
CA GLY A 169 -17.65 -30.24 -73.93
C GLY A 169 -18.46 -29.59 -75.05
N TRP A 170 -17.79 -29.27 -76.15
CA TRP A 170 -16.35 -29.50 -76.30
C TRP A 170 -15.70 -28.39 -77.11
N PHE A 171 -14.82 -27.63 -76.47
CA PHE A 171 -14.20 -26.46 -77.10
C PHE A 171 -13.56 -26.76 -78.45
N TRP A 172 -13.59 -25.78 -79.35
CA TRP A 172 -12.99 -25.92 -80.67
C TRP A 172 -12.16 -24.68 -81.01
N PHE A 173 -10.88 -24.90 -81.32
CA PHE A 173 -9.94 -23.83 -81.61
C PHE A 173 -10.60 -22.61 -82.25
N LYS A 174 -10.80 -21.57 -81.44
CA LYS A 174 -11.45 -20.35 -81.92
C LYS A 174 -10.44 -19.39 -82.56
N GLY A 175 -10.88 -18.16 -82.81
CA GLY A 175 -10.01 -17.15 -83.38
C GLY A 175 -8.90 -16.78 -82.42
N GLU A 176 -7.75 -17.43 -82.58
CA GLU A 176 -6.60 -17.18 -81.73
C GLU A 176 -5.30 -17.40 -82.50
N TRP A 182 -7.10 -14.27 -81.13
CA TRP A 182 -6.38 -13.08 -81.55
C TRP A 182 -7.01 -12.46 -82.80
N ASN A 183 -8.28 -12.79 -83.02
CA ASN A 183 -9.02 -12.27 -84.18
C ASN A 183 -9.41 -10.81 -84.02
N VAL A 184 -8.74 -10.12 -83.09
CA VAL A 184 -9.02 -8.71 -82.85
C VAL A 184 -8.38 -7.85 -83.93
N SER A 185 -8.70 -6.55 -83.91
CA SER A 185 -8.15 -5.62 -84.89
C SER A 185 -6.62 -5.69 -84.88
N GLY A 186 -6.03 -5.79 -86.07
CA GLY A 186 -4.60 -5.88 -86.23
C GLY A 186 -3.84 -4.94 -85.30
N MET A 187 -3.17 -5.50 -84.32
CA MET A 187 -2.38 -4.72 -83.37
C MET A 187 -1.53 -5.64 -82.50
N ASN A 188 -0.34 -5.18 -82.15
CA ASN A 188 0.57 -5.96 -81.30
C ASN A 188 -0.17 -6.55 -80.10
N THR A 189 0.28 -7.72 -79.64
CA THR A 189 -0.36 -8.41 -78.53
C THR A 189 -0.59 -7.48 -77.34
N PHE A 190 0.28 -6.49 -77.18
CA PHE A 190 0.16 -5.51 -76.10
C PHE A 190 -1.01 -4.56 -76.36
N GLY A 191 -1.07 -4.02 -77.57
CA GLY A 191 -2.13 -3.11 -77.95
C GLY A 191 -3.46 -3.83 -78.15
N ALA A 192 -3.41 -5.15 -78.16
CA ALA A 192 -4.61 -5.97 -78.32
C ALA A 192 -5.26 -6.25 -76.97
N ILE A 193 -4.42 -6.46 -75.96
CA ILE A 193 -4.90 -6.70 -74.60
C ILE A 193 -5.40 -5.39 -73.98
N GLN A 194 -4.83 -4.28 -74.42
CA GLN A 194 -5.24 -2.96 -73.92
C GLN A 194 -6.69 -2.67 -74.27
N SER A 195 -7.11 -3.12 -75.45
CA SER A 195 -8.47 -2.90 -75.92
C SER A 195 -9.44 -3.89 -75.29
N THR A 196 -8.90 -4.90 -74.61
CA THR A 196 -9.71 -5.90 -73.91
C THR A 196 -10.00 -5.41 -72.50
N LEU A 197 -9.09 -4.64 -71.95
CA LEU A 197 -9.23 -4.10 -70.61
C LEU A 197 -10.36 -3.09 -70.52
N ASN A 198 -10.64 -2.41 -71.63
CA ASN A 198 -11.73 -1.44 -71.69
C ASN A 198 -13.06 -2.10 -71.35
N VAL A 199 -13.04 -3.43 -71.25
CA VAL A 199 -14.23 -4.20 -70.93
C VAL A 199 -14.09 -4.86 -69.56
N THR A 200 -12.91 -5.41 -69.31
CA THR A 200 -12.68 -6.22 -68.11
C THR A 200 -12.39 -5.40 -66.85
N LEU A 201 -11.67 -4.29 -67.01
CA LEU A 201 -11.36 -3.44 -65.87
C LEU A 201 -12.62 -2.93 -65.18
N TRP A 202 -13.64 -2.64 -65.99
CA TRP A 202 -14.87 -2.05 -65.49
C TRP A 202 -15.89 -3.11 -65.06
N SER A 203 -15.58 -4.37 -65.31
CA SER A 203 -16.48 -5.45 -64.97
C SER A 203 -16.35 -5.86 -63.50
N PHE A 204 -15.44 -5.20 -62.79
CA PHE A 204 -15.25 -5.47 -61.36
C PHE A 204 -15.54 -4.25 -60.50
N ILE A 205 -16.52 -3.45 -60.92
CA ILE A 205 -16.98 -2.32 -60.11
C ILE A 205 -18.03 -2.80 -59.11
N GLY A 206 -17.76 -3.94 -58.48
CA GLY A 206 -18.71 -4.52 -57.56
C GLY A 206 -18.19 -4.61 -56.14
N VAL A 207 -16.89 -4.45 -55.96
CA VAL A 207 -16.29 -4.48 -54.63
C VAL A 207 -16.87 -3.39 -53.75
N GLU A 208 -16.20 -3.13 -52.63
CA GLU A 208 -16.64 -2.13 -51.65
C GLU A 208 -18.14 -2.18 -51.32
N SER A 209 -18.81 -3.25 -51.73
CA SER A 209 -20.22 -3.42 -51.44
C SER A 209 -20.41 -3.73 -49.96
N ALA A 210 -19.49 -4.49 -49.41
CA ALA A 210 -19.54 -4.87 -47.99
C ALA A 210 -19.05 -3.72 -47.11
N SER A 211 -18.02 -3.02 -47.58
CA SER A 211 -17.43 -1.92 -46.82
C SER A 211 -18.49 -0.88 -46.45
N VAL A 212 -19.20 -0.38 -47.45
CA VAL A 212 -20.27 0.59 -47.20
C VAL A 212 -21.47 -0.08 -46.55
N ALA A 213 -21.59 -1.39 -46.73
CA ALA A 213 -22.68 -2.15 -46.15
C ALA A 213 -22.49 -2.33 -44.65
N ALA A 214 -21.25 -2.13 -44.19
CA ALA A 214 -20.95 -2.19 -42.76
C ALA A 214 -21.88 -1.22 -42.02
N GLY A 215 -21.86 -1.27 -40.69
CA GLY A 215 -22.86 -0.58 -39.91
C GLY A 215 -24.07 -1.49 -39.87
N VAL A 216 -24.57 -1.83 -41.04
CA VAL A 216 -25.43 -2.99 -41.19
C VAL A 216 -24.48 -4.17 -41.31
N VAL A 217 -24.87 -5.22 -42.04
CA VAL A 217 -24.02 -6.39 -42.21
C VAL A 217 -23.86 -7.17 -40.90
N LYS A 218 -23.70 -6.44 -39.80
CA LYS A 218 -23.48 -7.02 -38.49
C LYS A 218 -22.28 -7.95 -38.47
N ASN A 219 -21.85 -8.32 -37.27
CA ASN A 219 -20.67 -9.17 -37.09
C ASN A 219 -19.52 -8.74 -38.01
N PRO A 220 -19.28 -7.43 -38.13
CA PRO A 220 -18.30 -6.94 -39.10
C PRO A 220 -16.87 -7.17 -38.66
N LYS A 221 -15.93 -6.46 -39.27
CA LYS A 221 -14.51 -6.59 -38.95
C LYS A 221 -13.98 -7.94 -39.41
N ARG A 222 -14.89 -8.88 -39.67
CA ARG A 222 -14.53 -10.20 -40.17
C ARG A 222 -15.38 -10.56 -41.38
N ASN A 223 -16.70 -10.53 -41.21
CA ASN A 223 -17.62 -10.85 -42.28
C ASN A 223 -17.42 -9.99 -43.53
N VAL A 224 -17.19 -8.69 -43.32
CA VAL A 224 -16.98 -7.78 -44.43
C VAL A 224 -15.73 -8.13 -45.26
N PRO A 225 -14.57 -8.22 -44.59
CA PRO A 225 -13.34 -8.58 -45.32
C PRO A 225 -13.46 -9.93 -46.00
N ILE A 226 -14.26 -10.83 -45.43
CA ILE A 226 -14.48 -12.15 -46.03
C ILE A 226 -15.34 -12.07 -47.28
N ALA A 227 -16.43 -11.33 -47.18
CA ALA A 227 -17.32 -11.14 -48.32
C ALA A 227 -16.63 -10.36 -49.44
N THR A 228 -15.74 -9.45 -49.04
CA THR A 228 -15.01 -8.62 -49.99
C THR A 228 -14.11 -9.46 -50.91
N ILE A 229 -13.45 -10.46 -50.33
CA ILE A 229 -12.60 -11.35 -51.11
C ILE A 229 -13.41 -12.50 -51.71
N GLY A 230 -14.42 -12.95 -50.96
CA GLY A 230 -15.27 -14.03 -51.41
C GLY A 230 -16.02 -13.68 -52.69
N GLY A 231 -16.82 -12.62 -52.63
CA GLY A 231 -17.59 -12.18 -53.78
C GLY A 231 -16.75 -12.00 -55.03
N VAL A 232 -15.58 -11.39 -54.86
CA VAL A 232 -14.68 -11.16 -55.98
C VAL A 232 -14.18 -12.48 -56.57
N LEU A 233 -13.66 -13.34 -55.70
CA LEU A 233 -13.12 -14.62 -56.14
C LEU A 233 -14.22 -15.49 -56.73
N ILE A 234 -15.47 -15.19 -56.38
CA ILE A 234 -16.61 -15.90 -56.95
C ILE A 234 -16.91 -15.39 -58.36
N ALA A 235 -17.00 -14.06 -58.51
CA ALA A 235 -17.30 -13.45 -59.79
C ALA A 235 -16.08 -13.49 -60.72
N ALA A 236 -14.91 -13.75 -60.15
CA ALA A 236 -13.69 -13.88 -60.95
C ALA A 236 -13.67 -15.24 -61.64
N VAL A 237 -14.13 -16.26 -60.91
CA VAL A 237 -14.28 -17.60 -61.47
C VAL A 237 -15.37 -17.61 -62.53
N CYS A 238 -16.54 -17.07 -62.17
CA CYS A 238 -17.67 -17.01 -63.09
C CYS A 238 -17.26 -16.43 -64.43
N TYR A 239 -16.56 -15.29 -64.40
CA TYR A 239 -16.14 -14.63 -65.63
C TYR A 239 -15.24 -15.51 -66.50
N VAL A 240 -14.10 -15.89 -65.94
CA VAL A 240 -13.11 -16.64 -66.71
C VAL A 240 -13.54 -18.10 -66.94
N LEU A 241 -14.58 -18.54 -66.24
CA LEU A 241 -15.15 -19.85 -66.49
C LEU A 241 -16.50 -19.74 -67.18
N SER A 242 -16.69 -18.64 -67.90
CA SER A 242 -17.89 -18.41 -68.68
C SER A 242 -17.50 -17.83 -70.04
N THR A 243 -16.61 -16.84 -70.02
CA THR A 243 -16.11 -16.24 -71.24
C THR A 243 -15.20 -17.21 -72.00
N THR A 244 -14.74 -18.23 -71.29
CA THR A 244 -13.93 -19.28 -71.90
C THR A 244 -14.83 -20.42 -72.39
N ALA A 245 -15.87 -20.71 -71.61
CA ALA A 245 -16.81 -21.77 -71.94
C ALA A 245 -17.79 -21.32 -73.01
N ILE A 246 -17.43 -20.26 -73.74
CA ILE A 246 -18.27 -19.76 -74.82
C ILE A 246 -17.45 -19.36 -76.04
N MET A 247 -16.30 -18.73 -75.81
CA MET A 247 -15.35 -18.49 -76.88
C MET A 247 -14.70 -19.82 -77.22
N GLY A 248 -15.52 -20.86 -77.23
CA GLY A 248 -15.06 -22.24 -77.33
C GLY A 248 -16.02 -23.06 -76.48
N MET A 249 -17.03 -23.65 -77.12
CA MET A 249 -17.12 -23.63 -78.58
C MET A 249 -18.52 -23.28 -79.06
N ILE A 250 -19.40 -22.94 -78.13
CA ILE A 250 -20.83 -22.83 -78.42
C ILE A 250 -21.16 -21.99 -79.67
N PRO A 251 -20.83 -20.69 -79.64
CA PRO A 251 -21.26 -19.84 -80.76
C PRO A 251 -20.12 -19.27 -81.61
N ASN A 252 -18.96 -19.92 -81.65
CA ASN A 252 -17.88 -19.47 -82.53
C ASN A 252 -18.28 -19.64 -84.00
N ALA A 253 -17.57 -18.98 -84.91
CA ALA A 253 -16.40 -18.16 -84.60
C ALA A 253 -16.75 -16.81 -84.00
N ALA A 254 -15.72 -15.97 -83.85
CA ALA A 254 -15.87 -14.66 -83.21
C ALA A 254 -16.98 -13.82 -83.84
N LEU A 255 -17.03 -13.80 -85.17
CA LEU A 255 -17.98 -12.96 -85.88
C LEU A 255 -19.38 -13.56 -85.96
N ARG A 256 -19.69 -14.47 -85.04
CA ARG A 256 -21.02 -15.01 -84.90
C ARG A 256 -21.71 -14.38 -83.69
N VAL A 257 -20.94 -14.18 -82.63
CA VAL A 257 -21.45 -13.55 -81.42
C VAL A 257 -21.16 -12.06 -81.45
N SER A 258 -20.11 -11.69 -82.18
CA SER A 258 -19.69 -10.30 -82.27
C SER A 258 -20.81 -9.37 -82.72
N ALA A 259 -21.87 -9.94 -83.29
CA ALA A 259 -22.97 -9.15 -83.81
C ALA A 259 -24.21 -9.23 -82.93
N SER A 260 -24.62 -10.44 -82.58
CA SER A 260 -25.85 -10.66 -81.81
C SER A 260 -25.59 -10.89 -80.33
N PRO A 261 -26.40 -10.23 -79.47
CA PRO A 261 -26.33 -10.38 -78.02
C PRO A 261 -26.59 -11.82 -77.59
N PHE A 262 -25.64 -12.40 -76.86
CA PHE A 262 -25.78 -13.78 -76.37
C PHE A 262 -27.04 -13.98 -75.55
N GLY A 263 -27.46 -15.24 -75.42
CA GLY A 263 -28.66 -15.58 -74.67
C GLY A 263 -29.22 -16.91 -75.09
N ASP A 264 -29.88 -16.92 -76.25
CA ASP A 264 -30.43 -18.15 -76.81
C ASP A 264 -29.36 -18.95 -77.54
N ALA A 265 -28.19 -18.34 -77.72
CA ALA A 265 -27.10 -18.98 -78.45
C ALA A 265 -26.43 -20.09 -77.64
N ALA A 266 -26.85 -20.24 -76.39
CA ALA A 266 -26.28 -21.28 -75.52
C ALA A 266 -27.18 -22.50 -75.44
N ARG A 267 -28.14 -22.59 -76.36
CA ARG A 267 -29.10 -23.67 -76.35
C ARG A 267 -29.08 -24.48 -77.65
N MET A 268 -28.05 -24.27 -78.46
CA MET A 268 -27.92 -24.97 -79.73
C MET A 268 -26.76 -25.95 -79.76
N ALA A 269 -25.58 -25.49 -79.34
CA ALA A 269 -24.36 -26.29 -79.44
C ALA A 269 -24.08 -27.11 -78.18
N LEU A 270 -25.12 -27.76 -77.67
CA LEU A 270 -25.01 -28.70 -76.56
C LEU A 270 -26.40 -28.97 -76.00
N GLY A 271 -27.39 -28.30 -76.57
CA GLY A 271 -28.78 -28.70 -76.46
C GLY A 271 -29.53 -28.28 -75.21
N ASP A 272 -30.45 -27.33 -75.38
CA ASP A 272 -31.33 -26.90 -74.31
C ASP A 272 -32.74 -26.71 -74.86
N THR A 273 -32.84 -26.63 -76.18
CA THR A 273 -34.09 -26.27 -76.85
C THR A 273 -34.43 -24.82 -76.50
N ALA A 274 -35.66 -24.58 -76.09
CA ALA A 274 -36.17 -23.24 -75.73
C ALA A 274 -37.48 -22.98 -76.44
N GLY A 275 -38.37 -22.15 -75.87
CA GLY A 275 -38.38 -21.71 -74.48
C GLY A 275 -37.11 -21.51 -73.69
N ALA A 276 -36.50 -20.34 -73.82
CA ALA A 276 -35.25 -20.04 -73.12
C ALA A 276 -35.52 -19.54 -71.70
N ILE A 277 -35.22 -20.38 -70.71
CA ILE A 277 -35.40 -20.02 -69.32
C ILE A 277 -34.21 -19.21 -68.82
N VAL A 278 -33.27 -18.92 -69.73
CA VAL A 278 -32.08 -18.15 -69.40
C VAL A 278 -32.42 -16.70 -69.11
N SER A 279 -33.07 -16.04 -70.05
CA SER A 279 -33.42 -14.62 -69.91
C SER A 279 -34.46 -14.39 -68.81
N PHE A 280 -35.02 -15.48 -68.30
CA PHE A 280 -36.03 -15.39 -67.25
C PHE A 280 -35.40 -15.17 -65.87
N CYS A 281 -34.16 -15.60 -65.71
CA CYS A 281 -33.44 -15.43 -64.45
C CYS A 281 -32.36 -14.36 -64.58
N ALA A 282 -31.79 -14.24 -65.79
CA ALA A 282 -30.78 -13.23 -66.06
C ALA A 282 -31.39 -11.84 -66.04
N ALA A 283 -32.71 -11.79 -65.84
CA ALA A 283 -33.42 -10.52 -65.70
C ALA A 283 -33.55 -10.17 -64.22
N ALA A 284 -33.59 -11.21 -63.39
CA ALA A 284 -33.66 -11.02 -61.95
C ALA A 284 -32.27 -10.72 -61.38
N GLY A 285 -31.25 -11.22 -62.06
CA GLY A 285 -29.87 -10.95 -61.69
C GLY A 285 -29.46 -9.55 -62.05
N CYS A 286 -30.43 -8.78 -62.54
CA CYS A 286 -30.21 -7.38 -62.88
C CYS A 286 -31.11 -6.50 -62.04
N LEU A 287 -32.22 -7.08 -61.57
CA LEU A 287 -33.14 -6.37 -60.69
C LEU A 287 -32.80 -6.65 -59.23
N GLY A 288 -32.10 -7.76 -58.99
CA GLY A 288 -31.65 -8.10 -57.66
C GLY A 288 -30.51 -7.20 -57.21
N SER A 289 -29.77 -6.69 -58.19
CA SER A 289 -28.68 -5.77 -57.94
C SER A 289 -29.20 -4.34 -57.87
N LEU A 290 -30.49 -4.17 -58.16
CA LEU A 290 -31.13 -2.86 -58.07
C LEU A 290 -31.20 -2.39 -56.63
N GLY A 291 -31.83 -3.21 -55.79
CA GLY A 291 -32.00 -2.89 -54.39
C GLY A 291 -30.67 -2.73 -53.66
N GLY A 292 -29.73 -3.60 -53.98
CA GLY A 292 -28.42 -3.56 -53.36
C GLY A 292 -27.76 -2.21 -53.48
N TRP A 293 -27.87 -1.59 -54.64
CA TRP A 293 -27.24 -0.29 -54.89
C TRP A 293 -27.97 0.86 -54.21
N THR A 294 -29.30 0.78 -54.18
CA THR A 294 -30.09 1.77 -53.45
C THR A 294 -29.80 1.65 -51.96
N LEU A 295 -29.54 0.41 -51.52
CA LEU A 295 -29.14 0.16 -50.14
C LEU A 295 -27.90 0.97 -49.81
N LEU A 296 -26.87 0.82 -50.64
CA LEU A 296 -25.61 1.52 -50.45
C LEU A 296 -25.80 3.02 -50.56
N ALA A 297 -26.67 3.44 -51.48
CA ALA A 297 -26.95 4.85 -51.68
C ALA A 297 -27.33 5.53 -50.37
N GLY A 298 -28.31 4.95 -49.68
CA GLY A 298 -28.76 5.51 -48.41
C GLY A 298 -27.75 5.32 -47.30
N GLN A 299 -26.92 4.30 -47.42
CA GLN A 299 -25.89 4.01 -46.43
C GLN A 299 -24.80 5.08 -46.40
N THR A 300 -24.15 5.28 -47.56
CA THR A 300 -23.12 6.31 -47.65
C THR A 300 -23.71 7.68 -47.35
N ALA A 301 -24.98 7.85 -47.68
CA ALA A 301 -25.67 9.10 -47.40
C ALA A 301 -25.82 9.30 -45.90
N LYS A 302 -26.22 8.23 -45.20
CA LYS A 302 -26.38 8.29 -43.75
C LYS A 302 -25.04 8.53 -43.09
N ALA A 303 -24.07 7.67 -43.38
CA ALA A 303 -22.73 7.79 -42.82
C ALA A 303 -22.24 9.22 -42.89
N ALA A 304 -22.43 9.85 -44.04
CA ALA A 304 -22.04 11.25 -44.23
C ALA A 304 -22.93 12.16 -43.39
N ALA A 305 -24.24 11.97 -43.51
CA ALA A 305 -25.20 12.78 -42.78
C ALA A 305 -24.91 12.77 -41.28
N ASP A 306 -24.62 11.59 -40.74
CA ASP A 306 -24.32 11.44 -39.32
C ASP A 306 -23.11 12.27 -38.90
N ASP A 307 -22.32 12.70 -39.88
CA ASP A 307 -21.22 13.62 -39.62
C ASP A 307 -21.58 14.99 -40.18
N GLY A 308 -20.71 15.97 -39.95
CA GLY A 308 -21.00 17.33 -40.37
C GLY A 308 -21.10 17.52 -41.87
N LEU A 309 -21.01 16.43 -42.62
CA LEU A 309 -20.95 16.50 -44.08
C LEU A 309 -22.14 15.81 -44.73
N PHE A 310 -22.95 16.59 -45.45
CA PHE A 310 -24.10 16.09 -46.19
C PHE A 310 -25.41 16.24 -45.39
N PRO A 311 -26.45 16.79 -46.03
CA PRO A 311 -27.77 17.09 -45.45
C PRO A 311 -28.25 16.04 -44.45
N PRO A 312 -28.80 16.51 -43.30
CA PRO A 312 -29.20 15.68 -42.16
C PRO A 312 -30.32 14.70 -42.50
N ILE A 313 -31.21 15.10 -43.39
CA ILE A 313 -32.39 14.30 -43.71
C ILE A 313 -32.03 12.84 -44.05
N PHE A 314 -30.84 12.64 -44.58
CA PHE A 314 -30.39 11.32 -44.99
C PHE A 314 -30.01 10.41 -43.82
N ALA A 315 -30.44 10.80 -42.63
CA ALA A 315 -30.24 10.00 -41.42
C ALA A 315 -31.40 10.25 -40.47
N ARG A 316 -32.25 9.25 -40.29
CA ARG A 316 -33.49 9.45 -39.52
C ARG A 316 -33.85 8.29 -38.59
N THR A 322 -33.02 0.30 -37.13
CA THR A 322 -33.86 1.14 -37.99
C THR A 322 -33.07 1.66 -39.19
N PRO A 323 -33.48 1.29 -40.40
CA PRO A 323 -32.82 1.74 -41.64
C PRO A 323 -33.03 3.24 -41.85
N VAL A 324 -32.98 3.68 -43.10
CA VAL A 324 -33.04 5.10 -43.42
C VAL A 324 -34.40 5.50 -44.02
N ALA A 325 -34.92 6.65 -43.58
CA ALA A 325 -36.20 7.15 -44.06
C ALA A 325 -36.03 7.96 -45.35
N GLY A 326 -34.95 8.73 -45.42
CA GLY A 326 -34.65 9.51 -46.60
C GLY A 326 -34.21 8.64 -47.77
N LEU A 327 -34.50 7.35 -47.68
CA LEU A 327 -34.20 6.41 -48.75
C LEU A 327 -35.09 6.71 -49.95
N LEU A 328 -36.08 7.57 -49.73
CA LEU A 328 -37.04 7.90 -50.77
C LEU A 328 -36.55 9.05 -51.65
N ILE A 329 -35.71 9.90 -51.08
CA ILE A 329 -35.14 11.01 -51.84
C ILE A 329 -34.37 10.47 -53.03
N VAL A 330 -33.83 9.26 -52.88
CA VAL A 330 -33.15 8.58 -53.97
C VAL A 330 -34.16 8.10 -55.00
N GLY A 331 -35.29 7.60 -54.52
CA GLY A 331 -36.36 7.13 -55.39
C GLY A 331 -36.98 8.26 -56.20
N VAL A 332 -37.22 9.39 -55.53
CA VAL A 332 -37.78 10.56 -56.18
C VAL A 332 -36.86 11.06 -57.30
N LEU A 333 -35.55 10.98 -57.06
CA LEU A 333 -34.57 11.43 -58.05
C LEU A 333 -34.42 10.42 -59.19
N MET A 334 -34.42 9.13 -58.86
CA MET A 334 -34.29 8.10 -59.88
C MET A 334 -35.43 8.15 -60.88
N THR A 335 -36.59 8.61 -60.42
CA THR A 335 -37.75 8.74 -61.30
C THR A 335 -37.67 10.00 -62.16
N ILE A 336 -37.25 11.11 -61.54
CA ILE A 336 -37.07 12.36 -62.28
C ILE A 336 -36.08 12.17 -63.42
N PHE A 337 -35.01 11.43 -63.15
CA PHE A 337 -33.98 11.18 -64.14
C PHE A 337 -34.28 9.94 -64.98
N GLN A 338 -35.47 9.38 -64.78
CA GLN A 338 -35.95 8.29 -65.61
C GLN A 338 -36.82 8.87 -66.72
N PHE A 339 -37.64 9.85 -66.37
CA PHE A 339 -38.49 10.54 -67.33
C PHE A 339 -37.67 11.43 -68.24
N SER A 340 -36.71 12.15 -67.66
CA SER A 340 -35.85 13.05 -68.43
C SER A 340 -34.76 12.28 -69.17
N SER A 341 -35.15 11.18 -69.82
CA SER A 341 -34.22 10.35 -70.57
C SER A 341 -34.96 9.37 -71.47
N MET A 342 -36.24 9.17 -71.17
CA MET A 342 -37.07 8.21 -71.91
C MET A 342 -38.10 8.91 -72.80
N SER A 343 -38.92 9.75 -72.19
CA SER A 343 -40.00 10.44 -72.90
C SER A 343 -39.49 11.54 -73.84
N PRO A 344 -38.78 12.54 -73.32
CA PRO A 344 -38.22 13.55 -74.21
C PRO A 344 -37.24 12.85 -75.13
N ASN A 345 -37.17 13.24 -76.40
CA ASN A 345 -36.29 12.52 -77.33
C ASN A 345 -34.79 12.57 -76.98
N ALA A 346 -34.29 13.74 -76.60
CA ALA A 346 -32.88 13.83 -76.23
C ALA A 346 -32.73 14.53 -74.89
N ALA A 347 -32.07 13.90 -73.92
CA ALA A 347 -31.52 12.55 -74.06
C ALA A 347 -30.04 12.57 -74.41
N LYS A 348 -29.56 13.71 -74.90
CA LYS A 348 -28.14 13.89 -75.18
C LYS A 348 -27.41 13.92 -73.84
N GLU A 349 -28.06 14.55 -72.88
CA GLU A 349 -27.56 14.79 -71.53
C GLU A 349 -27.84 13.64 -70.59
N PHE A 350 -29.06 13.13 -70.66
CA PHE A 350 -29.47 12.00 -69.84
C PHE A 350 -28.62 10.82 -70.26
N GLY A 351 -28.42 10.74 -71.57
CA GLY A 351 -27.67 9.65 -72.16
C GLY A 351 -26.21 9.55 -71.76
N LEU A 352 -25.54 10.69 -71.63
CA LEU A 352 -24.11 10.64 -71.40
C LEU A 352 -23.81 10.61 -69.90
N VAL A 353 -24.62 11.35 -69.14
CA VAL A 353 -24.49 11.40 -67.69
C VAL A 353 -24.44 10.01 -67.08
N SER A 354 -25.23 9.09 -67.65
CA SER A 354 -25.32 7.73 -67.13
C SER A 354 -23.98 7.00 -67.20
N SER A 355 -23.09 7.46 -68.07
CA SER A 355 -21.79 6.82 -68.25
C SER A 355 -20.69 7.53 -67.47
N VAL A 356 -20.91 8.80 -67.17
CA VAL A 356 -19.95 9.58 -66.40
C VAL A 356 -19.89 9.08 -64.96
N SER A 357 -21.07 8.81 -64.40
CA SER A 357 -21.18 8.34 -63.01
C SER A 357 -20.34 7.11 -62.76
N VAL A 358 -20.04 6.37 -63.81
CA VAL A 358 -19.25 5.15 -63.69
C VAL A 358 -17.82 5.48 -63.28
N ILE A 359 -17.31 6.60 -63.77
CA ILE A 359 -15.96 7.04 -63.43
C ILE A 359 -15.92 7.60 -62.01
N PHE A 360 -17.02 8.20 -61.58
CA PHE A 360 -17.14 8.69 -60.20
C PHE A 360 -16.76 7.58 -59.23
N THR A 361 -17.19 6.37 -59.55
CA THR A 361 -16.98 5.22 -58.68
C THR A 361 -15.49 4.91 -58.48
N LEU A 362 -14.64 5.43 -59.35
CA LEU A 362 -13.21 5.15 -59.29
C LEU A 362 -12.45 6.05 -58.31
N VAL A 363 -13.02 7.20 -57.99
CA VAL A 363 -12.38 8.11 -57.03
C VAL A 363 -12.32 7.52 -55.63
N PRO A 364 -13.46 6.99 -55.12
CA PRO A 364 -13.41 6.30 -53.82
C PRO A 364 -12.40 5.15 -53.84
N TYR A 365 -12.45 4.33 -54.90
CA TYR A 365 -11.48 3.25 -55.05
C TYR A 365 -10.07 3.75 -54.84
N LEU A 366 -9.76 4.91 -55.40
CA LEU A 366 -8.43 5.51 -55.29
C LEU A 366 -8.07 5.80 -53.84
N TYR A 367 -8.81 6.69 -53.21
CA TYR A 367 -8.52 7.12 -51.84
C TYR A 367 -8.46 5.98 -50.84
N THR A 368 -9.29 4.97 -51.03
CA THR A 368 -9.31 3.83 -50.14
C THR A 368 -7.91 3.21 -50.08
N CYS A 369 -7.28 3.07 -51.24
CA CYS A 369 -5.91 2.57 -51.31
C CYS A 369 -4.98 3.49 -50.53
N ALA A 370 -4.99 4.78 -50.89
CA ALA A 370 -4.19 5.77 -50.18
C ALA A 370 -4.44 5.70 -48.68
N ALA A 371 -5.63 5.25 -48.29
CA ALA A 371 -6.00 5.17 -46.88
C ALA A 371 -5.32 3.98 -46.20
N LEU A 372 -5.48 2.80 -46.77
CA LEU A 372 -4.90 1.60 -46.19
C LEU A 372 -3.39 1.77 -45.99
N LEU A 373 -2.81 2.73 -46.70
CA LEU A 373 -1.40 3.05 -46.52
C LEU A 373 -1.23 4.12 -45.44
N LEU A 374 -1.77 5.31 -45.70
CA LEU A 374 -1.59 6.44 -44.79
C LEU A 374 -2.07 6.14 -43.36
N LEU A 375 -3.15 5.36 -43.25
CA LEU A 375 -3.75 5.07 -41.95
C LEU A 375 -3.20 3.79 -41.31
N GLY A 376 -3.37 2.67 -41.98
CA GLY A 376 -2.99 1.38 -41.43
C GLY A 376 -1.54 1.00 -41.64
N HIS A 377 -0.65 1.98 -41.65
CA HIS A 377 0.77 1.74 -41.83
C HIS A 377 1.39 1.08 -40.62
N GLY A 378 0.57 0.79 -39.61
CA GLY A 378 1.05 0.17 -38.39
C GLY A 378 0.67 -1.30 -38.28
N HIS A 379 -0.58 -1.60 -38.62
CA HIS A 379 -1.11 -2.96 -38.48
C HIS A 379 -0.63 -3.87 -39.60
N PHE A 380 0.47 -3.51 -40.25
CA PHE A 380 0.94 -4.23 -41.42
C PHE A 380 1.45 -5.64 -41.15
N GLY A 381 2.29 -5.80 -40.13
CA GLY A 381 2.83 -7.12 -39.81
C GLY A 381 4.08 -7.15 -38.96
N LYS A 382 5.15 -6.52 -39.42
CA LYS A 382 5.12 -5.74 -40.65
C LYS A 382 5.48 -6.55 -41.90
N ALA A 383 4.46 -7.08 -42.57
CA ALA A 383 4.62 -7.60 -43.92
C ALA A 383 4.50 -6.41 -44.87
N ARG A 384 5.14 -5.32 -44.45
CA ARG A 384 5.00 -4.02 -45.12
C ARG A 384 5.13 -4.07 -46.64
N PRO A 385 6.27 -4.56 -47.15
CA PRO A 385 6.47 -4.56 -48.61
C PRO A 385 5.36 -5.28 -49.35
N LEU A 386 4.85 -6.36 -48.78
CA LEU A 386 3.78 -7.15 -49.38
C LEU A 386 2.50 -6.31 -49.49
N TYR A 387 2.15 -5.64 -48.41
CA TYR A 387 1.00 -4.75 -48.40
C TYR A 387 1.26 -3.53 -49.29
N LEU A 388 2.46 -2.97 -49.16
CA LEU A 388 2.86 -1.78 -49.90
C LEU A 388 2.83 -2.03 -51.40
N LEU A 389 2.83 -3.30 -51.80
CA LEU A 389 2.85 -3.66 -53.21
C LEU A 389 1.44 -3.93 -53.73
N ILE A 390 0.65 -4.66 -52.94
CA ILE A 390 -0.75 -4.92 -53.28
C ILE A 390 -1.49 -3.61 -53.53
N THR A 391 -1.25 -2.63 -52.66
CA THR A 391 -1.90 -1.33 -52.80
C THR A 391 -1.36 -0.56 -54.01
N PHE A 392 -0.15 -0.89 -54.43
CA PHE A 392 0.44 -0.26 -55.61
C PHE A 392 -0.17 -0.80 -56.89
N VAL A 393 -0.58 -2.07 -56.85
CA VAL A 393 -1.26 -2.67 -57.99
C VAL A 393 -2.67 -2.09 -58.12
N ALA A 394 -3.43 -2.16 -57.03
CA ALA A 394 -4.79 -1.62 -57.01
C ALA A 394 -4.78 -0.16 -57.43
N PHE A 395 -3.70 0.55 -57.12
CA PHE A 395 -3.53 1.93 -57.55
C PHE A 395 -3.46 2.00 -59.07
N VAL A 396 -2.47 1.33 -59.64
CA VAL A 396 -2.30 1.30 -61.08
C VAL A 396 -3.54 0.78 -61.79
N TYR A 397 -4.23 -0.16 -61.15
CA TYR A 397 -5.48 -0.69 -61.67
C TYR A 397 -6.46 0.44 -61.95
N CYS A 398 -6.79 1.19 -60.89
CA CYS A 398 -7.74 2.30 -61.01
C CYS A 398 -7.25 3.36 -62.00
N ILE A 399 -5.94 3.55 -62.08
CA ILE A 399 -5.36 4.54 -62.97
C ILE A 399 -5.58 4.17 -64.44
N TRP A 400 -5.31 2.92 -64.78
CA TRP A 400 -5.49 2.46 -66.15
C TRP A 400 -6.96 2.51 -66.54
N ALA A 401 -7.82 1.99 -65.67
CA ALA A 401 -9.25 2.02 -65.91
C ALA A 401 -9.68 3.41 -66.37
N VAL A 402 -9.17 4.44 -65.71
CA VAL A 402 -9.50 5.82 -66.07
C VAL A 402 -8.94 6.19 -67.43
N ILE A 403 -7.66 5.94 -67.64
CA ILE A 403 -7.00 6.27 -68.89
C ILE A 403 -7.72 5.63 -70.08
N GLY A 404 -7.99 4.34 -69.97
CA GLY A 404 -8.68 3.60 -71.01
C GLY A 404 -10.18 3.84 -70.97
N SER A 405 -10.58 5.09 -71.11
CA SER A 405 -12.00 5.46 -71.07
C SER A 405 -12.25 6.79 -71.76
N GLY A 406 -12.45 6.74 -73.07
CA GLY A 406 -12.72 7.90 -73.90
C GLY A 406 -12.75 9.27 -73.23
N ALA A 407 -11.83 10.14 -73.64
CA ALA A 407 -11.70 11.49 -73.09
C ALA A 407 -13.00 12.09 -72.59
N LYS A 408 -13.94 12.32 -73.51
CA LYS A 408 -15.20 12.98 -73.20
C LYS A 408 -15.70 12.68 -71.79
N GLU A 409 -15.95 11.40 -71.54
CA GLU A 409 -16.45 10.94 -70.25
C GLU A 409 -15.68 11.55 -69.09
N VAL A 410 -14.38 11.30 -69.06
CA VAL A 410 -13.52 11.80 -67.99
C VAL A 410 -13.59 13.31 -67.79
N MET A 411 -13.65 14.05 -68.90
CA MET A 411 -13.66 15.51 -68.82
C MET A 411 -14.72 16.01 -67.84
N TRP A 412 -15.90 15.39 -67.89
CA TRP A 412 -17.00 15.82 -67.04
C TRP A 412 -16.89 15.31 -65.61
N SER A 413 -16.20 14.18 -65.42
CA SER A 413 -15.89 13.73 -64.08
C SER A 413 -15.08 14.80 -63.38
N PHE A 414 -14.10 15.34 -64.11
CA PHE A 414 -13.27 16.43 -63.60
C PHE A 414 -14.11 17.65 -63.26
N VAL A 415 -14.96 18.05 -64.19
CA VAL A 415 -15.83 19.21 -63.99
C VAL A 415 -16.71 19.03 -62.75
N THR A 416 -17.02 17.78 -62.42
CA THR A 416 -17.83 17.48 -61.25
C THR A 416 -17.05 17.76 -59.97
N LEU A 417 -15.80 17.31 -59.93
CA LEU A 417 -14.91 17.66 -58.84
C LEU A 417 -14.87 19.18 -58.71
N MET A 418 -14.72 19.84 -59.85
CA MET A 418 -14.72 21.29 -59.90
C MET A 418 -15.93 21.84 -59.14
N VAL A 419 -17.10 21.35 -59.49
CA VAL A 419 -18.35 21.78 -58.86
C VAL A 419 -18.40 21.40 -57.38
N ILE A 420 -18.21 20.12 -57.09
CA ILE A 420 -18.20 19.64 -55.71
C ILE A 420 -17.42 20.59 -54.81
N THR A 421 -16.18 20.88 -55.20
CA THR A 421 -15.33 21.78 -54.43
C THR A 421 -16.04 23.10 -54.12
N ALA A 422 -16.45 23.82 -55.16
CA ALA A 422 -17.15 25.09 -54.96
C ALA A 422 -18.39 24.88 -54.11
N LEU A 423 -19.14 23.82 -54.43
CA LEU A 423 -20.38 23.50 -53.72
C LEU A 423 -20.14 23.35 -52.22
N TYR A 424 -18.94 22.90 -51.87
CA TYR A 424 -18.59 22.67 -50.47
C TYR A 424 -18.19 23.97 -49.77
N ALA A 425 -17.32 24.74 -50.41
CA ALA A 425 -16.82 25.98 -49.82
C ALA A 425 -17.91 27.04 -49.74
N LEU A 426 -19.09 26.71 -50.26
CA LEU A 426 -20.21 27.65 -50.28
C LEU A 426 -21.34 27.17 -49.37
N ASN A 427 -21.15 26.03 -48.72
CA ASN A 427 -22.18 25.47 -47.84
C ASN A 427 -21.64 25.15 -46.45
N TYR A 428 -20.33 25.01 -46.34
CA TYR A 428 -19.69 24.70 -45.07
C TYR A 428 -18.70 25.79 -44.71
N ASN A 429 -18.93 26.98 -45.26
CA ASN A 429 -18.07 28.13 -45.05
C ASN A 429 -17.54 28.24 -43.63
N ARG A 430 -18.45 28.28 -42.65
CA ARG A 430 -18.06 28.50 -41.26
C ARG A 430 -18.09 27.21 -40.43
N ILE A 431 -18.89 26.24 -40.86
CA ILE A 431 -18.93 24.94 -40.19
C ILE A 431 -17.58 24.23 -40.35
N HIS A 432 -16.83 24.61 -41.38
CA HIS A 432 -15.56 23.97 -41.69
C HIS A 432 -14.52 24.20 -40.60
N LYS A 433 -13.74 23.16 -40.32
CA LYS A 433 -12.67 23.25 -39.34
C LYS A 433 -11.31 23.33 -40.06
N ASN A 434 -10.72 24.51 -40.06
CA ASN A 434 -9.50 24.78 -40.82
C ASN A 434 -8.20 24.44 -40.10
N PRO A 435 -7.39 23.55 -40.70
CA PRO A 435 -6.04 23.21 -40.27
C PRO A 435 -5.01 23.62 -41.32
N TYR A 436 -4.23 24.65 -41.06
CA TYR A 436 -4.27 25.38 -39.80
C TYR A 436 -4.91 26.74 -40.00
N PRO A 437 -5.70 27.20 -39.01
CA PRO A 437 -6.51 28.41 -39.14
C PRO A 437 -5.66 29.68 -39.34
N LEU A 438 -6.33 30.82 -39.47
CA LEU A 438 -5.65 32.09 -39.67
C LEU A 438 -5.05 32.62 -38.37
N ASP A 439 -5.22 33.91 -38.10
CA ASP A 439 -4.64 34.51 -36.90
C ASP A 439 -5.68 35.23 -36.03
N ALA A 440 -6.40 36.21 -36.59
CA ALA A 440 -7.63 36.73 -35.96
C ALA A 440 -8.00 38.19 -36.24
N PRO A 441 -7.09 39.12 -35.95
CA PRO A 441 -7.36 40.57 -35.97
C PRO A 441 -8.52 40.96 -36.88
N VAL B 10 10.09 43.18 -54.62
CA VAL B 10 10.51 44.42 -54.00
C VAL B 10 10.95 45.44 -55.05
N GLY B 11 10.28 46.59 -55.08
CA GLY B 11 9.18 46.87 -54.16
C GLY B 11 7.82 46.58 -54.78
N LEU B 12 7.14 47.65 -55.18
CA LEU B 12 5.80 47.51 -55.77
C LEU B 12 5.83 47.59 -57.29
N ILE B 13 6.41 48.68 -57.81
CA ILE B 13 6.39 48.94 -59.24
C ILE B 13 7.08 47.86 -60.10
N PRO B 14 8.10 47.17 -59.56
CA PRO B 14 8.70 46.10 -60.35
C PRO B 14 7.86 44.83 -60.30
N VAL B 15 7.01 44.72 -59.28
CA VAL B 15 6.17 43.54 -59.11
C VAL B 15 4.87 43.65 -59.89
N THR B 16 4.28 44.84 -59.89
CA THR B 16 3.06 45.10 -60.63
C THR B 16 3.25 44.80 -62.12
N LEU B 17 4.49 44.91 -62.57
CA LEU B 17 4.83 44.63 -63.97
C LEU B 17 4.96 43.14 -64.22
N MET B 18 5.36 42.40 -63.18
CA MET B 18 5.46 40.96 -63.27
C MET B 18 4.07 40.34 -63.34
N VAL B 19 3.20 40.75 -62.42
CA VAL B 19 1.84 40.25 -62.36
C VAL B 19 1.14 40.41 -63.70
N SER B 20 1.51 41.46 -64.42
CA SER B 20 0.96 41.71 -65.75
C SER B 20 1.78 41.03 -66.83
N GLY B 21 3.10 41.03 -66.64
CA GLY B 21 4.00 40.41 -67.59
C GLY B 21 3.77 38.92 -67.74
N ASN B 22 3.49 38.26 -66.62
CA ASN B 22 3.22 36.83 -66.63
C ASN B 22 1.85 36.51 -67.23
N ILE B 23 1.15 37.54 -67.68
CA ILE B 23 -0.12 37.35 -68.37
C ILE B 23 0.06 37.55 -69.86
N MET B 24 0.86 38.56 -70.21
CA MET B 24 1.03 38.96 -71.60
C MET B 24 2.28 38.38 -72.23
N GLY B 25 2.42 37.05 -72.16
CA GLY B 25 3.50 36.36 -72.84
C GLY B 25 3.07 36.02 -74.25
N SER B 26 1.90 36.52 -74.62
CA SER B 26 1.33 36.27 -75.95
C SER B 26 0.27 37.33 -76.25
N GLY B 27 0.45 38.53 -75.71
CA GLY B 27 -0.51 39.60 -75.86
C GLY B 27 -0.50 40.21 -77.26
N VAL B 28 0.64 40.11 -77.93
CA VAL B 28 0.80 40.68 -79.27
C VAL B 28 0.20 39.79 -80.35
N PHE B 29 0.23 38.49 -80.14
CA PHE B 29 -0.30 37.53 -81.12
C PHE B 29 -1.75 37.17 -80.84
N LEU B 30 -2.21 37.46 -79.63
CA LEU B 30 -3.52 37.00 -79.19
C LEU B 30 -4.65 37.44 -80.11
N LEU B 31 -4.59 38.67 -80.60
CA LEU B 31 -5.65 39.24 -81.40
C LEU B 31 -6.12 38.34 -82.55
N PRO B 32 -5.22 38.05 -83.51
CA PRO B 32 -5.58 37.25 -84.69
C PRO B 32 -6.26 35.93 -84.35
N ALA B 33 -5.67 35.17 -83.45
CA ALA B 33 -6.22 33.88 -83.05
C ALA B 33 -7.65 34.02 -82.57
N ASN B 34 -7.98 35.22 -82.08
CA ASN B 34 -9.32 35.50 -81.58
C ASN B 34 -10.22 36.11 -82.66
N LEU B 35 -9.61 36.69 -83.68
CA LEU B 35 -10.36 37.32 -84.76
C LEU B 35 -11.05 36.28 -85.65
N ALA B 36 -10.53 35.06 -85.63
CA ALA B 36 -11.14 33.97 -86.38
C ALA B 36 -12.62 33.88 -86.07
N ALA B 37 -12.93 33.74 -84.78
CA ALA B 37 -14.31 33.79 -84.32
C ALA B 37 -14.72 35.24 -84.18
N THR B 38 -14.80 35.93 -85.31
CA THR B 38 -15.12 37.37 -85.37
C THR B 38 -14.30 38.22 -84.40
N GLY B 39 -14.49 39.54 -84.49
CA GLY B 39 -13.79 40.48 -83.63
C GLY B 39 -14.66 41.66 -83.29
N GLY B 40 -15.88 41.66 -83.81
CA GLY B 40 -16.84 42.70 -83.52
C GLY B 40 -17.69 42.34 -82.31
N ILE B 41 -18.25 41.13 -82.33
CA ILE B 41 -19.00 40.62 -81.20
C ILE B 41 -18.07 39.89 -80.26
N ALA B 42 -16.76 40.11 -80.45
CA ALA B 42 -15.76 39.55 -79.56
C ALA B 42 -15.58 40.45 -78.34
N ILE B 43 -15.68 41.75 -78.56
CA ILE B 43 -15.63 42.72 -77.46
C ILE B 43 -16.88 42.54 -76.61
N TYR B 44 -17.93 42.00 -77.22
CA TYR B 44 -19.15 41.66 -76.52
C TYR B 44 -18.93 40.37 -75.75
N GLY B 45 -17.65 40.04 -75.53
CA GLY B 45 -17.27 38.84 -74.81
C GLY B 45 -16.16 39.12 -73.81
N TRP B 46 -15.43 40.20 -74.04
CA TRP B 46 -14.37 40.61 -73.12
C TRP B 46 -14.94 40.96 -71.76
N LEU B 47 -16.22 41.32 -71.72
CA LEU B 47 -16.88 41.64 -70.47
C LEU B 47 -16.93 40.41 -69.57
N VAL B 48 -17.61 39.36 -70.04
CA VAL B 48 -17.70 38.12 -69.28
C VAL B 48 -16.33 37.69 -68.78
N THR B 49 -15.32 37.87 -69.63
CA THR B 49 -13.96 37.49 -69.27
C THR B 49 -13.38 38.39 -68.19
N ILE B 50 -13.33 39.69 -68.46
CA ILE B 50 -12.77 40.65 -67.52
C ILE B 50 -13.49 40.65 -66.18
N ILE B 51 -14.81 40.48 -66.20
CA ILE B 51 -15.60 40.41 -64.99
C ILE B 51 -15.18 39.21 -64.14
N GLY B 52 -15.23 38.02 -64.75
CA GLY B 52 -14.82 36.81 -64.07
C GLY B 52 -13.37 36.83 -63.65
N ALA B 53 -12.51 37.34 -64.53
CA ALA B 53 -11.08 37.40 -64.25
C ALA B 53 -10.76 38.43 -63.18
N LEU B 54 -11.52 39.51 -63.16
CA LEU B 54 -11.34 40.54 -62.14
C LEU B 54 -11.75 39.97 -60.79
N ALA B 55 -12.79 39.14 -60.78
CA ALA B 55 -13.24 38.49 -59.56
C ALA B 55 -12.14 37.65 -58.96
N LEU B 56 -11.34 37.02 -59.81
CA LEU B 56 -10.22 36.20 -59.36
C LEU B 56 -9.12 37.07 -58.77
N SER B 57 -8.83 38.18 -59.45
CA SER B 57 -7.81 39.11 -58.98
C SER B 57 -8.20 39.66 -57.61
N MET B 58 -9.49 39.74 -57.35
CA MET B 58 -9.99 40.18 -56.04
C MET B 58 -9.66 39.14 -54.99
N VAL B 59 -10.12 37.91 -55.23
CA VAL B 59 -9.87 36.81 -54.30
C VAL B 59 -8.41 36.74 -53.87
N TYR B 60 -7.50 36.65 -54.83
CA TYR B 60 -6.08 36.57 -54.53
C TYR B 60 -5.58 37.81 -53.81
N ALA B 61 -6.11 38.97 -54.18
CA ALA B 61 -5.71 40.22 -53.54
C ALA B 61 -6.11 40.22 -52.08
N LYS B 62 -7.31 39.71 -51.80
CA LYS B 62 -7.82 39.64 -50.44
C LYS B 62 -7.13 38.56 -49.62
N MET B 63 -7.02 37.37 -50.22
CA MET B 63 -6.42 36.23 -49.54
C MET B 63 -4.97 36.50 -49.15
N SER B 64 -4.30 37.33 -49.93
CA SER B 64 -2.90 37.66 -49.68
C SER B 64 -2.77 38.78 -48.64
N SER B 65 -3.82 39.57 -48.47
CA SER B 65 -3.81 40.63 -47.48
C SER B 65 -4.03 40.05 -46.08
N LEU B 66 -4.68 38.90 -46.01
CA LEU B 66 -4.92 38.23 -44.75
C LEU B 66 -3.75 37.33 -44.37
N ASP B 67 -2.95 36.97 -45.37
CA ASP B 67 -1.81 36.08 -45.15
C ASP B 67 -0.78 36.15 -46.27
N PRO B 68 0.23 37.02 -46.10
CA PRO B 68 1.38 37.07 -47.02
C PRO B 68 2.26 35.85 -46.82
N SER B 69 2.11 34.86 -47.69
CA SER B 69 2.75 33.56 -47.48
C SER B 69 4.02 33.35 -48.31
N PRO B 70 4.80 32.32 -47.95
CA PRO B 70 6.08 31.96 -48.56
C PRO B 70 6.18 32.10 -50.09
N GLY B 71 5.22 31.61 -50.87
CA GLY B 71 4.05 30.90 -50.38
C GLY B 71 3.08 30.67 -51.54
N GLY B 72 1.89 30.16 -51.25
CA GLY B 72 0.89 29.95 -52.26
C GLY B 72 -0.15 31.07 -52.25
N SER B 73 -1.36 30.81 -52.75
CA SER B 73 -1.79 29.54 -53.33
C SER B 73 -1.53 28.31 -52.45
N TYR B 74 -0.54 27.51 -52.83
CA TYR B 74 -0.13 26.35 -52.04
C TYR B 74 -0.34 26.54 -50.55
N ALA B 75 0.14 27.67 -50.04
CA ALA B 75 0.01 28.00 -48.63
C ALA B 75 -1.45 28.04 -48.21
N TYR B 76 -2.23 28.87 -48.89
CA TYR B 76 -3.65 29.01 -48.61
C TYR B 76 -4.33 27.65 -48.67
N ALA B 77 -3.97 26.88 -49.70
CA ALA B 77 -4.51 25.55 -49.89
C ALA B 77 -4.19 24.65 -48.70
N ARG B 78 -2.96 24.77 -48.22
CA ARG B 78 -2.52 23.97 -47.07
C ARG B 78 -3.42 24.21 -45.88
N ARG B 79 -3.47 25.46 -45.42
CA ARG B 79 -4.33 25.85 -44.31
C ARG B 79 -5.75 25.35 -44.54
N CYS B 80 -6.32 25.72 -45.68
CA CYS B 80 -7.71 25.44 -45.99
C CYS B 80 -8.06 23.95 -45.86
N PHE B 81 -7.35 23.10 -46.61
CA PHE B 81 -7.74 21.70 -46.72
C PHE B 81 -6.80 20.71 -46.04
N GLY B 82 -5.60 21.18 -45.70
CA GLY B 82 -4.65 20.32 -45.01
C GLY B 82 -3.33 20.19 -45.76
N PRO B 83 -2.59 19.11 -45.49
CA PRO B 83 -1.27 18.88 -46.09
C PRO B 83 -1.37 18.23 -47.47
N PHE B 84 -2.26 17.25 -47.61
CA PHE B 84 -2.41 16.54 -48.87
C PHE B 84 -2.66 17.48 -50.04
N LEU B 85 -3.73 18.26 -49.96
CA LEU B 85 -4.09 19.16 -51.04
C LEU B 85 -3.10 20.30 -51.22
N GLY B 86 -2.35 20.60 -50.16
CA GLY B 86 -1.27 21.57 -50.26
C GLY B 86 -0.17 20.99 -51.12
N TYR B 87 0.33 19.82 -50.72
CA TYR B 87 1.34 19.10 -51.47
C TYR B 87 0.93 18.96 -52.93
N GLN B 88 -0.33 18.60 -53.15
CA GLN B 88 -0.86 18.42 -54.49
C GLN B 88 -0.90 19.74 -55.25
N THR B 89 -1.40 20.78 -54.61
CA THR B 89 -1.47 22.10 -55.22
C THR B 89 -0.09 22.56 -55.67
N ASN B 90 0.92 22.21 -54.88
CA ASN B 90 2.31 22.55 -55.21
C ASN B 90 2.78 21.91 -56.51
N VAL B 91 2.71 20.58 -56.56
CA VAL B 91 3.19 19.84 -57.72
C VAL B 91 2.58 20.37 -59.02
N LEU B 92 1.24 20.38 -59.07
CA LEU B 92 0.53 20.83 -60.26
C LEU B 92 1.01 22.21 -60.71
N TYR B 93 1.10 23.14 -59.77
CA TYR B 93 1.50 24.50 -60.09
C TYR B 93 2.99 24.59 -60.42
N TRP B 94 3.80 23.84 -59.70
CA TRP B 94 5.23 23.81 -59.95
C TRP B 94 5.52 23.35 -61.37
N LEU B 95 4.83 22.29 -61.78
CA LEU B 95 4.97 21.76 -63.14
C LEU B 95 4.52 22.77 -64.18
N ALA B 96 3.33 23.34 -63.96
CA ALA B 96 2.77 24.32 -64.89
C ALA B 96 3.68 25.52 -65.09
N CYS B 97 4.60 25.72 -64.17
CA CYS B 97 5.52 26.85 -64.25
C CYS B 97 6.64 26.64 -65.28
N TRP B 98 7.34 25.51 -65.17
CA TRP B 98 8.47 25.25 -66.06
C TRP B 98 8.10 24.46 -67.32
N ILE B 99 7.07 23.62 -67.22
CA ILE B 99 6.57 22.93 -68.40
C ILE B 99 5.92 23.94 -69.35
N GLY B 100 5.42 25.03 -68.77
CA GLY B 100 4.83 26.10 -69.57
C GLY B 100 5.90 27.01 -70.12
N ASN B 101 7.13 26.83 -69.64
CA ASN B 101 8.25 27.66 -70.08
C ASN B 101 8.83 27.23 -71.42
N ILE B 102 8.81 25.94 -71.69
CA ILE B 102 9.40 25.41 -72.92
C ILE B 102 8.70 25.94 -74.17
N ALA B 103 7.41 26.24 -74.05
CA ALA B 103 6.65 26.78 -75.17
C ALA B 103 6.89 28.29 -75.30
N MET B 104 7.47 28.88 -74.27
CA MET B 104 7.71 30.32 -74.26
C MET B 104 9.06 30.67 -74.89
N VAL B 105 10.00 29.74 -74.84
CA VAL B 105 11.30 29.94 -75.49
C VAL B 105 11.18 29.75 -77.00
N VAL B 106 10.46 28.71 -77.40
CA VAL B 106 10.22 28.45 -78.81
C VAL B 106 9.62 29.68 -79.48
N ILE B 107 8.51 30.16 -78.93
CA ILE B 107 7.83 31.34 -79.46
C ILE B 107 8.66 32.59 -79.21
N GLY B 108 9.37 32.62 -78.08
CA GLY B 108 10.22 33.75 -77.75
C GLY B 108 11.30 33.95 -78.79
N VAL B 109 12.16 32.95 -78.95
CA VAL B 109 13.22 32.98 -79.97
C VAL B 109 12.61 33.08 -81.35
N GLY B 110 11.44 32.46 -81.53
CA GLY B 110 10.73 32.47 -82.79
C GLY B 110 10.19 33.85 -83.14
N TYR B 111 10.68 34.86 -82.45
CA TYR B 111 10.32 36.25 -82.73
C TYR B 111 11.57 37.04 -83.11
N LEU B 112 12.73 36.50 -82.73
CA LEU B 112 14.00 37.12 -83.06
C LEU B 112 14.52 36.58 -84.38
N SER B 113 14.59 35.25 -84.47
CA SER B 113 15.09 34.59 -85.67
C SER B 113 13.99 34.42 -86.72
N TYR B 114 12.86 35.07 -86.48
CA TYR B 114 11.76 35.04 -87.43
C TYR B 114 11.77 36.31 -88.27
N PHE B 115 12.38 37.36 -87.74
CA PHE B 115 12.50 38.62 -88.46
C PHE B 115 13.95 39.08 -88.55
N PHE B 116 14.71 38.46 -89.45
CA PHE B 116 16.07 38.90 -89.77
C PHE B 116 16.62 38.18 -90.99
N PRO B 117 16.57 36.84 -91.01
CA PRO B 117 16.20 35.93 -89.93
C PRO B 117 17.41 35.13 -89.45
N ILE B 118 18.05 35.57 -88.38
CA ILE B 118 19.27 34.95 -87.88
C ILE B 118 19.42 33.49 -88.32
N LEU B 119 18.74 32.59 -87.62
CA LEU B 119 18.78 31.17 -87.96
C LEU B 119 17.43 30.51 -87.65
N LYS B 120 17.11 29.42 -88.33
CA LYS B 120 15.77 28.85 -88.24
C LYS B 120 15.74 27.34 -87.98
N ASP B 121 16.71 26.62 -88.53
CA ASP B 121 16.69 25.15 -88.54
C ASP B 121 16.61 24.49 -87.15
N PRO B 122 16.09 23.26 -87.11
CA PRO B 122 15.83 22.47 -85.89
C PRO B 122 16.93 22.55 -84.84
N LEU B 123 18.02 21.84 -85.06
CA LEU B 123 19.10 21.75 -84.06
C LEU B 123 19.81 23.09 -83.84
N VAL B 124 19.36 24.13 -84.53
CA VAL B 124 19.92 25.46 -84.39
C VAL B 124 19.12 26.28 -83.39
N LEU B 125 17.80 26.22 -83.53
CA LEU B 125 16.90 26.97 -82.65
C LEU B 125 16.82 26.30 -81.29
N THR B 126 16.96 24.98 -81.26
CA THR B 126 16.87 24.22 -80.01
C THR B 126 18.02 24.53 -79.07
N LEU B 127 19.15 24.96 -79.65
CA LEU B 127 20.33 25.27 -78.85
C LEU B 127 20.27 26.66 -78.25
N THR B 128 19.77 27.62 -79.03
CA THR B 128 19.67 29.00 -78.56
C THR B 128 18.54 29.17 -77.54
N CYS B 129 17.61 28.22 -77.55
CA CYS B 129 16.54 28.19 -76.54
C CYS B 129 17.10 27.68 -75.22
N VAL B 130 17.74 26.52 -75.26
CA VAL B 130 18.42 25.97 -74.10
C VAL B 130 19.40 26.99 -73.55
N ALA B 131 20.06 27.70 -74.46
CA ALA B 131 21.03 28.72 -74.08
C ALA B 131 20.37 29.86 -73.30
N VAL B 132 19.27 30.38 -73.85
CA VAL B 132 18.58 31.50 -73.22
C VAL B 132 17.81 31.08 -71.97
N LEU B 133 17.50 29.79 -71.88
CA LEU B 133 16.85 29.25 -70.69
C LEU B 133 17.76 29.43 -69.48
N TRP B 134 18.95 28.83 -69.55
CA TRP B 134 19.93 28.96 -68.46
C TRP B 134 20.34 30.41 -68.26
N ILE B 135 20.18 31.22 -69.31
CA ILE B 135 20.46 32.64 -69.21
C ILE B 135 19.54 33.30 -68.18
N PHE B 136 18.35 32.74 -68.03
CA PHE B 136 17.39 33.25 -67.05
C PHE B 136 17.39 32.42 -65.76
N VAL B 137 17.81 31.16 -65.87
CA VAL B 137 17.96 30.31 -64.69
C VAL B 137 19.09 30.83 -63.81
N LEU B 138 20.07 31.47 -64.44
CA LEU B 138 21.20 32.03 -63.71
C LEU B 138 20.84 33.37 -63.07
N LEU B 139 20.03 34.17 -63.78
CA LEU B 139 19.61 35.47 -63.28
C LEU B 139 18.73 35.34 -62.05
N ASN B 140 18.07 34.18 -61.94
CA ASN B 140 17.18 33.93 -60.82
C ASN B 140 17.93 33.40 -59.60
N ILE B 141 18.91 32.54 -59.85
CA ILE B 141 19.70 31.95 -58.76
C ILE B 141 20.68 32.95 -58.17
N VAL B 142 20.67 34.19 -58.67
CA VAL B 142 21.53 35.21 -58.10
C VAL B 142 21.02 36.63 -58.42
N GLY B 143 19.82 36.94 -57.94
CA GLY B 143 19.28 38.27 -58.11
C GLY B 143 17.77 38.32 -58.29
N PRO B 144 17.03 38.06 -57.20
CA PRO B 144 15.57 38.23 -57.23
C PRO B 144 15.21 39.66 -57.62
N LYS B 145 16.02 40.62 -57.20
CA LYS B 145 15.80 42.02 -57.52
C LYS B 145 16.24 42.25 -58.96
N MET B 146 17.33 41.59 -59.31
CA MET B 146 17.94 41.71 -60.61
C MET B 146 17.04 41.17 -61.72
N ILE B 147 16.39 40.05 -61.46
CA ILE B 147 15.50 39.43 -62.42
C ILE B 147 14.21 40.23 -62.56
N THR B 148 13.76 40.81 -61.46
CA THR B 148 12.58 41.67 -61.49
C THR B 148 12.87 42.98 -62.22
N ARG B 149 14.14 43.39 -62.20
CA ARG B 149 14.59 44.52 -63.00
C ARG B 149 14.45 44.18 -64.47
N VAL B 150 15.01 43.03 -64.85
CA VAL B 150 15.00 42.56 -66.23
C VAL B 150 13.58 42.53 -66.78
N GLN B 151 12.68 41.85 -66.09
CA GLN B 151 11.30 41.74 -66.55
C GLN B 151 10.63 43.10 -66.60
N ALA B 152 10.85 43.91 -65.57
CA ALA B 152 10.30 45.26 -65.53
C ALA B 152 10.72 46.04 -66.76
N VAL B 153 11.94 45.77 -67.24
CA VAL B 153 12.47 46.43 -68.43
C VAL B 153 11.82 45.85 -69.70
N ALA B 154 11.80 44.53 -69.79
CA ALA B 154 11.29 43.85 -70.98
C ALA B 154 9.79 44.01 -71.17
N THR B 155 9.05 44.11 -70.07
CA THR B 155 7.60 44.24 -70.13
C THR B 155 7.17 45.64 -70.55
N VAL B 156 7.97 46.64 -70.17
CA VAL B 156 7.72 48.00 -70.59
C VAL B 156 8.02 48.15 -72.08
N LEU B 157 9.11 47.55 -72.52
CA LEU B 157 9.46 47.53 -73.93
C LEU B 157 8.36 46.86 -74.74
N ALA B 158 7.92 45.69 -74.26
CA ALA B 158 6.89 44.91 -74.94
C ALA B 158 5.56 45.64 -74.96
N LEU B 159 5.41 46.63 -74.08
CA LEU B 159 4.16 47.37 -73.98
C LEU B 159 4.17 48.56 -74.91
N VAL B 160 5.36 48.99 -75.33
CA VAL B 160 5.51 50.12 -76.24
C VAL B 160 4.54 50.06 -77.42
N PRO B 161 4.50 48.91 -78.12
CA PRO B 161 3.56 48.77 -79.24
C PRO B 161 2.11 48.84 -78.77
N ILE B 162 1.73 47.96 -77.86
CA ILE B 162 0.35 47.87 -77.39
C ILE B 162 -0.15 49.18 -76.79
N VAL B 163 0.68 49.82 -75.99
CA VAL B 163 0.33 51.12 -75.41
C VAL B 163 0.35 52.20 -76.48
N GLY B 164 1.18 51.98 -77.50
CA GLY B 164 1.28 52.91 -78.61
C GLY B 164 0.12 52.76 -79.58
N ILE B 165 -0.55 51.62 -79.50
CA ILE B 165 -1.71 51.35 -80.35
C ILE B 165 -2.98 51.93 -79.72
N ALA B 166 -3.13 53.24 -79.82
CA ALA B 166 -4.32 53.96 -79.38
C ALA B 166 -4.05 55.44 -79.14
N VAL B 167 -3.85 56.24 -80.19
CA VAL B 167 -3.81 55.83 -81.60
C VAL B 167 -4.97 54.95 -82.09
N PHE B 168 -6.09 55.58 -82.40
CA PHE B 168 -7.29 54.87 -82.83
C PHE B 168 -7.66 55.13 -84.28
N GLY B 169 -7.44 56.36 -84.74
CA GLY B 169 -7.85 56.77 -86.08
C GLY B 169 -7.38 55.84 -87.18
N TRP B 170 -8.33 55.29 -87.93
CA TRP B 170 -9.75 55.54 -87.71
C TRP B 170 -10.57 54.29 -88.01
N PHE B 171 -11.20 53.73 -86.98
CA PHE B 171 -11.93 52.46 -87.10
C PHE B 171 -12.95 52.47 -88.24
N TRP B 172 -13.16 51.30 -88.84
CA TRP B 172 -14.13 51.14 -89.92
C TRP B 172 -14.97 49.89 -89.70
N PHE B 173 -16.29 50.08 -89.66
CA PHE B 173 -17.23 49.00 -89.39
C PHE B 173 -16.73 47.64 -89.89
N LYS B 174 -16.29 46.82 -88.95
CA LYS B 174 -15.77 45.49 -89.29
C LYS B 174 -16.89 44.46 -89.35
N TRP B 182 -19.47 39.96 -85.85
CA TRP B 182 -20.24 38.72 -85.73
C TRP B 182 -19.97 37.80 -86.92
N ASN B 183 -18.85 38.02 -87.58
CA ASN B 183 -18.47 37.21 -88.75
C ASN B 183 -17.99 35.82 -88.35
N VAL B 184 -18.33 35.40 -87.13
CA VAL B 184 -17.95 34.08 -86.65
C VAL B 184 -18.84 33.01 -87.27
N SER B 185 -18.48 31.75 -87.04
CA SER B 185 -19.27 30.63 -87.56
C SER B 185 -20.73 30.75 -87.12
N GLY B 186 -21.63 30.57 -88.08
CA GLY B 186 -23.06 30.68 -87.82
C GLY B 186 -23.48 30.02 -86.52
N MET B 187 -23.85 30.83 -85.54
CA MET B 187 -24.30 30.33 -84.25
C MET B 187 -24.89 31.46 -83.41
N ASN B 188 -25.91 31.15 -82.62
CA ASN B 188 -26.55 32.13 -81.76
C ASN B 188 -25.52 32.96 -81.02
N THR B 189 -25.86 34.22 -80.74
CA THR B 189 -24.95 35.13 -80.06
C THR B 189 -24.33 34.50 -78.80
N PHE B 190 -25.09 33.61 -78.16
CA PHE B 190 -24.62 32.92 -76.97
C PHE B 190 -23.55 31.89 -77.32
N GLY B 191 -23.83 31.08 -78.33
CA GLY B 191 -22.88 30.06 -78.77
C GLY B 191 -21.71 30.66 -79.52
N ALA B 192 -21.81 31.95 -79.83
CA ALA B 192 -20.74 32.66 -80.52
C ALA B 192 -19.73 33.22 -79.53
N ILE B 193 -20.24 33.70 -78.40
CA ILE B 193 -19.39 34.24 -77.34
C ILE B 193 -18.68 33.11 -76.60
N GLN B 194 -19.31 31.94 -76.57
CA GLN B 194 -18.74 30.76 -75.93
C GLN B 194 -17.44 30.34 -76.60
N SER B 195 -17.41 30.48 -77.92
CA SER B 195 -16.23 30.11 -78.69
C SER B 195 -15.16 31.19 -78.64
N THR B 196 -15.52 32.35 -78.09
CA THR B 196 -14.56 33.44 -77.92
C THR B 196 -13.85 33.30 -76.58
N LEU B 197 -14.54 32.70 -75.63
CA LEU B 197 -13.99 32.51 -74.29
C LEU B 197 -12.85 31.50 -74.30
N ASN B 198 -12.89 30.57 -75.24
CA ASN B 198 -11.82 29.58 -75.38
C ASN B 198 -10.49 30.25 -75.62
N VAL B 199 -10.52 31.55 -75.85
CA VAL B 199 -9.32 32.34 -76.07
C VAL B 199 -9.08 33.30 -74.93
N THR B 200 -10.15 33.96 -74.48
CA THR B 200 -10.04 35.03 -73.50
C THR B 200 -9.91 34.54 -72.06
N LEU B 201 -10.61 33.45 -71.73
CA LEU B 201 -10.55 32.92 -70.36
C LEU B 201 -9.13 32.54 -69.98
N TRP B 202 -8.38 32.02 -70.95
CA TRP B 202 -7.03 31.53 -70.71
C TRP B 202 -5.97 32.61 -70.87
N SER B 203 -6.39 33.80 -71.30
CA SER B 203 -5.45 34.89 -71.52
C SER B 203 -5.17 35.64 -70.22
N PHE B 204 -5.81 35.20 -69.14
CA PHE B 204 -5.57 35.81 -67.83
C PHE B 204 -5.00 34.82 -66.82
N ILE B 205 -4.16 33.91 -67.29
CA ILE B 205 -3.45 32.99 -66.42
C ILE B 205 -2.17 33.65 -65.92
N GLY B 206 -2.28 34.91 -65.53
CA GLY B 206 -1.13 35.67 -65.09
C GLY B 206 -1.21 36.11 -63.64
N VAL B 207 -2.40 36.05 -63.06
CA VAL B 207 -2.58 36.42 -61.67
C VAL B 207 -1.73 35.53 -60.75
N GLU B 208 -2.02 35.59 -59.46
CA GLU B 208 -1.28 34.83 -58.45
C GLU B 208 0.24 34.90 -58.59
N SER B 209 0.73 35.82 -59.42
CA SER B 209 2.16 36.00 -59.60
C SER B 209 2.77 36.65 -58.36
N ALA B 210 2.01 37.56 -57.76
CA ALA B 210 2.46 38.25 -56.56
C ALA B 210 2.29 37.38 -55.32
N SER B 211 1.20 36.62 -55.29
CA SER B 211 0.91 35.75 -54.15
C SER B 211 2.06 34.80 -53.86
N VAL B 212 2.46 34.04 -54.89
CA VAL B 212 3.58 33.12 -54.74
C VAL B 212 4.90 33.88 -54.64
N ALA B 213 4.91 35.10 -55.17
CA ALA B 213 6.10 35.94 -55.12
C ALA B 213 6.35 36.47 -53.72
N ALA B 214 5.30 36.44 -52.89
CA ALA B 214 5.45 36.84 -51.49
C ALA B 214 6.57 36.05 -50.84
N GLY B 215 6.94 36.42 -49.62
CA GLY B 215 8.16 35.89 -49.03
C GLY B 215 9.30 36.75 -49.55
N VAL B 216 9.41 36.78 -50.88
CA VAL B 216 10.15 37.83 -51.54
C VAL B 216 9.16 38.98 -51.65
N VAL B 217 9.28 39.81 -52.69
CA VAL B 217 8.38 40.94 -52.88
C VAL B 217 8.59 42.00 -51.80
N LYS B 218 8.78 41.56 -50.57
CA LYS B 218 8.94 42.47 -49.43
C LYS B 218 7.76 43.42 -49.29
N ASN B 219 7.69 44.08 -48.13
CA ASN B 219 6.58 44.98 -47.82
C ASN B 219 5.24 44.40 -48.23
N PRO B 220 5.02 43.10 -47.95
CA PRO B 220 3.82 42.43 -48.46
C PRO B 220 2.57 42.82 -47.69
N LYS B 221 1.52 42.02 -47.81
CA LYS B 221 0.25 42.27 -47.13
C LYS B 221 -0.44 43.50 -47.71
N ARG B 222 0.32 44.30 -48.45
CA ARG B 222 -0.21 45.48 -49.12
C ARG B 222 0.23 45.51 -50.58
N ASN B 223 1.54 45.47 -50.79
CA ASN B 223 2.09 45.50 -52.14
C ASN B 223 1.55 44.36 -53.03
N VAL B 224 1.45 43.17 -52.46
CA VAL B 224 0.96 42.02 -53.22
C VAL B 224 -0.49 42.21 -53.69
N PRO B 225 -1.41 42.49 -52.75
CA PRO B 225 -2.81 42.73 -53.15
C PRO B 225 -2.94 43.87 -54.16
N ILE B 226 -2.03 44.85 -54.07
CA ILE B 226 -2.05 45.98 -54.99
C ILE B 226 -1.60 45.58 -56.39
N ALA B 227 -0.50 44.83 -56.44
CA ALA B 227 0.03 44.35 -57.71
C ALA B 227 -0.94 43.35 -58.35
N THR B 228 -1.63 42.59 -57.50
CA THR B 228 -2.59 41.59 -57.98
C THR B 228 -3.74 42.21 -58.75
N ILE B 229 -4.23 43.35 -58.27
CA ILE B 229 -5.30 44.07 -58.96
C ILE B 229 -4.74 45.00 -60.02
N GLY B 230 -3.57 45.57 -59.73
CA GLY B 230 -2.93 46.48 -60.65
C GLY B 230 -2.58 45.82 -61.98
N GLY B 231 -1.77 44.77 -61.90
CA GLY B 231 -1.36 44.04 -63.09
C GLY B 231 -2.52 43.61 -63.95
N VAL B 232 -3.56 43.09 -63.31
CA VAL B 232 -4.75 42.64 -64.04
C VAL B 232 -5.44 43.80 -64.74
N LEU B 233 -5.72 44.86 -63.99
CA LEU B 233 -6.41 46.02 -64.54
C LEU B 233 -5.56 46.68 -65.63
N ILE B 234 -4.25 46.43 -65.60
CA ILE B 234 -3.36 46.93 -66.63
C ILE B 234 -3.46 46.09 -67.90
N ALA B 235 -3.37 44.78 -67.74
CA ALA B 235 -3.45 43.86 -68.86
C ALA B 235 -4.88 43.72 -69.38
N ALA B 236 -5.85 44.16 -68.58
CA ALA B 236 -7.23 44.14 -68.99
C ALA B 236 -7.51 45.30 -69.94
N VAL B 237 -6.90 46.44 -69.66
CA VAL B 237 -6.97 47.59 -70.53
C VAL B 237 -6.23 47.32 -71.83
N CYS B 238 -4.99 46.84 -71.72
CA CYS B 238 -4.19 46.52 -72.89
C CYS B 238 -4.94 45.63 -73.87
N TYR B 239 -5.56 44.57 -73.36
CA TYR B 239 -6.30 43.65 -74.22
C TYR B 239 -7.44 44.33 -74.96
N VAL B 240 -8.39 44.88 -74.21
CA VAL B 240 -9.58 45.47 -74.81
C VAL B 240 -9.29 46.80 -75.51
N LEU B 241 -8.11 47.36 -75.27
CA LEU B 241 -7.69 48.56 -75.97
C LEU B 241 -6.59 48.24 -76.98
N SER B 242 -6.58 46.99 -77.44
CA SER B 242 -5.66 46.54 -78.47
C SER B 242 -6.41 45.66 -79.46
N THR B 243 -7.22 44.74 -78.95
CA THR B 243 -8.04 43.88 -79.79
C THR B 243 -9.15 44.67 -80.45
N THR B 244 -9.43 45.86 -79.91
CA THR B 244 -10.42 46.76 -80.49
C THR B 244 -9.74 47.71 -81.47
N ALA B 245 -8.54 48.14 -81.13
CA ALA B 245 -7.78 49.05 -81.96
C ALA B 245 -7.13 48.33 -83.13
N ILE B 246 -7.64 47.14 -83.45
CA ILE B 246 -7.14 46.37 -84.58
C ILE B 246 -8.27 45.72 -85.38
N MET B 247 -9.28 45.21 -84.67
CA MET B 247 -10.49 44.75 -85.34
C MET B 247 -11.27 45.99 -85.77
N GLY B 248 -10.52 46.97 -86.26
CA GLY B 248 -11.02 48.29 -86.55
C GLY B 248 -9.90 49.26 -86.25
N MET B 249 -9.15 49.63 -87.27
CA MET B 249 -9.48 49.27 -88.64
C MET B 249 -8.28 48.76 -89.42
N ILE B 250 -7.14 48.63 -88.73
CA ILE B 250 -5.87 48.39 -89.40
C ILE B 250 -5.88 47.26 -90.44
N PRO B 251 -6.15 46.01 -90.01
CA PRO B 251 -6.04 44.91 -90.97
C PRO B 251 -7.35 44.20 -91.29
N ASN B 252 -8.49 44.87 -91.15
CA ASN B 252 -9.75 44.26 -91.53
C ASN B 252 -9.82 44.06 -93.05
N ALA B 253 -10.74 43.23 -93.54
CA ALA B 253 -11.74 42.55 -92.70
C ALA B 253 -11.18 41.37 -91.92
N ALA B 254 -12.09 40.63 -91.29
CA ALA B 254 -11.71 39.51 -90.43
C ALA B 254 -10.81 38.50 -91.13
N LEU B 255 -11.16 38.17 -92.37
CA LEU B 255 -10.43 37.13 -93.11
C LEU B 255 -9.14 37.65 -93.73
N ARG B 256 -8.61 38.75 -93.19
CA ARG B 256 -7.29 39.25 -93.58
C ARG B 256 -6.27 38.90 -92.51
N VAL B 257 -6.69 38.99 -91.26
CA VAL B 257 -5.82 38.65 -90.13
C VAL B 257 -6.05 37.20 -89.73
N SER B 258 -7.26 36.71 -90.01
CA SER B 258 -7.64 35.35 -89.63
C SER B 258 -6.67 34.30 -90.16
N ALA B 259 -5.85 34.68 -91.13
CA ALA B 259 -4.91 33.75 -91.75
C ALA B 259 -3.47 34.00 -91.31
N SER B 260 -3.02 35.24 -91.40
CA SER B 260 -1.64 35.58 -91.11
C SER B 260 -1.45 36.16 -89.71
N PRO B 261 -0.41 35.71 -89.00
CA PRO B 261 -0.05 36.20 -87.66
C PRO B 261 0.28 37.70 -87.68
N PHE B 262 -0.43 38.47 -86.88
CA PHE B 262 -0.22 39.90 -86.79
C PHE B 262 1.24 40.25 -86.45
N GLY B 263 1.62 41.48 -86.75
CA GLY B 263 2.97 41.95 -86.48
C GLY B 263 3.34 43.12 -87.36
N ASP B 264 3.62 42.83 -88.63
CA ASP B 264 3.95 43.87 -89.60
C ASP B 264 2.68 44.52 -90.16
N ALA B 265 1.53 43.93 -89.83
CA ALA B 265 0.25 44.41 -90.33
C ALA B 265 -0.19 45.70 -89.65
N ALA B 266 0.57 46.14 -88.65
CA ALA B 266 0.26 47.37 -87.94
C ALA B 266 1.09 48.54 -88.43
N ARG B 267 1.74 48.37 -89.57
CA ARG B 267 2.63 49.40 -90.10
C ARG B 267 2.19 49.86 -91.48
N MET B 268 0.97 49.51 -91.88
CA MET B 268 0.46 49.89 -93.20
C MET B 268 -0.70 50.88 -93.10
N ALA B 269 -1.68 50.57 -92.27
CA ALA B 269 -2.90 51.37 -92.20
C ALA B 269 -2.83 52.48 -91.15
N LEU B 270 -1.70 53.21 -91.15
CA LEU B 270 -1.51 54.37 -90.29
C LEU B 270 -0.03 54.62 -90.03
N GLY B 271 0.74 53.53 -90.05
CA GLY B 271 2.09 53.54 -89.51
C GLY B 271 3.22 53.64 -90.51
N ASP B 272 4.45 53.56 -90.00
CA ASP B 272 5.65 53.70 -90.82
C ASP B 272 5.95 52.43 -91.62
N THR B 273 6.96 52.52 -92.48
CA THR B 273 7.25 51.45 -93.44
C THR B 273 8.05 50.29 -92.85
N ALA B 274 8.92 49.70 -93.66
CA ALA B 274 9.65 48.47 -93.31
C ALA B 274 10.53 48.62 -92.07
N GLY B 275 11.48 47.69 -91.90
CA GLY B 275 12.15 47.57 -90.62
C GLY B 275 11.15 47.62 -89.47
N ALA B 276 10.55 46.48 -89.13
CA ALA B 276 9.57 46.41 -88.05
C ALA B 276 10.26 46.25 -86.70
N ILE B 277 10.23 47.31 -85.89
CA ILE B 277 10.83 47.28 -84.56
C ILE B 277 9.86 46.66 -83.56
N VAL B 278 8.72 46.20 -84.06
CA VAL B 278 7.70 45.58 -83.22
C VAL B 278 8.16 44.22 -82.70
N SER B 279 8.54 43.33 -83.61
CA SER B 279 8.95 41.98 -83.25
C SER B 279 10.27 41.99 -82.48
N PHE B 280 10.92 43.13 -82.42
CA PHE B 280 12.20 43.27 -81.73
C PHE B 280 12.01 43.39 -80.22
N CYS B 281 10.86 43.92 -79.81
CA CYS B 281 10.54 44.07 -78.39
C CYS B 281 9.51 43.04 -77.95
N ALA B 282 8.63 42.65 -78.87
CA ALA B 282 7.61 41.65 -78.58
C ALA B 282 8.25 40.28 -78.41
N ALA B 283 9.57 40.22 -78.59
CA ALA B 283 10.33 39.00 -78.36
C ALA B 283 10.90 39.01 -76.95
N ALA B 284 11.15 40.22 -76.44
CA ALA B 284 11.64 40.38 -75.07
C ALA B 284 10.49 40.27 -74.08
N GLY B 285 9.30 40.63 -74.53
CA GLY B 285 8.11 40.52 -73.71
C GLY B 285 7.65 39.08 -73.59
N CYS B 286 8.45 38.18 -74.16
CA CYS B 286 8.19 36.75 -74.07
C CYS B 286 9.34 36.06 -73.34
N LEU B 287 10.51 36.69 -73.37
CA LEU B 287 11.68 36.19 -72.66
C LEU B 287 11.77 36.82 -71.27
N GLY B 288 11.14 37.96 -71.11
CA GLY B 288 11.09 38.63 -69.82
C GLY B 288 10.16 37.91 -68.87
N SER B 289 9.18 37.21 -69.44
CA SER B 289 8.26 36.42 -68.66
C SER B 289 8.82 35.02 -68.41
N LEU B 290 9.96 34.75 -69.01
CA LEU B 290 10.64 33.46 -68.81
C LEU B 290 11.16 33.36 -67.38
N GLY B 291 11.97 34.33 -66.99
CA GLY B 291 12.56 34.34 -65.66
C GLY B 291 11.52 34.41 -64.57
N GLY B 292 10.49 35.22 -64.79
CA GLY B 292 9.41 35.38 -63.82
C GLY B 292 8.80 34.06 -63.40
N TRP B 293 8.58 33.18 -64.38
CA TRP B 293 7.96 31.88 -64.11
C TRP B 293 8.90 30.90 -63.42
N THR B 294 10.18 30.93 -63.80
CA THR B 294 11.18 30.12 -63.12
C THR B 294 11.33 30.61 -61.68
N LEU B 295 11.16 31.92 -61.49
CA LEU B 295 11.18 32.50 -60.16
C LEU B 295 10.12 31.84 -59.30
N LEU B 296 8.89 31.83 -59.80
CA LEU B 296 7.77 31.25 -59.08
C LEU B 296 7.98 29.75 -58.88
N ALA B 297 8.55 29.10 -59.89
CA ALA B 297 8.80 27.66 -59.82
C ALA B 297 9.57 27.31 -58.55
N GLY B 298 10.69 28.00 -58.34
CA GLY B 298 11.52 27.74 -57.17
C GLY B 298 10.87 28.22 -55.89
N GLN B 299 10.00 29.22 -56.01
CA GLN B 299 9.30 29.77 -54.85
C GLN B 299 8.30 28.79 -54.26
N THR B 300 7.35 28.34 -55.08
CA THR B 300 6.37 27.36 -54.64
C THR B 300 7.07 26.08 -54.19
N ALA B 301 8.20 25.78 -54.83
CA ALA B 301 8.99 24.62 -54.47
C ALA B 301 9.58 24.78 -53.08
N LYS B 302 10.13 25.95 -52.81
CA LYS B 302 10.70 26.24 -51.50
C LYS B 302 9.63 26.22 -50.42
N ALA B 303 8.59 27.02 -50.62
CA ALA B 303 7.47 27.08 -49.68
C ALA B 303 7.04 25.69 -49.26
N ALA B 304 6.89 24.80 -50.23
CA ALA B 304 6.52 23.42 -49.96
C ALA B 304 7.64 22.70 -49.23
N ALA B 305 8.86 22.81 -49.77
CA ALA B 305 10.02 22.16 -49.17
C ALA B 305 10.19 22.53 -47.71
N ASP B 306 10.02 23.82 -47.40
CA ASP B 306 10.15 24.31 -46.03
C ASP B 306 9.14 23.66 -45.10
N ASP B 307 8.12 23.03 -45.66
CA ASP B 307 7.18 22.24 -44.88
C ASP B 307 7.40 20.77 -45.18
N GLY B 308 6.68 19.90 -44.48
CA GLY B 308 6.89 18.47 -44.62
C GLY B 308 6.54 17.92 -46.00
N LEU B 309 6.20 18.81 -46.93
CA LEU B 309 5.71 18.41 -48.25
C LEU B 309 6.63 18.87 -49.37
N PHE B 310 7.22 17.92 -50.08
CA PHE B 310 8.09 18.18 -51.22
C PHE B 310 9.58 18.18 -50.83
N PRO B 311 10.41 17.44 -51.60
CA PRO B 311 11.84 17.24 -51.37
C PRO B 311 12.55 18.48 -50.83
N PRO B 312 13.43 18.29 -49.84
CA PRO B 312 14.12 19.35 -49.09
C PRO B 312 15.06 20.18 -49.96
N ILE B 313 15.68 19.54 -50.96
CA ILE B 313 16.68 20.20 -51.79
C ILE B 313 16.18 21.53 -52.34
N PHE B 314 14.87 21.65 -52.53
CA PHE B 314 14.27 22.85 -53.10
C PHE B 314 14.22 24.03 -52.12
N ALA B 315 15.00 23.91 -51.04
CA ALA B 315 15.13 24.99 -50.06
C ALA B 315 16.53 24.93 -49.46
N ARG B 316 17.35 25.92 -49.78
CA ARG B 316 18.77 25.86 -49.40
C ARG B 316 19.38 27.17 -48.92
N VAL B 317 20.57 27.02 -48.34
CA VAL B 317 21.38 28.11 -47.80
C VAL B 317 21.21 29.43 -48.53
N ASN B 318 21.87 29.57 -49.68
CA ASN B 318 21.83 30.79 -50.47
C ASN B 318 20.47 31.48 -50.37
N LYS B 319 20.49 32.78 -50.14
CA LYS B 319 19.28 33.54 -49.83
C LYS B 319 18.34 33.67 -51.03
N ALA B 320 18.41 32.71 -51.93
CA ALA B 320 17.53 32.67 -53.09
C ALA B 320 17.33 31.25 -53.58
N GLY B 321 16.09 30.78 -53.54
CA GLY B 321 15.75 29.44 -53.98
C GLY B 321 16.63 28.37 -53.37
N GLY B 326 18.45 25.10 -55.46
CA GLY B 326 17.81 24.07 -56.26
C GLY B 326 17.01 24.65 -57.42
N LEU B 327 17.29 25.91 -57.73
CA LEU B 327 16.66 26.58 -58.85
C LEU B 327 17.15 25.97 -60.16
N LEU B 328 18.19 25.15 -60.05
CA LEU B 328 18.82 24.55 -61.22
C LEU B 328 18.13 23.25 -61.61
N ILE B 329 17.52 22.58 -60.64
CA ILE B 329 16.79 21.34 -60.90
C ILE B 329 15.70 21.61 -61.92
N VAL B 330 15.18 22.84 -61.91
CA VAL B 330 14.18 23.27 -62.87
C VAL B 330 14.83 23.45 -64.24
N GLY B 331 16.04 24.01 -64.24
CA GLY B 331 16.78 24.22 -65.47
C GLY B 331 17.17 22.91 -66.12
N VAL B 332 17.65 21.97 -65.31
CA VAL B 332 18.03 20.64 -65.81
C VAL B 332 16.84 19.93 -66.44
N LEU B 333 15.66 20.11 -65.86
CA LEU B 333 14.45 19.49 -66.39
C LEU B 333 13.93 20.19 -67.65
N MET B 334 13.97 21.52 -67.64
CA MET B 334 13.51 22.29 -68.79
C MET B 334 14.32 21.96 -70.04
N THR B 335 15.58 21.57 -69.85
CA THR B 335 16.43 21.20 -70.97
C THR B 335 16.15 19.78 -71.44
N ILE B 336 15.96 18.87 -70.49
CA ILE B 336 15.63 17.48 -70.82
C ILE B 336 14.34 17.42 -71.62
N PHE B 337 13.37 18.26 -71.24
CA PHE B 337 12.09 18.29 -71.91
C PHE B 337 12.08 19.29 -73.07
N GLN B 338 13.26 19.84 -73.37
CA GLN B 338 13.43 20.68 -74.55
C GLN B 338 13.96 19.81 -75.69
N PHE B 339 14.89 18.92 -75.36
CA PHE B 339 15.44 17.99 -76.33
C PHE B 339 14.42 16.93 -76.73
N SER B 340 13.69 16.41 -75.74
CA SER B 340 12.68 15.39 -75.99
C SER B 340 11.40 16.00 -76.54
N SER B 341 11.55 16.90 -77.51
CA SER B 341 10.41 17.56 -78.13
C SER B 341 10.81 18.26 -79.42
N MET B 342 12.11 18.50 -79.60
CA MET B 342 12.53 19.17 -80.83
C MET B 342 13.31 18.27 -81.80
N SER B 343 14.49 17.81 -81.37
CA SER B 343 15.33 16.96 -82.22
C SER B 343 14.76 15.57 -82.54
N PRO B 344 14.17 14.94 -81.54
CA PRO B 344 13.63 13.57 -81.67
C PRO B 344 12.36 13.39 -82.51
N ASN B 345 12.28 12.25 -83.17
CA ASN B 345 11.13 11.85 -83.97
C ASN B 345 10.03 11.22 -83.10
N ALA B 346 8.79 11.42 -83.52
CA ALA B 346 7.62 10.89 -82.84
C ALA B 346 6.49 11.75 -83.35
N ALA B 347 6.40 13.00 -82.89
CA ALA B 347 7.20 13.57 -81.82
C ALA B 347 6.14 14.26 -80.97
N LYS B 348 4.89 14.03 -81.36
CA LYS B 348 3.67 14.63 -80.81
C LYS B 348 3.24 14.37 -79.35
N GLU B 349 3.44 13.17 -78.84
CA GLU B 349 2.96 12.86 -77.49
C GLU B 349 3.57 13.78 -76.44
N PHE B 350 4.86 14.06 -76.57
CA PHE B 350 5.56 14.95 -75.64
C PHE B 350 5.35 16.41 -76.02
N GLY B 351 4.37 16.65 -76.89
CA GLY B 351 3.98 17.99 -77.27
C GLY B 351 2.62 18.33 -76.69
N LEU B 352 1.81 17.30 -76.48
CA LEU B 352 0.50 17.46 -75.86
C LEU B 352 0.67 17.85 -74.40
N VAL B 353 1.68 17.29 -73.77
CA VAL B 353 1.99 17.58 -72.36
C VAL B 353 2.07 19.09 -72.12
N SER B 354 2.62 19.81 -73.09
CA SER B 354 2.81 21.25 -72.96
C SER B 354 1.49 21.99 -72.81
N SER B 355 0.40 21.37 -73.24
CA SER B 355 -0.92 22.00 -73.18
C SER B 355 -1.72 21.54 -71.97
N VAL B 356 -1.37 20.36 -71.45
CA VAL B 356 -2.03 19.83 -70.26
C VAL B 356 -1.68 20.66 -69.04
N SER B 357 -0.40 21.02 -68.93
CA SER B 357 0.09 21.79 -67.80
C SER B 357 -0.68 23.09 -67.61
N VAL B 358 -1.31 23.57 -68.68
CA VAL B 358 -2.07 24.80 -68.62
C VAL B 358 -3.29 24.64 -67.74
N ILE B 359 -3.90 23.46 -67.78
CA ILE B 359 -5.06 23.15 -66.96
C ILE B 359 -4.67 22.95 -65.50
N PHE B 360 -3.47 22.43 -65.27
CA PHE B 360 -2.94 22.28 -63.92
C PHE B 360 -3.06 23.60 -63.18
N THR B 361 -2.77 24.68 -63.88
CA THR B 361 -2.76 26.01 -63.29
C THR B 361 -4.13 26.42 -62.75
N LEU B 362 -5.19 25.73 -63.18
CA LEU B 362 -6.54 26.07 -62.78
C LEU B 362 -6.95 25.47 -61.44
N VAL B 363 -6.27 24.41 -61.02
CA VAL B 363 -6.57 23.77 -59.74
C VAL B 363 -6.23 24.69 -58.55
N PRO B 364 -5.03 25.27 -58.55
CA PRO B 364 -4.72 26.26 -57.50
C PRO B 364 -5.72 27.41 -57.49
N TYR B 365 -6.01 27.96 -58.67
CA TYR B 365 -7.02 29.00 -58.80
C TYR B 365 -8.30 28.62 -58.06
N LEU B 366 -8.71 27.36 -58.22
CA LEU B 366 -9.92 26.86 -57.59
C LEU B 366 -9.84 26.94 -56.07
N TYR B 367 -8.91 26.20 -55.49
CA TYR B 367 -8.78 26.11 -54.03
C TYR B 367 -8.58 27.46 -53.36
N THR B 368 -7.88 28.36 -54.03
CA THR B 368 -7.64 29.69 -53.47
C THR B 368 -8.97 30.35 -53.15
N CYS B 369 -9.93 30.23 -54.08
CA CYS B 369 -11.27 30.76 -53.85
C CYS B 369 -11.90 30.08 -52.65
N ALA B 370 -11.94 28.75 -52.67
CA ALA B 370 -12.46 27.99 -51.55
C ALA B 370 -11.79 28.40 -50.24
N ALA B 371 -10.56 28.87 -50.34
CA ALA B 371 -9.79 29.28 -49.16
C ALA B 371 -10.28 30.62 -48.62
N LEU B 372 -10.35 31.63 -49.48
CA LEU B 372 -10.78 32.96 -49.05
C LEU B 372 -12.15 32.90 -48.38
N LEU B 373 -12.86 31.82 -48.65
CA LEU B 373 -14.15 31.59 -47.99
C LEU B 373 -13.96 30.82 -46.68
N LEU B 374 -13.49 29.59 -46.80
CA LEU B 374 -13.34 28.71 -45.63
C LEU B 374 -12.47 29.32 -44.53
N LEU B 375 -11.44 30.06 -44.92
CA LEU B 375 -10.50 30.65 -43.96
C LEU B 375 -10.89 32.05 -43.51
N GLY B 376 -10.97 32.98 -44.46
CA GLY B 376 -11.20 34.37 -44.14
C GLY B 376 -12.66 34.75 -44.00
N HIS B 377 -13.47 33.83 -43.51
CA HIS B 377 -14.90 34.07 -43.34
C HIS B 377 -15.17 35.02 -42.18
N GLY B 378 -14.10 35.52 -41.56
CA GLY B 378 -14.23 36.43 -40.44
C GLY B 378 -13.87 37.86 -40.79
N HIS B 379 -12.79 38.03 -41.55
CA HIS B 379 -12.29 39.35 -41.90
C HIS B 379 -13.10 40.00 -43.01
N PHE B 380 -14.33 39.53 -43.20
CA PHE B 380 -15.16 39.97 -44.33
C PHE B 380 -15.62 41.42 -44.26
N GLY B 381 -16.11 41.85 -43.10
CA GLY B 381 -16.58 43.22 -42.96
C GLY B 381 -17.53 43.51 -41.82
N LYS B 382 -18.67 42.82 -41.78
CA LYS B 382 -18.97 41.77 -42.75
C LYS B 382 -19.72 42.28 -43.99
N ALA B 383 -18.96 42.59 -45.03
CA ALA B 383 -19.53 42.79 -46.36
C ALA B 383 -19.65 41.41 -46.99
N ARG B 384 -20.09 40.45 -46.16
CA ARG B 384 -20.11 39.04 -46.50
C ARG B 384 -20.68 38.73 -47.89
N PRO B 385 -21.95 39.12 -48.15
CA PRO B 385 -22.57 38.78 -49.43
C PRO B 385 -21.73 39.26 -50.62
N LEU B 386 -21.13 40.43 -50.50
CA LEU B 386 -20.32 41.00 -51.56
C LEU B 386 -19.09 40.12 -51.83
N TYR B 387 -18.41 39.71 -50.78
CA TYR B 387 -17.28 38.80 -50.89
C TYR B 387 -17.74 37.42 -51.34
N LEU B 388 -18.83 36.96 -50.73
CA LEU B 388 -19.38 35.65 -51.03
C LEU B 388 -19.82 35.53 -52.49
N LEU B 389 -19.97 36.66 -53.15
CA LEU B 389 -20.41 36.67 -54.54
C LEU B 389 -19.23 36.76 -55.50
N ILE B 390 -18.27 37.63 -55.18
CA ILE B 390 -17.05 37.75 -55.97
C ILE B 390 -16.36 36.40 -56.10
N THR B 391 -16.30 35.66 -55.00
CA THR B 391 -15.68 34.33 -54.99
C THR B 391 -16.51 33.32 -55.76
N PHE B 392 -17.81 33.59 -55.89
CA PHE B 392 -18.69 32.71 -56.65
C PHE B 392 -18.50 32.91 -58.15
N VAL B 393 -18.14 34.14 -58.53
CA VAL B 393 -17.86 34.43 -59.93
C VAL B 393 -16.53 33.79 -60.33
N ALA B 394 -15.49 34.08 -59.55
CA ALA B 394 -14.17 33.51 -59.81
C ALA B 394 -14.24 31.99 -59.85
N PHE B 395 -15.17 31.42 -59.09
CA PHE B 395 -15.39 29.99 -59.09
C PHE B 395 -15.90 29.55 -60.46
N VAL B 396 -17.04 30.11 -60.86
CA VAL B 396 -17.64 29.79 -62.16
C VAL B 396 -16.67 30.09 -63.30
N TYR B 397 -15.86 31.13 -63.14
CA TYR B 397 -14.83 31.48 -64.11
C TYR B 397 -13.94 30.26 -64.37
N CYS B 398 -13.30 29.78 -63.32
CA CYS B 398 -12.39 28.64 -63.44
C CYS B 398 -13.09 27.40 -63.96
N ILE B 399 -14.36 27.24 -63.60
CA ILE B 399 -15.14 26.08 -64.02
C ILE B 399 -15.38 26.08 -65.53
N TRP B 400 -15.79 27.23 -66.07
CA TRP B 400 -16.02 27.34 -67.50
C TRP B 400 -14.73 27.14 -68.29
N ALA B 401 -13.69 27.82 -67.86
CA ALA B 401 -12.38 27.69 -68.49
C ALA B 401 -12.05 26.21 -68.71
N VAL B 402 -12.32 25.39 -67.70
CA VAL B 402 -12.05 23.96 -67.79
C VAL B 402 -12.98 23.28 -68.81
N ILE B 403 -14.28 23.53 -68.68
CA ILE B 403 -15.26 22.93 -69.58
C ILE B 403 -14.94 23.25 -71.04
N GLY B 404 -14.70 24.53 -71.33
CA GLY B 404 -14.36 24.96 -72.67
C GLY B 404 -12.91 24.68 -73.01
N SER B 405 -12.52 23.41 -72.96
CA SER B 405 -11.14 23.02 -73.25
C SER B 405 -11.07 21.54 -73.65
N GLY B 406 -11.27 21.28 -74.94
CA GLY B 406 -11.21 19.94 -75.50
C GLY B 406 -10.93 18.78 -74.57
N ALA B 407 -11.90 17.87 -74.48
CA ALA B 407 -11.82 16.69 -73.60
C ALA B 407 -10.40 16.18 -73.38
N LYS B 408 -9.77 15.71 -74.44
CA LYS B 408 -8.44 15.09 -74.37
C LYS B 408 -7.57 15.70 -73.29
N GLU B 409 -7.30 17.00 -73.42
CA GLU B 409 -6.45 17.72 -72.49
C GLU B 409 -6.83 17.44 -71.04
N VAL B 410 -8.08 17.74 -70.70
CA VAL B 410 -8.58 17.54 -69.34
C VAL B 410 -8.39 16.12 -68.81
N MET B 411 -8.62 15.13 -69.67
CA MET B 411 -8.54 13.73 -69.26
C MET B 411 -7.23 13.44 -68.55
N TRP B 412 -6.14 13.98 -69.09
CA TRP B 412 -4.82 13.73 -68.52
C TRP B 412 -4.52 14.57 -67.28
N SER B 413 -5.16 15.74 -67.18
CA SER B 413 -5.09 16.52 -65.95
C SER B 413 -5.62 15.67 -64.81
N PHE B 414 -6.75 15.01 -65.06
CA PHE B 414 -7.36 14.11 -64.09
C PHE B 414 -6.41 12.97 -63.73
N VAL B 415 -5.85 12.33 -64.75
CA VAL B 415 -4.92 11.22 -64.53
C VAL B 415 -3.73 11.65 -63.69
N THR B 416 -3.38 12.93 -63.79
CA THR B 416 -2.27 13.46 -63.01
C THR B 416 -2.63 13.53 -61.52
N LEU B 417 -3.83 14.02 -61.23
CA LEU B 417 -4.35 13.98 -59.87
C LEU B 417 -4.30 12.54 -59.38
N MET B 418 -4.75 11.63 -60.24
CA MET B 418 -4.71 10.20 -59.94
C MET B 418 -3.32 9.81 -59.45
N VAL B 419 -2.32 10.17 -60.24
CA VAL B 419 -0.92 9.86 -59.91
C VAL B 419 -0.46 10.57 -58.65
N ILE B 420 -0.61 11.89 -58.63
CA ILE B 420 -0.22 12.68 -57.47
C ILE B 420 -0.66 12.00 -56.18
N THR B 421 -1.95 11.68 -56.11
CA THR B 421 -2.51 11.02 -54.94
C THR B 421 -1.70 9.78 -54.53
N ALA B 422 -1.58 8.83 -55.45
CA ALA B 422 -0.81 7.62 -55.17
C ALA B 422 0.62 7.98 -54.79
N LEU B 423 1.20 8.89 -55.56
CA LEU B 423 2.59 9.33 -55.34
C LEU B 423 2.79 9.85 -53.92
N TYR B 424 1.74 10.40 -53.34
CA TYR B 424 1.81 10.97 -52.00
C TYR B 424 1.67 9.90 -50.93
N ALA B 425 0.68 9.03 -51.08
CA ALA B 425 0.41 7.98 -50.10
C ALA B 425 1.51 6.93 -50.09
N LEU B 426 2.47 7.07 -51.00
CA LEU B 426 3.58 6.13 -51.12
C LEU B 426 4.91 6.77 -50.73
N ASN B 427 4.87 8.04 -50.34
CA ASN B 427 6.09 8.76 -49.96
C ASN B 427 5.98 9.41 -48.58
N TYR B 428 4.75 9.62 -48.13
CA TYR B 428 4.50 10.25 -46.84
C TYR B 428 3.70 9.32 -45.96
N ASN B 429 3.81 8.03 -46.25
CA ASN B 429 3.08 6.99 -45.54
C ASN B 429 3.00 7.24 -44.03
N ARG B 430 4.15 7.39 -43.39
CA ARG B 430 4.20 7.54 -41.94
C ARG B 430 4.42 8.99 -41.48
N ILE B 431 5.02 9.78 -42.35
CA ILE B 431 5.21 11.21 -42.06
C ILE B 431 3.86 11.91 -41.96
N HIS B 432 2.86 11.33 -42.61
CA HIS B 432 1.52 11.92 -42.68
C HIS B 432 0.85 11.99 -41.31
N LYS B 433 0.16 13.10 -41.07
CA LYS B 433 -0.58 13.29 -39.82
C LYS B 433 -2.09 13.10 -40.08
N ASN B 434 -2.61 11.96 -39.62
CA ASN B 434 -3.98 11.57 -39.90
C ASN B 434 -5.03 12.13 -38.94
N PRO B 435 -6.00 12.87 -39.47
CA PRO B 435 -7.18 13.34 -38.76
C PRO B 435 -8.46 12.73 -39.33
N TYR B 436 -9.10 11.83 -38.61
CA TYR B 436 -8.66 11.43 -37.28
C TYR B 436 -8.06 10.03 -37.34
N PRO B 437 -6.99 9.80 -36.56
CA PRO B 437 -6.22 8.54 -36.62
C PRO B 437 -7.04 7.32 -36.25
N LEU B 438 -6.39 6.15 -36.29
CA LEU B 438 -7.05 4.88 -35.96
C LEU B 438 -7.24 4.71 -34.45
N ASP B 439 -6.92 3.51 -33.93
CA ASP B 439 -7.14 3.24 -32.52
C ASP B 439 -5.95 2.65 -31.76
N ALA B 440 -5.73 1.35 -31.92
CA ALA B 440 -4.79 0.62 -31.09
C ALA B 440 -3.91 -0.34 -31.90
N GLY C 11 -6.29 -48.75 53.94
CA GLY C 11 -7.16 -47.83 53.21
C GLY C 11 -7.59 -46.66 54.05
N LEU C 12 -8.81 -46.72 54.59
CA LEU C 12 -9.34 -45.64 55.41
C LEU C 12 -9.19 -45.90 56.90
N ILE C 13 -9.88 -46.92 57.40
CA ILE C 13 -9.85 -47.25 58.82
C ILE C 13 -8.45 -47.24 59.42
N PRO C 14 -7.49 -47.91 58.76
CA PRO C 14 -6.12 -47.93 59.29
C PRO C 14 -5.50 -46.53 59.38
N VAL C 15 -5.83 -45.66 58.42
CA VAL C 15 -5.29 -44.31 58.39
C VAL C 15 -5.95 -43.40 59.42
N THR C 16 -7.27 -43.54 59.57
CA THR C 16 -8.00 -42.75 60.54
C THR C 16 -7.45 -43.00 61.95
N LEU C 17 -7.05 -44.24 62.20
CA LEU C 17 -6.43 -44.60 63.47
C LEU C 17 -4.98 -44.12 63.53
N MET C 18 -4.37 -43.94 62.36
CA MET C 18 -3.01 -43.42 62.30
C MET C 18 -3.00 -41.94 62.67
N VAL C 19 -4.01 -41.21 62.23
CA VAL C 19 -4.13 -39.80 62.54
C VAL C 19 -4.19 -39.59 64.05
N SER C 20 -5.18 -40.21 64.68
CA SER C 20 -5.34 -40.12 66.13
C SER C 20 -4.08 -40.61 66.85
N GLY C 21 -3.51 -41.70 66.36
CA GLY C 21 -2.31 -42.26 66.94
C GLY C 21 -1.12 -41.30 66.91
N ASN C 22 -0.90 -40.65 65.77
CA ASN C 22 0.19 -39.70 65.63
C ASN C 22 0.02 -38.49 66.54
N ILE C 23 -1.22 -38.23 66.95
CA ILE C 23 -1.52 -37.09 67.81
C ILE C 23 -1.40 -37.48 69.28
N MET C 24 -1.89 -38.67 69.62
CA MET C 24 -1.90 -39.14 71.01
C MET C 24 -0.65 -39.95 71.36
N GLY C 25 0.52 -39.41 71.03
CA GLY C 25 1.77 -40.07 71.35
C GLY C 25 2.15 -39.85 72.81
N SER C 26 1.24 -39.25 73.55
CA SER C 26 1.46 -38.95 74.97
C SER C 26 0.12 -38.63 75.63
N GLY C 27 -0.95 -39.15 75.03
CA GLY C 27 -2.30 -38.87 75.49
C GLY C 27 -2.63 -39.49 76.83
N VAL C 28 -1.65 -40.13 77.46
CA VAL C 28 -1.83 -40.74 78.78
C VAL C 28 -1.14 -39.91 79.87
N PHE C 29 0.04 -39.40 79.55
CA PHE C 29 0.82 -38.61 80.49
C PHE C 29 0.35 -37.15 80.52
N LEU C 30 -0.61 -36.84 79.66
CA LEU C 30 -1.11 -35.47 79.52
C LEU C 30 -1.74 -34.94 80.80
N LEU C 31 -2.84 -35.56 81.21
CA LEU C 31 -3.62 -35.11 82.36
C LEU C 31 -2.80 -34.58 83.55
N PRO C 32 -1.76 -35.32 83.96
CA PRO C 32 -0.90 -34.85 85.06
C PRO C 32 -0.19 -33.55 84.74
N ALA C 33 0.54 -33.52 83.62
CA ALA C 33 1.22 -32.31 83.19
C ALA C 33 0.22 -31.19 82.99
N ASN C 34 -1.05 -31.57 82.81
CA ASN C 34 -2.12 -30.62 82.55
C ASN C 34 -2.56 -29.87 83.81
N LEU C 35 -3.25 -30.57 84.70
CA LEU C 35 -3.86 -29.93 85.87
C LEU C 35 -2.86 -29.31 86.83
N ALA C 36 -1.59 -29.31 86.46
CA ALA C 36 -0.56 -28.64 87.25
C ALA C 36 -0.92 -27.16 87.38
N ALA C 37 -1.74 -26.67 86.46
CA ALA C 37 -2.27 -25.31 86.53
C ALA C 37 -3.66 -25.34 87.15
N THR C 38 -4.48 -26.27 86.69
CA THR C 38 -5.84 -26.45 87.20
C THR C 38 -6.49 -27.64 86.52
N GLY C 39 -7.46 -28.26 87.20
CA GLY C 39 -8.13 -29.43 86.67
C GLY C 39 -9.60 -29.21 86.38
N GLY C 40 -10.31 -28.69 87.37
CA GLY C 40 -11.73 -28.44 87.24
C GLY C 40 -12.04 -27.37 86.20
N ILE C 41 -11.36 -26.23 86.34
CA ILE C 41 -11.53 -25.14 85.39
C ILE C 41 -10.38 -25.09 84.40
N ALA C 42 -10.15 -26.22 83.75
CA ALA C 42 -9.26 -26.30 82.59
C ALA C 42 -10.09 -26.87 81.45
N ILE C 43 -11.17 -27.54 81.84
CA ILE C 43 -12.16 -28.04 80.89
C ILE C 43 -12.86 -26.85 80.26
N TYR C 44 -12.69 -25.70 80.89
CA TYR C 44 -13.22 -24.45 80.37
C TYR C 44 -12.25 -23.89 79.32
N GLY C 45 -11.05 -24.47 79.28
CA GLY C 45 -10.03 -24.06 78.34
C GLY C 45 -9.86 -25.04 77.19
N TRP C 46 -10.42 -26.23 77.33
CA TRP C 46 -10.39 -27.22 76.26
C TRP C 46 -11.19 -26.74 75.06
N LEU C 47 -12.30 -26.06 75.33
CA LEU C 47 -13.14 -25.51 74.28
C LEU C 47 -12.32 -24.66 73.30
N VAL C 48 -11.63 -23.66 73.83
CA VAL C 48 -10.80 -22.78 73.02
C VAL C 48 -9.78 -23.57 72.20
N THR C 49 -9.14 -24.55 72.82
CA THR C 49 -8.08 -25.30 72.16
C THR C 49 -8.61 -26.38 71.23
N ILE C 50 -9.88 -26.73 71.38
CA ILE C 50 -10.48 -27.79 70.58
C ILE C 50 -11.18 -27.23 69.34
N ILE C 51 -11.70 -26.02 69.46
CA ILE C 51 -12.34 -25.34 68.34
C ILE C 51 -11.29 -24.97 67.30
N GLY C 52 -10.24 -24.29 67.76
CA GLY C 52 -9.14 -23.91 66.89
C GLY C 52 -8.47 -25.11 66.25
N ALA C 53 -8.39 -26.21 67.00
CA ALA C 53 -7.83 -27.44 66.47
C ALA C 53 -8.75 -28.01 65.41
N LEU C 54 -10.05 -27.93 65.66
CA LEU C 54 -11.03 -28.42 64.69
C LEU C 54 -10.97 -27.59 63.41
N ALA C 55 -10.61 -26.32 63.54
CA ALA C 55 -10.45 -25.45 62.38
C ALA C 55 -9.31 -25.95 61.49
N LEU C 56 -8.21 -26.34 62.11
CA LEU C 56 -7.07 -26.87 61.37
C LEU C 56 -7.45 -28.16 60.64
N SER C 57 -8.19 -29.02 61.32
CA SER C 57 -8.64 -30.27 60.70
C SER C 57 -9.52 -29.97 59.50
N MET C 58 -10.31 -28.90 59.60
CA MET C 58 -11.12 -28.45 58.48
C MET C 58 -10.21 -28.04 57.30
N VAL C 59 -9.33 -27.08 57.56
CA VAL C 59 -8.42 -26.58 56.54
C VAL C 59 -7.75 -27.71 55.79
N TYR C 60 -7.03 -28.56 56.51
CA TYR C 60 -6.33 -29.68 55.88
C TYR C 60 -7.29 -30.63 55.18
N ALA C 61 -8.50 -30.78 55.73
CA ALA C 61 -9.49 -31.67 55.14
C ALA C 61 -9.98 -31.15 53.78
N LYS C 62 -10.19 -29.83 53.70
CA LYS C 62 -10.68 -29.22 52.48
C LYS C 62 -9.57 -29.09 51.44
N MET C 63 -8.40 -28.64 51.89
CA MET C 63 -7.27 -28.42 50.99
C MET C 63 -6.77 -29.73 50.38
N SER C 64 -7.10 -30.85 51.00
CA SER C 64 -6.67 -32.16 50.52
C SER C 64 -7.66 -32.75 49.51
N SER C 65 -8.94 -32.40 49.67
CA SER C 65 -9.95 -32.87 48.74
C SER C 65 -9.84 -32.15 47.40
N LEU C 66 -9.25 -30.95 47.44
CA LEU C 66 -9.01 -30.17 46.23
C LEU C 66 -7.77 -30.66 45.48
N ASP C 67 -6.79 -31.14 46.25
CA ASP C 67 -5.53 -31.60 45.68
C ASP C 67 -4.83 -32.57 46.62
N PRO C 68 -5.10 -33.88 46.44
CA PRO C 68 -4.48 -34.93 47.26
C PRO C 68 -3.03 -35.20 46.86
N SER C 69 -2.29 -34.15 46.53
CA SER C 69 -0.87 -34.28 46.20
C SER C 69 -0.12 -35.00 47.32
N PRO C 70 0.95 -35.71 46.97
CA PRO C 70 1.70 -36.55 47.90
C PRO C 70 3.16 -36.13 48.12
N GLY C 71 3.40 -34.96 48.69
CA GLY C 71 2.34 -34.06 49.11
C GLY C 71 2.37 -33.73 50.59
N GLY C 72 2.42 -32.44 50.89
CA GLY C 72 2.22 -31.97 52.25
C GLY C 72 0.78 -31.54 52.41
N SER C 73 0.53 -30.33 52.92
CA SER C 73 1.55 -29.40 53.43
C SER C 73 2.57 -28.91 52.40
N TYR C 74 3.67 -29.64 52.25
CA TYR C 74 4.72 -29.30 51.30
C TYR C 74 4.18 -28.90 49.93
N ALA C 75 3.30 -29.74 49.38
CA ALA C 75 2.75 -29.51 48.05
C ALA C 75 1.91 -28.25 48.02
N TYR C 76 0.91 -28.20 48.89
CA TYR C 76 0.03 -27.05 49.00
C TYR C 76 0.87 -25.77 49.05
N ALA C 77 1.90 -25.79 49.88
CA ALA C 77 2.78 -24.65 50.06
C ALA C 77 3.54 -24.35 48.78
N ARG C 78 3.89 -25.39 48.06
CA ARG C 78 4.61 -25.23 46.80
C ARG C 78 3.74 -24.53 45.78
N ARG C 79 2.56 -25.09 45.52
CA ARG C 79 1.66 -24.53 44.52
C ARG C 79 1.09 -23.19 44.98
N CYS C 80 1.50 -22.75 46.16
CA CYS C 80 0.97 -21.52 46.72
C CYS C 80 1.97 -20.38 46.60
N PHE C 81 3.13 -20.54 47.24
CA PHE C 81 4.14 -19.48 47.27
C PHE C 81 5.33 -19.80 46.39
N GLY C 82 5.35 -21.01 45.86
CA GLY C 82 6.38 -21.41 44.91
C GLY C 82 7.25 -22.55 45.38
N PRO C 83 8.52 -22.57 44.93
CA PRO C 83 9.46 -23.64 45.27
C PRO C 83 10.20 -23.34 46.56
N PHE C 84 10.71 -22.12 46.70
CA PHE C 84 11.51 -21.76 47.87
C PHE C 84 10.78 -22.01 49.18
N LEU C 85 9.51 -21.64 49.24
CA LEU C 85 8.72 -21.84 50.46
C LEU C 85 8.14 -23.26 50.54
N GLY C 86 8.28 -24.01 49.46
CA GLY C 86 7.92 -25.42 49.46
C GLY C 86 9.11 -26.23 49.93
N TYR C 87 10.30 -25.77 49.55
CA TYR C 87 11.55 -26.35 50.01
C TYR C 87 11.69 -26.14 51.50
N GLN C 88 11.33 -24.94 51.95
CA GLN C 88 11.37 -24.59 53.36
C GLN C 88 10.44 -25.50 54.17
N THR C 89 9.16 -25.54 53.78
CA THR C 89 8.20 -26.40 54.47
C THR C 89 8.70 -27.82 54.62
N ASN C 90 9.22 -28.37 53.54
CA ASN C 90 9.74 -29.74 53.55
C ASN C 90 10.80 -29.95 54.63
N VAL C 91 11.96 -29.32 54.45
CA VAL C 91 13.07 -29.48 55.38
C VAL C 91 12.62 -29.41 56.83
N LEU C 92 11.74 -28.46 57.14
CA LEU C 92 11.29 -28.27 58.51
C LEU C 92 10.48 -29.47 58.98
N TYR C 93 9.37 -29.73 58.30
CA TYR C 93 8.46 -30.81 58.70
C TYR C 93 9.17 -32.16 58.67
N TRP C 94 10.17 -32.28 57.80
CA TRP C 94 10.97 -33.49 57.74
C TRP C 94 11.76 -33.63 59.03
N LEU C 95 12.50 -32.58 59.39
CA LEU C 95 13.24 -32.57 60.64
C LEU C 95 12.31 -32.84 61.83
N ALA C 96 11.23 -32.07 61.91
CA ALA C 96 10.27 -32.22 62.98
C ALA C 96 9.80 -33.65 63.13
N CYS C 97 9.93 -34.45 62.07
CA CYS C 97 9.48 -35.83 62.09
C CYS C 97 10.46 -36.77 62.78
N TRP C 98 11.71 -36.80 62.32
CA TRP C 98 12.71 -37.70 62.89
C TRP C 98 13.38 -37.13 64.14
N ILE C 99 13.67 -35.84 64.12
CA ILE C 99 14.24 -35.18 65.30
C ILE C 99 13.29 -35.32 66.48
N GLY C 100 12.01 -35.09 66.23
CA GLY C 100 11.01 -35.20 67.27
C GLY C 100 10.80 -36.64 67.68
N ASN C 101 11.15 -37.57 66.78
CA ASN C 101 10.95 -38.98 67.03
C ASN C 101 11.92 -39.53 68.09
N ILE C 102 13.03 -38.83 68.28
CA ILE C 102 14.02 -39.22 69.29
C ILE C 102 13.39 -39.33 70.67
N ALA C 103 12.86 -38.21 71.16
CA ALA C 103 12.24 -38.17 72.48
C ALA C 103 11.05 -39.11 72.56
N MET C 104 10.43 -39.38 71.41
CA MET C 104 9.29 -40.29 71.35
C MET C 104 9.65 -41.67 71.87
N VAL C 105 10.81 -42.17 71.46
CA VAL C 105 11.26 -43.50 71.86
C VAL C 105 11.65 -43.55 73.33
N VAL C 106 12.48 -42.59 73.75
CA VAL C 106 12.94 -42.52 75.13
C VAL C 106 11.80 -42.70 76.13
N ILE C 107 10.75 -41.91 75.94
CA ILE C 107 9.58 -41.98 76.82
C ILE C 107 8.82 -43.28 76.61
N GLY C 108 8.76 -43.73 75.37
CA GLY C 108 8.07 -44.97 75.03
C GLY C 108 8.70 -46.18 75.70
N VAL C 109 10.02 -46.25 75.66
CA VAL C 109 10.75 -47.32 76.32
C VAL C 109 10.62 -47.19 77.83
N GLY C 110 10.56 -45.95 78.30
CA GLY C 110 10.41 -45.68 79.72
C GLY C 110 9.07 -46.11 80.28
N TYR C 111 8.31 -46.85 79.47
CA TYR C 111 7.04 -47.42 79.92
C TYR C 111 7.17 -48.94 80.05
N LEU C 112 8.31 -49.46 79.62
CA LEU C 112 8.60 -50.88 79.72
C LEU C 112 9.65 -51.13 80.80
N SER C 113 10.72 -50.34 80.76
CA SER C 113 11.80 -50.46 81.73
C SER C 113 11.47 -49.68 83.01
N TYR C 114 10.21 -49.31 83.15
CA TYR C 114 9.76 -48.57 84.32
C TYR C 114 8.74 -49.41 85.09
N PHE C 115 8.20 -50.42 84.42
CA PHE C 115 7.15 -51.25 85.00
C PHE C 115 7.66 -52.63 85.40
N PHE C 116 8.51 -53.23 84.57
CA PHE C 116 8.97 -54.58 84.83
C PHE C 116 9.92 -54.69 86.03
N PRO C 117 11.00 -53.87 86.06
CA PRO C 117 11.48 -52.95 85.03
C PRO C 117 12.74 -53.49 84.38
N ILE C 118 12.59 -54.20 83.27
CA ILE C 118 13.69 -54.88 82.60
C ILE C 118 15.07 -54.25 82.87
N LEU C 119 15.35 -53.12 82.23
CA LEU C 119 16.65 -52.46 82.37
C LEU C 119 16.50 -50.95 82.36
N LYS C 120 16.98 -50.30 83.42
CA LYS C 120 16.68 -48.89 83.67
C LYS C 120 17.90 -47.98 83.78
N ASP C 121 19.02 -48.37 83.18
CA ASP C 121 20.26 -47.60 83.30
C ASP C 121 20.78 -47.10 81.96
N PRO C 122 21.84 -46.26 81.97
CA PRO C 122 22.40 -45.71 80.73
C PRO C 122 23.05 -46.77 79.84
N LEU C 123 23.17 -46.45 78.55
CA LEU C 123 23.79 -47.34 77.57
C LEU C 123 23.08 -48.68 77.43
N VAL C 124 22.15 -48.95 78.34
CA VAL C 124 21.38 -50.18 78.30
C VAL C 124 20.02 -49.91 77.67
N LEU C 125 19.54 -48.69 77.87
CA LEU C 125 18.29 -48.23 77.26
C LEU C 125 18.60 -47.59 75.92
N THR C 126 19.81 -47.06 75.79
CA THR C 126 20.25 -46.42 74.55
C THR C 126 20.27 -47.41 73.39
N LEU C 127 20.54 -48.68 73.69
CA LEU C 127 20.62 -49.70 72.67
C LEU C 127 19.28 -50.37 72.40
N THR C 128 18.36 -50.28 73.35
CA THR C 128 17.00 -50.76 73.14
C THR C 128 16.20 -49.73 72.35
N CYS C 129 16.63 -48.48 72.43
CA CYS C 129 16.05 -47.42 71.62
C CYS C 129 16.44 -47.63 70.16
N VAL C 130 17.73 -47.54 69.89
CA VAL C 130 18.26 -47.78 68.55
C VAL C 130 17.67 -49.05 67.98
N ALA C 131 17.46 -50.04 68.85
CA ALA C 131 16.87 -51.31 68.44
C ALA C 131 15.44 -51.12 67.93
N VAL C 132 14.55 -50.69 68.82
CA VAL C 132 13.15 -50.51 68.47
C VAL C 132 12.97 -49.49 67.36
N LEU C 133 13.88 -48.52 67.28
CA LEU C 133 13.87 -47.56 66.19
C LEU C 133 13.93 -48.26 64.85
N TRP C 134 15.04 -48.96 64.62
CA TRP C 134 15.25 -49.66 63.36
C TRP C 134 14.19 -50.72 63.10
N ILE C 135 13.50 -51.16 64.16
CA ILE C 135 12.41 -52.10 64.01
C ILE C 135 11.35 -51.51 63.09
N PHE C 136 11.08 -50.22 63.28
CA PHE C 136 10.05 -49.53 62.49
C PHE C 136 10.62 -48.92 61.20
N VAL C 137 11.90 -48.58 61.21
CA VAL C 137 12.56 -48.10 60.00
C VAL C 137 12.69 -49.26 59.03
N LEU C 138 12.35 -50.46 59.50
CA LEU C 138 12.37 -51.66 58.67
C LEU C 138 10.97 -52.18 58.43
N LEU C 139 10.01 -51.76 59.26
CA LEU C 139 8.61 -52.09 59.03
C LEU C 139 8.03 -51.18 57.96
N ASN C 140 8.63 -49.99 57.81
CA ASN C 140 8.28 -49.09 56.72
C ASN C 140 8.82 -49.63 55.40
N ILE C 141 10.12 -49.94 55.39
CA ILE C 141 10.74 -50.56 54.23
C ILE C 141 11.05 -52.02 54.52
N VAL C 142 10.26 -52.91 53.94
CA VAL C 142 9.19 -52.52 53.04
C VAL C 142 7.82 -52.78 53.66
N GLY C 143 6.82 -52.03 53.22
CA GLY C 143 5.45 -52.25 53.65
C GLY C 143 4.77 -51.05 54.27
N PRO C 144 4.26 -50.13 53.42
CA PRO C 144 3.43 -49.03 53.92
C PRO C 144 2.14 -49.58 54.50
N LYS C 145 1.72 -50.74 54.01
CA LYS C 145 0.52 -51.40 54.51
C LYS C 145 0.86 -52.15 55.79
N MET C 146 2.16 -52.38 55.99
CA MET C 146 2.65 -53.07 57.17
C MET C 146 2.54 -52.22 58.43
N ILE C 147 3.24 -51.09 58.44
CA ILE C 147 3.26 -50.20 59.60
C ILE C 147 1.88 -49.64 59.94
N THR C 148 1.07 -49.38 58.91
CA THR C 148 -0.28 -48.87 59.14
C THR C 148 -1.16 -49.91 59.85
N ARG C 149 -0.84 -51.18 59.66
CA ARG C 149 -1.48 -52.25 60.40
C ARG C 149 -1.02 -52.19 61.86
N VAL C 150 0.30 -52.22 62.04
CA VAL C 150 0.90 -52.13 63.36
C VAL C 150 0.34 -50.94 64.12
N GLN C 151 0.52 -49.75 63.54
CA GLN C 151 0.01 -48.51 64.12
C GLN C 151 -1.45 -48.66 64.53
N ALA C 152 -2.28 -49.10 63.60
CA ALA C 152 -3.71 -49.23 63.84
C ALA C 152 -4.02 -50.08 65.07
N VAL C 153 -3.29 -51.17 65.22
CA VAL C 153 -3.48 -52.06 66.36
C VAL C 153 -2.90 -51.47 67.64
N ALA C 154 -1.69 -50.93 67.54
CA ALA C 154 -1.02 -50.33 68.68
C ALA C 154 -1.87 -49.25 69.33
N THR C 155 -2.49 -48.42 68.48
CA THR C 155 -3.34 -47.34 68.97
C THR C 155 -4.68 -47.87 69.47
N VAL C 156 -5.10 -49.02 68.92
CA VAL C 156 -6.32 -49.67 69.38
C VAL C 156 -6.13 -50.18 70.81
N LEU C 157 -4.95 -50.71 71.09
CA LEU C 157 -4.62 -51.21 72.42
C LEU C 157 -4.44 -50.06 73.40
N ALA C 158 -3.71 -49.03 72.96
CA ALA C 158 -3.45 -47.88 73.81
C ALA C 158 -4.72 -47.07 74.07
N LEU C 159 -5.77 -47.40 73.32
CA LEU C 159 -7.05 -46.71 73.47
C LEU C 159 -7.91 -47.42 74.51
N VAL C 160 -7.78 -48.74 74.59
CA VAL C 160 -8.56 -49.55 75.52
C VAL C 160 -8.66 -48.96 76.93
N PRO C 161 -7.52 -48.50 77.49
CA PRO C 161 -7.57 -47.88 78.81
C PRO C 161 -8.34 -46.56 78.80
N ILE C 162 -7.97 -45.65 77.91
CA ILE C 162 -8.58 -44.32 77.88
C ILE C 162 -10.04 -44.35 77.48
N VAL C 163 -10.37 -45.15 76.46
CA VAL C 163 -11.77 -45.34 76.07
C VAL C 163 -12.48 -46.12 77.16
N GLY C 164 -11.70 -46.91 77.90
CA GLY C 164 -12.22 -47.64 79.04
C GLY C 164 -12.53 -46.69 80.18
N ILE C 165 -11.87 -45.53 80.17
CA ILE C 165 -12.15 -44.48 81.13
C ILE C 165 -13.40 -43.72 80.71
N ALA C 166 -14.45 -44.47 80.41
CA ALA C 166 -15.76 -43.91 80.14
C ALA C 166 -16.68 -44.30 81.30
N VAL C 167 -16.09 -44.37 82.48
CA VAL C 167 -16.81 -44.71 83.71
C VAL C 167 -16.70 -43.58 84.73
N PHE C 168 -17.73 -42.73 84.76
CA PHE C 168 -17.70 -41.51 85.56
C PHE C 168 -18.22 -41.67 86.98
N GLY C 169 -17.97 -42.83 87.59
CA GLY C 169 -18.38 -43.07 88.96
C GLY C 169 -17.22 -43.01 89.92
N TRP C 170 -17.13 -41.93 90.71
CA TRP C 170 -18.08 -40.83 90.64
C TRP C 170 -17.39 -39.52 90.99
N PHE C 171 -17.27 -38.64 90.00
CA PHE C 171 -16.52 -37.39 90.15
C PHE C 171 -16.90 -36.58 91.39
N TRP C 172 -15.90 -36.00 92.04
CA TRP C 172 -16.11 -35.14 93.20
C TRP C 172 -15.56 -33.74 92.90
N PHE C 173 -16.39 -32.72 93.09
CA PHE C 173 -16.05 -31.35 92.76
C PHE C 173 -14.58 -31.00 93.02
N LYS C 174 -13.99 -30.21 92.12
CA LYS C 174 -12.61 -29.79 92.25
C LYS C 174 -12.49 -28.27 92.37
N TRP C 182 -10.27 -26.19 90.53
CA TRP C 182 -10.15 -24.87 89.92
C TRP C 182 -8.96 -24.11 90.48
N ASN C 183 -8.25 -24.74 91.42
CA ASN C 183 -7.13 -24.14 92.13
C ASN C 183 -5.99 -23.71 91.20
N VAL C 184 -6.24 -22.69 90.39
CA VAL C 184 -5.27 -22.19 89.43
C VAL C 184 -4.30 -21.21 90.09
N SER C 185 -3.08 -21.14 89.56
CA SER C 185 -2.10 -20.20 90.06
C SER C 185 -2.52 -18.76 89.78
N GLY C 186 -2.64 -17.99 90.86
CA GLY C 186 -2.81 -16.53 90.80
C GLY C 186 -3.88 -15.87 89.94
N MET C 187 -3.67 -15.85 88.63
CA MET C 187 -4.27 -14.86 87.75
C MET C 187 -5.78 -14.99 87.55
N ASN C 188 -6.38 -13.97 86.95
CA ASN C 188 -7.81 -13.97 86.67
C ASN C 188 -8.20 -15.18 85.83
N THR C 189 -9.51 -15.45 85.74
CA THR C 189 -10.00 -16.60 84.99
C THR C 189 -9.41 -16.64 83.58
N PHE C 190 -9.22 -15.46 82.99
CA PHE C 190 -8.66 -15.36 81.65
C PHE C 190 -7.18 -15.74 81.64
N GLY C 191 -6.40 -15.10 82.52
CA GLY C 191 -4.98 -15.35 82.61
C GLY C 191 -4.66 -16.77 83.07
N ALA C 192 -5.69 -17.48 83.55
CA ALA C 192 -5.52 -18.86 83.98
C ALA C 192 -5.69 -19.81 82.80
N ILE C 193 -6.65 -19.51 81.93
CA ILE C 193 -6.90 -20.32 80.75
C ILE C 193 -5.72 -20.25 79.78
N GLN C 194 -5.02 -19.12 79.80
CA GLN C 194 -3.89 -18.91 78.90
C GLN C 194 -2.74 -19.85 79.23
N SER C 195 -2.60 -20.19 80.50
CA SER C 195 -1.55 -21.09 80.95
C SER C 195 -1.96 -22.55 80.79
N THR C 196 -3.24 -22.77 80.49
CA THR C 196 -3.74 -24.10 80.21
C THR C 196 -3.49 -24.43 78.74
N LEU C 197 -3.49 -23.40 77.91
CA LEU C 197 -3.31 -23.55 76.48
C LEU C 197 -1.90 -24.00 76.14
N ASN C 198 -0.91 -23.52 76.89
CA ASN C 198 0.48 -23.87 76.66
C ASN C 198 0.70 -25.38 76.63
N VAL C 199 -0.33 -26.12 77.04
CA VAL C 199 -0.27 -27.58 77.07
C VAL C 199 -1.28 -28.20 76.11
N THR C 200 -2.47 -27.60 76.06
CA THR C 200 -3.56 -28.17 75.26
C THR C 200 -3.46 -27.82 73.78
N LEU C 201 -2.70 -26.78 73.45
CA LEU C 201 -2.51 -26.39 72.05
C LEU C 201 -1.60 -27.39 71.34
N TRP C 202 -0.43 -27.63 71.93
CA TRP C 202 0.56 -28.53 71.34
C TRP C 202 0.21 -29.99 71.58
N SER C 203 -1.07 -30.26 71.83
CA SER C 203 -1.52 -31.64 72.03
C SER C 203 -2.20 -32.18 70.77
N PHE C 204 -2.46 -31.29 69.82
CA PHE C 204 -3.08 -31.69 68.56
C PHE C 204 -2.10 -31.61 67.40
N ILE C 205 -0.86 -31.26 67.68
CA ILE C 205 0.20 -31.35 66.68
C ILE C 205 0.34 -32.80 66.26
N GLY C 206 -0.39 -33.17 65.21
CA GLY C 206 -0.42 -34.54 64.75
C GLY C 206 -1.41 -34.74 63.63
N VAL C 207 -2.32 -33.79 63.47
CA VAL C 207 -3.24 -33.80 62.34
C VAL C 207 -2.40 -33.71 61.08
N GLU C 208 -3.05 -33.39 59.96
CA GLU C 208 -2.35 -33.28 58.67
C GLU C 208 -1.48 -34.49 58.34
N SER C 209 -1.53 -35.51 59.19
CA SER C 209 -0.75 -36.72 58.98
C SER C 209 -1.25 -37.43 57.72
N ALA C 210 -2.55 -37.37 57.48
CA ALA C 210 -3.15 -38.01 56.31
C ALA C 210 -2.89 -37.20 55.05
N SER C 211 -2.68 -35.89 55.21
CA SER C 211 -2.40 -35.02 54.09
C SER C 211 -1.04 -35.32 53.46
N VAL C 212 -0.09 -35.75 54.29
CA VAL C 212 1.21 -36.16 53.80
C VAL C 212 1.21 -37.64 53.43
N ALA C 213 0.25 -38.37 54.01
CA ALA C 213 0.13 -39.80 53.75
C ALA C 213 -0.33 -40.06 52.32
N ALA C 214 -1.09 -39.13 51.76
CA ALA C 214 -1.54 -39.24 50.37
C ALA C 214 -0.38 -39.60 49.46
N GLY C 215 -0.68 -40.20 48.32
CA GLY C 215 0.33 -40.81 47.48
C GLY C 215 0.35 -42.28 47.85
N VAL C 216 0.21 -42.52 49.15
CA VAL C 216 -0.15 -43.83 49.65
C VAL C 216 -1.63 -43.74 49.98
N VAL C 217 -2.04 -44.27 51.14
CA VAL C 217 -3.42 -44.16 51.59
C VAL C 217 -4.40 -44.96 50.73
N LYS C 218 -4.30 -44.78 49.42
CA LYS C 218 -5.24 -45.38 48.48
C LYS C 218 -6.66 -44.89 48.76
N ASN C 219 -7.30 -44.35 47.73
CA ASN C 219 -8.62 -43.72 47.83
C ASN C 219 -8.59 -42.25 48.27
N PRO C 220 -7.52 -41.52 47.90
CA PRO C 220 -7.39 -40.14 48.36
C PRO C 220 -8.54 -39.26 47.88
N LYS C 221 -8.49 -37.97 48.25
CA LYS C 221 -9.47 -36.98 47.83
C LYS C 221 -10.83 -37.17 48.52
N ARG C 222 -11.02 -38.34 49.13
CA ARG C 222 -12.22 -38.60 49.91
C ARG C 222 -11.87 -39.17 51.29
N ASN C 223 -11.07 -40.22 51.30
CA ASN C 223 -10.64 -40.84 52.55
C ASN C 223 -9.79 -39.88 53.40
N VAL C 224 -8.88 -39.17 52.75
CA VAL C 224 -7.99 -38.25 53.46
C VAL C 224 -8.75 -37.29 54.36
N PRO C 225 -9.69 -36.52 53.81
CA PRO C 225 -10.43 -35.56 54.63
C PRO C 225 -11.21 -36.25 55.74
N ILE C 226 -11.77 -37.43 55.45
CA ILE C 226 -12.54 -38.17 56.43
C ILE C 226 -11.67 -38.56 57.63
N ALA C 227 -10.44 -38.98 57.36
CA ALA C 227 -9.51 -39.33 58.42
C ALA C 227 -8.99 -38.09 59.13
N THR C 228 -8.55 -37.11 58.35
CA THR C 228 -8.04 -35.86 58.90
C THR C 228 -9.06 -35.19 59.83
N ILE C 229 -10.33 -35.47 59.60
CA ILE C 229 -11.39 -34.97 60.46
C ILE C 229 -11.77 -36.01 61.53
N GLY C 230 -11.83 -37.27 61.12
CA GLY C 230 -12.22 -38.34 62.01
C GLY C 230 -11.26 -38.55 63.17
N GLY C 231 -9.98 -38.67 62.85
CA GLY C 231 -8.96 -38.86 63.86
C GLY C 231 -8.96 -37.77 64.91
N VAL C 232 -8.99 -36.52 64.46
CA VAL C 232 -9.00 -35.37 65.36
C VAL C 232 -10.24 -35.42 66.25
N LEU C 233 -11.38 -35.72 65.65
CA LEU C 233 -12.64 -35.81 66.40
C LEU C 233 -12.53 -36.89 67.47
N ILE C 234 -11.84 -37.98 67.12
CA ILE C 234 -11.62 -39.08 68.05
C ILE C 234 -10.76 -38.63 69.23
N ALA C 235 -9.56 -38.14 68.92
CA ALA C 235 -8.62 -37.68 69.95
C ALA C 235 -9.18 -36.54 70.78
N ALA C 236 -10.07 -35.74 70.18
CA ALA C 236 -10.69 -34.63 70.87
C ALA C 236 -11.57 -35.12 72.01
N VAL C 237 -12.35 -36.16 71.74
CA VAL C 237 -13.21 -36.77 72.76
C VAL C 237 -12.37 -37.53 73.79
N CYS C 238 -11.38 -38.27 73.30
CA CYS C 238 -10.50 -39.05 74.17
C CYS C 238 -9.72 -38.17 75.14
N TYR C 239 -9.64 -36.88 74.83
CA TYR C 239 -8.98 -35.93 75.72
C TYR C 239 -9.93 -35.43 76.79
N VAL C 240 -11.05 -34.85 76.35
CA VAL C 240 -12.05 -34.31 77.27
C VAL C 240 -12.64 -35.37 78.19
N LEU C 241 -13.19 -36.42 77.62
CA LEU C 241 -13.81 -37.49 78.41
C LEU C 241 -12.73 -38.37 79.07
N SER C 242 -11.65 -37.75 79.51
CA SER C 242 -10.56 -38.46 80.15
C SER C 242 -9.82 -37.54 81.12
N THR C 243 -9.37 -36.39 80.63
CA THR C 243 -8.68 -35.42 81.47
C THR C 243 -9.63 -34.82 82.51
N THR C 244 -10.93 -34.97 82.28
CA THR C 244 -11.93 -34.51 83.23
C THR C 244 -12.45 -35.71 84.02
N ALA C 245 -12.35 -36.88 83.40
CA ALA C 245 -12.81 -38.11 84.03
C ALA C 245 -11.92 -38.50 85.20
N ILE C 246 -10.80 -37.81 85.36
CA ILE C 246 -9.88 -38.08 86.46
C ILE C 246 -9.54 -36.83 87.26
N MET C 247 -10.56 -36.01 87.53
CA MET C 247 -10.42 -34.85 88.40
C MET C 247 -11.77 -34.13 88.59
N GLY C 248 -12.68 -34.77 89.33
CA GLY C 248 -12.42 -36.05 89.96
C GLY C 248 -12.69 -37.22 89.03
N MET C 249 -12.84 -38.41 89.61
CA MET C 249 -12.89 -38.58 91.05
C MET C 249 -11.63 -39.22 91.62
N ILE C 250 -10.87 -39.89 90.74
CA ILE C 250 -9.77 -40.75 91.17
C ILE C 250 -8.67 -40.04 91.96
N PRO C 251 -7.91 -39.16 91.30
CA PRO C 251 -6.68 -38.65 91.91
C PRO C 251 -6.82 -37.29 92.58
N ASN C 252 -8.00 -36.99 93.12
CA ASN C 252 -8.20 -35.75 93.87
C ASN C 252 -7.20 -35.65 95.01
N ALA C 253 -6.65 -34.46 95.23
CA ALA C 253 -7.00 -33.29 94.42
C ALA C 253 -5.89 -32.96 93.43
N ALA C 254 -5.75 -31.67 93.13
CA ALA C 254 -4.75 -31.20 92.16
C ALA C 254 -3.35 -31.18 92.75
N LEU C 255 -3.16 -31.90 93.86
CA LEU C 255 -1.86 -31.99 94.51
C LEU C 255 -1.38 -33.43 94.60
N ARG C 256 -2.26 -34.37 94.25
CA ARG C 256 -1.89 -35.79 94.25
C ARG C 256 -1.38 -36.21 92.88
N VAL C 257 -2.07 -35.79 91.83
CA VAL C 257 -1.67 -36.11 90.47
C VAL C 257 -0.55 -35.18 90.01
N SER C 258 -0.54 -33.97 90.55
CA SER C 258 0.45 -32.96 90.17
C SER C 258 1.88 -33.44 90.43
N ALA C 259 2.02 -34.60 91.05
CA ALA C 259 3.33 -35.15 91.38
C ALA C 259 3.63 -36.43 90.61
N SER C 260 2.72 -37.39 90.70
CA SER C 260 2.92 -38.70 90.08
C SER C 260 2.38 -38.77 88.65
N PRO C 261 3.09 -39.48 87.78
CA PRO C 261 2.74 -39.66 86.36
C PRO C 261 1.54 -40.59 86.14
N PHE C 262 0.40 -40.25 86.75
CA PHE C 262 -0.84 -40.99 86.54
C PHE C 262 -0.61 -42.49 86.30
N GLY C 263 -1.09 -42.98 85.18
CA GLY C 263 -0.95 -44.38 84.81
C GLY C 263 -1.66 -45.32 85.78
N ASP C 264 -0.90 -45.86 86.73
CA ASP C 264 -1.42 -46.79 87.71
C ASP C 264 -2.37 -46.11 88.69
N ALA C 265 -2.31 -44.78 88.74
CA ALA C 265 -3.15 -44.01 89.64
C ALA C 265 -4.61 -44.06 89.22
N ALA C 266 -4.89 -44.78 88.13
CA ALA C 266 -6.25 -44.93 87.64
C ALA C 266 -6.91 -46.17 88.24
N ARG C 267 -6.09 -47.06 88.77
CA ARG C 267 -6.57 -48.33 89.30
C ARG C 267 -7.00 -48.20 90.76
N MET C 268 -6.55 -47.13 91.41
CA MET C 268 -6.81 -46.92 92.82
C MET C 268 -8.31 -47.01 93.17
N ALA C 269 -9.18 -46.65 92.24
CA ALA C 269 -10.62 -46.83 92.45
C ALA C 269 -11.34 -45.94 91.46
N LEU C 270 -12.50 -46.36 90.95
CA LEU C 270 -13.24 -47.58 91.22
C LEU C 270 -12.60 -48.90 90.76
N GLY C 271 -12.45 -49.83 91.71
CA GLY C 271 -12.01 -51.19 91.45
C GLY C 271 -11.06 -51.42 90.28
N ASP C 272 -9.80 -51.71 90.61
CA ASP C 272 -8.81 -52.11 89.62
C ASP C 272 -7.50 -52.47 90.31
N THR C 273 -7.19 -53.77 90.33
CA THR C 273 -6.08 -54.29 91.11
C THR C 273 -4.72 -54.15 90.43
N ALA C 274 -3.68 -53.88 91.21
CA ALA C 274 -2.31 -53.82 90.72
C ALA C 274 -1.89 -55.20 90.23
N GLY C 275 -0.89 -55.25 89.35
CA GLY C 275 -0.20 -54.06 88.89
C GLY C 275 -0.87 -53.40 87.69
N ALA C 276 -0.16 -52.48 87.06
CA ALA C 276 -0.73 -51.68 85.97
C ALA C 276 -0.67 -52.39 84.62
N ILE C 277 -1.84 -52.80 84.12
CA ILE C 277 -1.94 -53.30 82.76
C ILE C 277 -2.10 -52.10 81.83
N VAL C 278 -2.13 -50.91 82.43
CA VAL C 278 -2.20 -49.66 81.69
C VAL C 278 -0.86 -49.39 81.01
N SER C 279 0.22 -49.53 81.77
CA SER C 279 1.56 -49.33 81.24
C SER C 279 1.89 -50.39 80.19
N PHE C 280 1.03 -51.41 80.10
CA PHE C 280 1.19 -52.47 79.12
C PHE C 280 0.98 -51.97 77.70
N CYS C 281 -0.15 -51.31 77.48
CA CYS C 281 -0.53 -50.84 76.16
C CYS C 281 -0.17 -49.38 75.92
N ALA C 282 -0.16 -48.59 76.98
CA ALA C 282 0.19 -47.17 76.87
C ALA C 282 1.63 -47.01 76.41
N ALA C 283 2.38 -48.11 76.42
CA ALA C 283 3.74 -48.12 75.92
C ALA C 283 3.75 -48.41 74.43
N ALA C 284 2.78 -49.19 73.98
CA ALA C 284 2.66 -49.56 72.58
C ALA C 284 2.10 -48.41 71.75
N GLY C 285 1.16 -47.67 72.32
CA GLY C 285 0.56 -46.54 71.64
C GLY C 285 1.58 -45.42 71.41
N CYS C 286 2.72 -45.53 72.09
CA CYS C 286 3.78 -44.55 71.93
C CYS C 286 4.86 -45.08 70.99
N LEU C 287 4.97 -46.41 70.91
CA LEU C 287 5.92 -47.03 69.99
C LEU C 287 5.31 -47.19 68.60
N GLY C 288 3.98 -47.28 68.56
CA GLY C 288 3.28 -47.41 67.29
C GLY C 288 3.45 -46.19 66.42
N SER C 289 3.35 -45.01 67.04
CA SER C 289 3.46 -43.75 66.31
C SER C 289 4.82 -43.61 65.64
N LEU C 290 5.85 -44.21 66.24
CA LEU C 290 7.20 -44.15 65.70
C LEU C 290 7.21 -44.51 64.22
N GLY C 291 6.53 -45.59 63.87
CA GLY C 291 6.46 -46.04 62.50
C GLY C 291 5.74 -45.06 61.60
N GLY C 292 4.60 -44.57 62.07
CA GLY C 292 3.81 -43.61 61.31
C GLY C 292 4.57 -42.33 61.03
N TRP C 293 5.30 -41.84 62.01
CA TRP C 293 6.02 -40.57 61.88
C TRP C 293 7.26 -40.67 61.00
N THR C 294 7.80 -41.87 60.87
CA THR C 294 8.90 -42.10 59.94
C THR C 294 8.35 -42.24 58.53
N LEU C 295 7.19 -42.91 58.43
CA LEU C 295 6.48 -43.01 57.16
C LEU C 295 6.29 -41.61 56.57
N LEU C 296 5.90 -40.67 57.43
CA LEU C 296 5.66 -39.30 57.02
C LEU C 296 6.96 -38.61 56.62
N ALA C 297 8.02 -38.87 57.38
CA ALA C 297 9.32 -38.28 57.11
C ALA C 297 9.86 -38.74 55.76
N GLY C 298 9.49 -39.96 55.37
CA GLY C 298 9.91 -40.52 54.10
C GLY C 298 9.09 -39.97 52.95
N GLN C 299 7.79 -39.78 53.19
CA GLN C 299 6.90 -39.25 52.17
C GLN C 299 7.23 -37.82 51.76
N THR C 300 7.21 -36.91 52.72
CA THR C 300 7.54 -35.51 52.44
C THR C 300 8.88 -35.36 51.74
N ALA C 301 9.87 -36.12 52.21
CA ALA C 301 11.18 -36.13 51.58
C ALA C 301 11.06 -36.54 50.13
N LYS C 302 10.38 -37.67 49.90
CA LYS C 302 10.14 -38.16 48.54
C LYS C 302 9.45 -37.09 47.70
N ALA C 303 8.22 -36.74 48.09
CA ALA C 303 7.45 -35.71 47.42
C ALA C 303 8.33 -34.56 46.94
N ALA C 304 9.09 -33.99 47.88
CA ALA C 304 10.00 -32.90 47.56
C ALA C 304 11.02 -33.38 46.52
N ALA C 305 11.70 -34.48 46.83
CA ALA C 305 12.71 -35.06 45.96
C ALA C 305 12.18 -35.20 44.54
N ASP C 306 10.95 -35.69 44.42
CA ASP C 306 10.30 -35.86 43.11
C ASP C 306 10.33 -34.58 42.29
N ASP C 307 10.14 -33.44 42.95
CA ASP C 307 10.27 -32.14 42.29
C ASP C 307 11.72 -31.70 42.35
N GLY C 308 12.02 -30.52 41.81
CA GLY C 308 13.38 -30.04 41.77
C GLY C 308 13.95 -29.74 43.14
N LEU C 309 13.24 -30.20 44.18
CA LEU C 309 13.58 -29.86 45.55
C LEU C 309 14.00 -31.09 46.36
N PHE C 310 14.96 -30.90 47.26
CA PHE C 310 15.40 -31.96 48.15
C PHE C 310 16.13 -33.09 47.41
N PRO C 311 17.34 -33.42 47.86
CA PRO C 311 18.22 -34.45 47.28
C PRO C 311 17.48 -35.67 46.73
N PRO C 312 17.88 -36.14 45.55
CA PRO C 312 17.21 -37.18 44.77
C PRO C 312 17.19 -38.53 45.47
N ILE C 313 18.20 -38.80 46.30
CA ILE C 313 18.33 -40.09 46.96
C ILE C 313 17.04 -40.50 47.65
N PHE C 314 16.31 -39.51 48.16
CA PHE C 314 15.04 -39.77 48.87
C PHE C 314 13.93 -40.16 47.91
N ALA C 315 14.29 -40.42 46.66
CA ALA C 315 13.32 -40.80 45.65
C ALA C 315 13.74 -42.07 44.91
N ARG C 316 13.11 -43.20 45.27
CA ARG C 316 13.37 -44.46 44.61
C ARG C 316 12.15 -45.39 44.64
N GLY C 321 12.37 -49.17 45.05
CA GLY C 321 11.41 -50.27 45.07
C GLY C 321 10.00 -49.77 44.87
N THR C 322 9.29 -49.54 45.97
CA THR C 322 7.96 -48.94 45.93
C THR C 322 7.86 -47.82 46.99
N PRO C 323 8.16 -48.15 48.26
CA PRO C 323 8.36 -47.07 49.23
C PRO C 323 9.71 -46.40 48.97
N VAL C 324 10.30 -45.79 49.99
CA VAL C 324 11.58 -45.13 49.83
C VAL C 324 12.71 -45.91 50.49
N ALA C 325 13.88 -45.92 49.85
CA ALA C 325 15.05 -46.58 50.40
C ALA C 325 15.93 -45.55 51.12
N GLY C 326 15.71 -44.28 50.84
CA GLY C 326 16.35 -43.21 51.56
C GLY C 326 15.75 -43.15 52.95
N LEU C 327 14.75 -43.99 53.18
CA LEU C 327 14.11 -44.13 54.49
C LEU C 327 15.14 -44.56 55.52
N LEU C 328 16.22 -45.19 55.06
CA LEU C 328 17.29 -45.62 55.93
C LEU C 328 18.10 -44.45 56.47
N ILE C 329 18.28 -43.42 55.64
CA ILE C 329 19.01 -42.24 56.06
C ILE C 329 18.33 -41.60 57.27
N VAL C 330 17.02 -41.75 57.33
CA VAL C 330 16.24 -41.30 58.48
C VAL C 330 16.61 -42.13 59.71
N GLY C 331 16.73 -43.44 59.51
CA GLY C 331 17.13 -44.34 60.58
C GLY C 331 18.56 -44.09 61.03
N VAL C 332 19.43 -43.76 60.07
CA VAL C 332 20.82 -43.44 60.38
C VAL C 332 20.91 -42.15 61.18
N LEU C 333 20.17 -41.13 60.75
CA LEU C 333 20.14 -39.86 61.45
C LEU C 333 19.52 -39.99 62.83
N MET C 334 18.43 -40.76 62.92
CA MET C 334 17.74 -40.95 64.20
C MET C 334 18.63 -41.61 65.25
N THR C 335 19.71 -42.26 64.81
CA THR C 335 20.62 -42.91 65.75
C THR C 335 21.87 -42.09 66.01
N ILE C 336 22.45 -41.50 64.96
CA ILE C 336 23.60 -40.62 65.14
C ILE C 336 23.28 -39.57 66.19
N PHE C 337 22.01 -39.21 66.28
CA PHE C 337 21.54 -38.25 67.28
C PHE C 337 21.15 -38.97 68.58
N GLN C 338 20.66 -40.20 68.45
CA GLN C 338 20.28 -40.99 69.62
C GLN C 338 21.46 -41.22 70.56
N PHE C 339 22.66 -41.32 69.98
CA PHE C 339 23.86 -41.53 70.77
C PHE C 339 24.38 -40.22 71.38
N SER C 340 24.33 -39.15 70.60
CA SER C 340 24.77 -37.85 71.08
C SER C 340 23.74 -37.21 72.01
N SER C 341 22.79 -38.02 72.48
CA SER C 341 21.75 -37.54 73.37
C SER C 341 21.64 -38.39 74.62
N MET C 342 22.44 -39.47 74.67
CA MET C 342 22.42 -40.39 75.81
C MET C 342 23.76 -40.50 76.50
N SER C 343 24.71 -41.18 75.86
CA SER C 343 26.00 -41.46 76.47
C SER C 343 26.79 -40.18 76.82
N PRO C 344 27.23 -39.42 75.81
CA PRO C 344 27.98 -38.20 76.15
C PRO C 344 27.05 -37.14 76.72
N ASN C 345 27.36 -36.66 77.92
CA ASN C 345 26.52 -35.68 78.61
C ASN C 345 26.75 -34.21 78.25
N ALA C 346 25.73 -33.61 77.64
CA ALA C 346 24.41 -34.27 77.57
C ALA C 346 23.39 -33.82 76.51
N ALA C 347 23.65 -32.79 75.72
CA ALA C 347 24.89 -32.01 75.75
C ALA C 347 24.99 -30.89 76.80
N LYS C 348 23.87 -30.38 77.31
CA LYS C 348 22.52 -30.84 76.98
C LYS C 348 21.86 -30.00 75.89
N GLU C 349 22.68 -29.30 75.11
CA GLU C 349 22.18 -28.51 73.99
C GLU C 349 21.54 -29.43 72.96
N PHE C 350 22.09 -30.62 72.81
CA PHE C 350 21.57 -31.62 71.87
C PHE C 350 20.26 -32.20 72.37
N GLY C 351 19.74 -31.64 73.46
CA GLY C 351 18.44 -32.02 73.98
C GLY C 351 17.46 -30.88 73.79
N LEU C 352 17.99 -29.65 73.84
CA LEU C 352 17.20 -28.47 73.56
C LEU C 352 16.67 -28.53 72.13
N VAL C 353 17.54 -28.95 71.23
CA VAL C 353 17.18 -29.18 69.83
C VAL C 353 15.91 -30.01 69.68
N SER C 354 15.72 -30.95 70.61
CA SER C 354 14.56 -31.83 70.58
C SER C 354 13.24 -31.06 70.72
N SER C 355 13.25 -30.05 71.58
CA SER C 355 12.06 -29.26 71.83
C SER C 355 11.93 -28.16 70.78
N VAL C 356 13.04 -27.78 70.20
CA VAL C 356 13.06 -26.71 69.22
C VAL C 356 12.37 -27.10 67.92
N SER C 357 12.09 -28.38 67.72
CA SER C 357 11.63 -28.76 66.38
C SER C 357 10.11 -28.85 66.25
N VAL C 358 9.41 -28.86 67.37
CA VAL C 358 7.95 -28.90 67.34
C VAL C 358 7.38 -27.57 66.83
N ILE C 359 8.14 -26.50 67.04
CA ILE C 359 7.77 -25.19 66.50
C ILE C 359 7.82 -25.23 64.98
N PHE C 360 8.79 -25.98 64.45
CA PHE C 360 8.89 -26.18 63.01
C PHE C 360 7.56 -26.65 62.45
N THR C 361 6.92 -27.56 63.17
CA THR C 361 5.67 -28.17 62.73
C THR C 361 4.60 -27.13 62.37
N LEU C 362 4.65 -25.98 63.04
CA LEU C 362 3.64 -24.94 62.82
C LEU C 362 3.80 -24.16 61.52
N VAL C 363 5.05 -23.95 61.09
CA VAL C 363 5.30 -23.25 59.82
C VAL C 363 4.48 -23.85 58.67
N PRO C 364 4.53 -25.18 58.50
CA PRO C 364 3.64 -25.86 57.54
C PRO C 364 2.17 -25.55 57.79
N TYR C 365 1.70 -25.77 59.02
CA TYR C 365 0.32 -25.43 59.37
C TYR C 365 -0.06 -24.04 58.89
N LEU C 366 0.80 -23.07 59.16
CA LEU C 366 0.58 -21.69 58.74
C LEU C 366 0.38 -21.59 57.24
N TYR C 367 1.28 -22.20 56.48
CA TYR C 367 1.28 -22.07 55.02
C TYR C 367 0.09 -22.75 54.35
N THR C 368 -0.29 -23.93 54.84
CA THR C 368 -1.40 -24.65 54.22
C THR C 368 -2.73 -23.95 54.47
N CYS C 369 -2.74 -23.02 55.42
CA CYS C 369 -3.89 -22.16 55.64
C CYS C 369 -3.92 -21.10 54.54
N ALA C 370 -2.81 -20.38 54.41
CA ALA C 370 -2.66 -19.43 53.32
C ALA C 370 -2.95 -20.10 51.98
N ALA C 371 -2.56 -21.36 51.86
CA ALA C 371 -2.81 -22.13 50.65
C ALA C 371 -4.30 -22.17 50.34
N LEU C 372 -5.07 -22.76 51.24
CA LEU C 372 -6.50 -22.95 51.01
C LEU C 372 -7.22 -21.65 50.64
N LEU C 373 -6.64 -20.52 51.02
CA LEU C 373 -7.18 -19.22 50.63
C LEU C 373 -6.71 -18.80 49.24
N LEU C 374 -5.41 -18.89 49.01
CA LEU C 374 -4.82 -18.45 47.74
C LEU C 374 -5.01 -19.46 46.61
N LEU C 375 -5.06 -20.74 46.95
CA LEU C 375 -5.26 -21.80 45.96
C LEU C 375 -6.71 -21.94 45.56
N GLY C 376 -7.53 -22.38 46.51
CA GLY C 376 -8.92 -22.70 46.21
C GLY C 376 -9.92 -21.63 46.61
N HIS C 377 -9.59 -20.38 46.31
CA HIS C 377 -10.50 -19.27 46.59
C HIS C 377 -11.78 -19.40 45.76
N GLY C 378 -11.70 -20.17 44.68
CA GLY C 378 -12.82 -20.35 43.78
C GLY C 378 -13.64 -21.59 44.06
N HIS C 379 -13.00 -22.63 44.58
CA HIS C 379 -13.68 -23.90 44.85
C HIS C 379 -14.59 -23.80 46.07
N PHE C 380 -14.79 -22.57 46.56
CA PHE C 380 -15.67 -22.32 47.68
C PHE C 380 -17.13 -22.31 47.21
N GLY C 381 -17.76 -21.14 47.23
CA GLY C 381 -19.13 -21.01 46.76
C GLY C 381 -20.06 -22.09 47.30
N LYS C 382 -20.76 -21.75 48.38
CA LYS C 382 -20.67 -20.40 48.92
C LYS C 382 -20.51 -20.33 50.43
N ALA C 383 -19.95 -21.37 51.06
CA ALA C 383 -19.57 -21.18 52.46
C ALA C 383 -18.24 -20.46 52.49
N ARG C 384 -17.98 -19.65 51.46
CA ARG C 384 -16.74 -18.90 51.37
C ARG C 384 -16.49 -18.07 52.62
N PRO C 385 -17.52 -17.32 53.07
CA PRO C 385 -17.36 -16.58 54.33
C PRO C 385 -17.06 -17.53 55.48
N LEU C 386 -17.68 -18.71 55.45
CA LEU C 386 -17.49 -19.72 56.48
C LEU C 386 -16.07 -20.28 56.46
N TYR C 387 -15.61 -20.65 55.27
CA TYR C 387 -14.24 -21.13 55.10
C TYR C 387 -13.25 -20.01 55.41
N LEU C 388 -13.54 -18.82 54.90
CA LEU C 388 -12.70 -17.65 55.15
C LEU C 388 -12.60 -17.41 56.65
N LEU C 389 -13.66 -17.74 57.38
CA LEU C 389 -13.70 -17.63 58.83
C LEU C 389 -12.84 -18.71 59.47
N ILE C 390 -13.18 -19.96 59.19
CA ILE C 390 -12.47 -21.11 59.73
C ILE C 390 -10.94 -20.99 59.58
N THR C 391 -10.50 -20.76 58.34
CA THR C 391 -9.07 -20.61 58.09
C THR C 391 -8.49 -19.50 58.96
N PHE C 392 -9.28 -18.47 59.22
CA PHE C 392 -8.84 -17.37 60.08
C PHE C 392 -8.64 -17.84 61.51
N VAL C 393 -9.61 -18.63 62.00
CA VAL C 393 -9.48 -19.25 63.31
C VAL C 393 -8.18 -20.04 63.41
N ALA C 394 -8.05 -21.05 62.56
CA ALA C 394 -6.84 -21.87 62.54
C ALA C 394 -5.59 -21.00 62.44
N PHE C 395 -5.71 -19.85 61.78
CA PHE C 395 -4.59 -18.91 61.67
C PHE C 395 -4.11 -18.47 63.05
N VAL C 396 -5.00 -17.87 63.82
CA VAL C 396 -4.65 -17.39 65.15
C VAL C 396 -4.24 -18.55 66.06
N TYR C 397 -5.00 -19.64 65.99
CA TYR C 397 -4.68 -20.85 66.77
C TYR C 397 -3.19 -21.16 66.70
N CYS C 398 -2.63 -21.07 65.51
CA CYS C 398 -1.20 -21.32 65.30
C CYS C 398 -0.38 -20.14 65.84
N ILE C 399 -0.84 -18.94 65.57
CA ILE C 399 -0.15 -17.73 66.00
C ILE C 399 -0.12 -17.64 67.53
N TRP C 400 -1.00 -18.37 68.18
CA TRP C 400 -1.07 -18.38 69.64
C TRP C 400 -0.11 -19.41 70.20
N ALA C 401 -0.22 -20.63 69.70
CA ALA C 401 0.63 -21.72 70.14
C ALA C 401 2.10 -21.31 70.08
N VAL C 402 2.43 -20.46 69.11
CA VAL C 402 3.79 -19.94 69.00
C VAL C 402 4.09 -18.94 70.12
N ILE C 403 3.14 -18.04 70.38
CA ILE C 403 3.30 -17.06 71.44
C ILE C 403 3.42 -17.75 72.80
N GLY C 404 2.64 -18.80 73.00
CA GLY C 404 2.67 -19.56 74.22
C GLY C 404 3.82 -20.57 74.28
N SER C 405 4.94 -20.21 73.66
CA SER C 405 6.12 -21.07 73.65
C SER C 405 7.34 -20.34 74.20
N GLY C 406 8.40 -21.09 74.46
CA GLY C 406 9.62 -20.52 75.01
C GLY C 406 10.32 -19.59 74.05
N ALA C 407 10.57 -18.37 74.50
CA ALA C 407 11.27 -17.38 73.69
C ALA C 407 12.61 -17.92 73.20
N LYS C 408 13.27 -18.72 74.03
CA LYS C 408 14.52 -19.35 73.64
C LYS C 408 14.24 -20.33 72.50
N GLU C 409 13.22 -21.15 72.70
CA GLU C 409 12.83 -22.19 71.75
C GLU C 409 12.49 -21.61 70.37
N VAL C 410 11.60 -20.64 70.36
CA VAL C 410 11.20 -19.96 69.12
C VAL C 410 12.37 -19.23 68.49
N MET C 411 13.18 -18.58 69.31
CA MET C 411 14.34 -17.82 68.85
C MET C 411 15.20 -18.63 67.88
N TRP C 412 15.38 -19.91 68.16
CA TRP C 412 16.17 -20.78 67.29
C TRP C 412 15.38 -21.26 66.07
N SER C 413 14.10 -21.54 66.27
CA SER C 413 13.22 -21.87 65.16
C SER C 413 13.41 -20.83 64.06
N PHE C 414 13.56 -19.57 64.48
CA PHE C 414 13.77 -18.47 63.56
C PHE C 414 15.15 -18.56 62.90
N VAL C 415 16.18 -18.77 63.71
CA VAL C 415 17.54 -18.89 63.19
C VAL C 415 17.62 -20.05 62.20
N THR C 416 16.82 -21.08 62.43
CA THR C 416 16.74 -22.21 61.52
C THR C 416 16.40 -21.75 60.11
N LEU C 417 15.30 -20.99 60.00
CA LEU C 417 14.86 -20.48 58.71
C LEU C 417 15.94 -19.64 58.05
N MET C 418 16.59 -18.79 58.85
CA MET C 418 17.71 -17.99 58.37
C MET C 418 18.66 -18.87 57.56
N VAL C 419 19.01 -20.01 58.14
CA VAL C 419 19.97 -20.93 57.54
C VAL C 419 19.41 -21.65 56.32
N ILE C 420 18.14 -22.04 56.38
CA ILE C 420 17.51 -22.75 55.26
C ILE C 420 17.55 -21.93 53.98
N THR C 421 17.11 -20.67 54.06
CA THR C 421 17.13 -19.80 52.89
C THR C 421 18.57 -19.61 52.40
N ALA C 422 19.51 -19.54 53.34
CA ALA C 422 20.92 -19.46 53.01
C ALA C 422 21.35 -20.73 52.28
N LEU C 423 20.82 -21.85 52.74
CA LEU C 423 21.10 -23.14 52.13
C LEU C 423 20.60 -23.15 50.69
N TYR C 424 19.30 -22.90 50.53
CA TYR C 424 18.66 -22.86 49.22
C TYR C 424 19.34 -21.91 48.26
N ALA C 425 19.64 -20.70 48.73
CA ALA C 425 20.24 -19.67 47.89
C ALA C 425 21.65 -20.05 47.42
N LEU C 426 22.29 -20.95 48.16
CA LEU C 426 23.63 -21.40 47.80
C LEU C 426 23.58 -22.65 46.91
N ASN C 427 22.69 -23.57 47.24
CA ASN C 427 22.57 -24.83 46.51
C ASN C 427 21.82 -24.69 45.19
N TYR C 428 20.54 -24.37 45.28
CA TYR C 428 19.70 -24.27 44.09
C TYR C 428 19.99 -22.99 43.30
N ASN C 429 21.18 -22.44 43.54
CA ASN C 429 21.68 -21.24 42.86
C ASN C 429 21.21 -21.10 41.42
N ARG C 430 21.24 -22.18 40.66
CA ARG C 430 20.93 -22.12 39.24
C ARG C 430 19.83 -23.09 38.80
N ILE C 431 19.30 -23.86 39.74
CA ILE C 431 18.14 -24.69 39.46
C ILE C 431 16.89 -23.83 39.59
N HIS C 432 17.09 -22.63 40.12
CA HIS C 432 15.98 -21.74 40.49
C HIS C 432 15.30 -21.10 39.28
N LYS C 433 13.97 -21.25 39.22
CA LYS C 433 13.18 -20.54 38.21
C LYS C 433 12.71 -19.22 38.82
N ASN C 434 13.40 -18.15 38.44
CA ASN C 434 13.41 -16.90 39.20
C ASN C 434 12.57 -15.76 38.60
N PRO C 435 11.32 -15.61 39.07
CA PRO C 435 10.44 -14.50 38.66
C PRO C 435 10.58 -13.33 39.62
N TYR C 436 10.74 -12.12 39.10
CA TYR C 436 10.81 -11.88 37.66
C TYR C 436 12.28 -11.74 37.28
N PRO C 437 12.74 -12.56 36.32
CA PRO C 437 14.15 -12.62 35.92
C PRO C 437 14.74 -11.25 35.59
N LEU C 438 16.07 -11.18 35.48
CA LEU C 438 16.76 -9.94 35.14
C LEU C 438 16.77 -9.67 33.64
N ASP C 439 17.85 -9.07 33.15
CA ASP C 439 17.94 -8.68 31.73
C ASP C 439 19.10 -9.31 30.96
N ALA C 440 19.82 -10.24 31.60
CA ALA C 440 20.94 -10.92 30.94
C ALA C 440 22.12 -9.99 30.67
N PRO C 441 23.34 -10.53 30.77
CA PRO C 441 24.59 -9.78 30.59
C PRO C 441 24.64 -8.99 29.28
N VAL D 10 20.04 12.34 45.97
CA VAL D 10 20.33 13.10 44.75
C VAL D 10 21.16 14.34 45.06
N GLY D 11 22.33 14.44 44.45
CA GLY D 11 22.82 13.43 43.54
C GLY D 11 23.61 12.33 44.25
N LEU D 12 24.93 12.44 44.23
CA LEU D 12 25.78 11.45 44.86
C LEU D 12 26.24 11.87 46.26
N ILE D 13 27.05 12.93 46.33
CA ILE D 13 27.59 13.40 47.60
C ILE D 13 26.54 13.48 48.73
N PRO D 14 25.37 14.08 48.43
CA PRO D 14 24.34 14.18 49.47
C PRO D 14 23.85 12.80 49.94
N VAL D 15 23.79 11.84 49.02
CA VAL D 15 23.32 10.50 49.36
C VAL D 15 24.38 9.70 50.12
N THR D 16 25.63 9.83 49.71
CA THR D 16 26.73 9.14 50.38
C THR D 16 26.77 9.55 51.85
N LEU D 17 26.46 10.81 52.11
CA LEU D 17 26.41 11.31 53.48
C LEU D 17 25.13 10.87 54.17
N MET D 18 24.11 10.56 53.37
CA MET D 18 22.85 10.06 53.91
C MET D 18 23.03 8.63 54.42
N VAL D 19 23.81 7.85 53.68
CA VAL D 19 24.08 6.47 54.07
C VAL D 19 24.75 6.43 55.43
N SER D 20 25.89 7.09 55.54
CA SER D 20 26.63 7.16 56.80
C SER D 20 25.76 7.74 57.91
N GLY D 21 24.99 8.78 57.58
CA GLY D 21 24.11 9.40 58.54
C GLY D 21 23.05 8.47 59.10
N ASN D 22 22.42 7.71 58.21
CA ASN D 22 21.39 6.77 58.63
C ASN D 22 21.95 5.65 59.51
N ILE D 23 23.25 5.42 59.41
CA ILE D 23 23.91 4.38 60.19
C ILE D 23 24.38 4.92 61.54
N MET D 24 24.93 6.13 61.52
CA MET D 24 25.49 6.75 62.73
C MET D 24 24.46 7.61 63.47
N GLY D 25 23.28 7.06 63.70
CA GLY D 25 22.24 7.76 64.43
C GLY D 25 22.48 7.71 65.93
N SER D 26 23.64 7.17 66.31
CA SER D 26 24.02 7.04 67.71
C SER D 26 25.53 6.77 67.79
N GLY D 27 26.25 7.21 66.77
CA GLY D 27 27.68 6.96 66.67
C GLY D 27 28.51 7.71 67.69
N VAL D 28 27.84 8.44 68.59
CA VAL D 28 28.52 9.16 69.65
C VAL D 28 28.36 8.48 71.00
N PHE D 29 27.17 7.96 71.24
CA PHE D 29 26.85 7.27 72.49
C PHE D 29 27.34 5.83 72.48
N LEU D 30 27.87 5.40 71.34
CA LEU D 30 28.31 4.03 71.16
C LEU D 30 29.43 3.62 72.12
N LEU D 31 30.58 4.27 71.98
CA LEU D 31 31.78 3.94 72.75
C LEU D 31 31.52 3.54 74.22
N PRO D 32 30.71 4.34 74.94
CA PRO D 32 30.39 4.01 76.34
C PRO D 32 29.65 2.69 76.46
N ALA D 33 28.53 2.55 75.75
CA ALA D 33 27.76 1.31 75.76
C ALA D 33 28.64 0.15 75.28
N ASN D 34 29.71 0.50 74.58
CA ASN D 34 30.62 -0.49 74.00
C ASN D 34 31.55 -1.11 75.05
N LEU D 35 32.52 -0.32 75.51
CA LEU D 35 33.57 -0.84 76.38
C LEU D 35 33.07 -1.33 77.73
N ALA D 36 31.75 -1.36 77.91
CA ALA D 36 31.15 -1.94 79.10
C ALA D 36 31.58 -3.40 79.24
N ALA D 37 31.97 -3.99 78.11
CA ALA D 37 32.52 -5.34 78.11
C ALA D 37 34.05 -5.27 78.11
N THR D 38 34.58 -4.40 77.25
CA THR D 38 36.02 -4.18 77.16
C THR D 38 36.32 -3.08 76.14
N GLY D 39 37.45 -2.41 76.31
CA GLY D 39 37.82 -1.31 75.43
C GLY D 39 39.04 -1.58 74.60
N GLY D 40 40.12 -2.00 75.27
CA GLY D 40 41.37 -2.28 74.59
C GLY D 40 41.26 -3.46 73.64
N ILE D 41 40.74 -4.58 74.15
CA ILE D 41 40.54 -5.77 73.34
C ILE D 41 39.08 -5.90 72.90
N ALA D 42 38.57 -4.84 72.29
CA ALA D 42 37.29 -4.87 71.60
C ALA D 42 37.57 -4.43 70.17
N ILE D 43 38.70 -3.75 70.00
CA ILE D 43 39.19 -3.36 68.69
C ILE D 43 39.62 -4.63 67.95
N TYR D 44 39.76 -5.71 68.71
CA TYR D 44 40.07 -7.02 68.16
C TYR D 44 38.78 -7.66 67.65
N GLY D 45 37.66 -7.07 68.04
CA GLY D 45 36.35 -7.57 67.64
C GLY D 45 35.70 -6.72 66.57
N TRP D 46 36.23 -5.52 66.36
CA TRP D 46 35.74 -4.66 65.28
C TRP D 46 36.00 -5.27 63.92
N LEU D 47 37.14 -5.93 63.78
CA LEU D 47 37.50 -6.61 62.54
C LEU D 47 36.39 -7.54 62.09
N VAL D 48 36.00 -8.46 62.96
CA VAL D 48 34.93 -9.41 62.64
C VAL D 48 33.65 -8.71 62.22
N THR D 49 33.28 -7.66 62.94
CA THR D 49 32.02 -6.97 62.70
C THR D 49 32.10 -6.01 61.52
N ILE D 50 33.32 -5.65 61.12
CA ILE D 50 33.51 -4.69 60.03
C ILE D 50 33.66 -5.40 58.69
N ILE D 51 34.22 -6.60 58.71
CA ILE D 51 34.37 -7.39 57.50
C ILE D 51 33.00 -7.86 57.02
N GLY D 52 32.25 -8.47 57.93
CA GLY D 52 30.91 -8.93 57.62
C GLY D 52 30.00 -7.79 57.19
N ALA D 53 30.20 -6.63 57.78
CA ALA D 53 29.43 -5.45 57.41
C ALA D 53 29.82 -5.00 56.01
N LEU D 54 31.12 -5.08 55.72
CA LEU D 54 31.61 -4.71 54.39
C LEU D 54 31.06 -5.66 53.35
N ALA D 55 30.83 -6.91 53.74
CA ALA D 55 30.24 -7.89 52.84
C ALA D 55 28.82 -7.48 52.44
N LEU D 56 28.05 -7.02 53.42
CA LEU D 56 26.69 -6.54 53.14
C LEU D 56 26.71 -5.35 52.20
N SER D 57 27.63 -4.42 52.42
CA SER D 57 27.75 -3.26 51.56
C SER D 57 28.07 -3.70 50.13
N MET D 58 28.87 -4.76 50.00
CA MET D 58 29.17 -5.34 48.70
C MET D 58 27.90 -5.86 48.06
N VAL D 59 27.22 -6.79 48.75
CA VAL D 59 25.99 -7.38 48.24
C VAL D 59 25.03 -6.32 47.70
N TYR D 60 24.63 -5.39 48.57
CA TYR D 60 23.71 -4.33 48.17
C TYR D 60 24.28 -3.47 47.04
N ALA D 61 25.59 -3.26 47.04
CA ALA D 61 26.24 -2.47 45.99
C ALA D 61 26.15 -3.14 44.63
N LYS D 62 26.35 -4.46 44.60
CA LYS D 62 26.32 -5.21 43.36
C LYS D 62 24.89 -5.44 42.88
N MET D 63 24.02 -5.82 43.80
CA MET D 63 22.63 -6.12 43.47
C MET D 63 21.89 -4.87 42.99
N SER D 64 22.42 -3.70 43.31
CA SER D 64 21.78 -2.45 42.91
C SER D 64 22.25 -1.98 41.53
N SER D 65 23.49 -2.32 41.18
CA SER D 65 24.04 -1.97 39.88
C SER D 65 23.41 -2.84 38.79
N LEU D 66 22.92 -4.00 39.18
CA LEU D 66 22.24 -4.91 38.26
C LEU D 66 20.79 -4.49 38.05
N ASP D 67 20.20 -3.91 39.08
CA ASP D 67 18.80 -3.50 39.02
C ASP D 67 18.50 -2.43 40.06
N PRO D 68 18.64 -1.15 39.66
CA PRO D 68 18.37 -0.01 40.55
C PRO D 68 16.88 0.23 40.75
N SER D 69 16.10 -0.84 40.85
CA SER D 69 14.67 -0.72 41.11
C SER D 69 14.42 0.13 42.35
N PRO D 70 13.25 0.81 42.41
CA PRO D 70 12.93 1.76 43.47
C PRO D 70 11.70 1.39 44.29
N GLY D 71 11.74 0.29 45.04
CA GLY D 71 12.90 -0.58 45.08
C GLY D 71 13.49 -0.74 46.46
N GLY D 72 13.61 -1.99 46.90
CA GLY D 72 14.35 -2.32 48.10
C GLY D 72 15.75 -2.75 47.71
N SER D 73 16.22 -3.90 48.20
CA SER D 73 15.52 -4.75 49.17
C SER D 73 14.19 -5.34 48.69
N TYR D 74 13.10 -4.61 48.93
CA TYR D 74 11.77 -5.05 48.52
C TYR D 74 11.73 -5.60 47.11
N ALA D 75 12.28 -4.83 46.16
CA ALA D 75 12.25 -5.20 44.76
C ALA D 75 13.04 -6.48 44.52
N TYR D 76 14.32 -6.44 44.90
CA TYR D 76 15.20 -7.59 44.77
C TYR D 76 14.50 -8.84 45.27
N ALA D 77 13.88 -8.72 46.44
CA ALA D 77 13.19 -9.83 47.09
C ALA D 77 11.98 -10.25 46.26
N ARG D 78 11.34 -9.28 45.63
CA ARG D 78 10.17 -9.57 44.82
C ARG D 78 10.57 -10.39 43.60
N ARG D 79 11.52 -9.88 42.83
CA ARG D 79 11.97 -10.55 41.62
C ARG D 79 12.72 -11.84 41.94
N CYS D 80 12.84 -12.14 43.23
CA CYS D 80 13.59 -13.32 43.66
C CYS D 80 12.66 -14.46 44.07
N PHE D 81 11.86 -14.21 45.10
CA PHE D 81 10.98 -15.24 45.65
C PHE D 81 9.51 -15.01 45.28
N GLY D 82 9.24 -13.85 44.68
CA GLY D 82 7.91 -13.55 44.20
C GLY D 82 7.28 -12.35 44.87
N PRO D 83 5.93 -12.36 44.96
CA PRO D 83 5.18 -11.26 45.54
C PRO D 83 5.03 -11.40 47.05
N PHE D 84 4.66 -12.60 47.51
CA PHE D 84 4.42 -12.82 48.93
C PHE D 84 5.60 -12.42 49.80
N LEU D 85 6.81 -12.80 49.39
CA LEU D 85 8.00 -12.49 50.15
C LEU D 85 8.51 -11.08 49.86
N GLY D 86 7.93 -10.45 48.84
CA GLY D 86 8.22 -9.06 48.55
C GLY D 86 7.30 -8.19 49.39
N TYR D 87 6.07 -8.67 49.56
CA TYR D 87 5.09 -8.03 50.42
C TYR D 87 5.59 -8.07 51.86
N GLN D 88 6.14 -9.22 52.23
CA GLN D 88 6.67 -9.42 53.57
C GLN D 88 7.81 -8.44 53.83
N THR D 89 8.83 -8.45 52.96
CA THR D 89 9.96 -7.55 53.12
C THR D 89 9.52 -6.11 53.31
N ASN D 90 8.58 -5.67 52.48
CA ASN D 90 8.08 -4.30 52.56
C ASN D 90 7.54 -3.95 53.94
N VAL D 91 6.44 -4.59 54.31
CA VAL D 91 5.78 -4.31 55.60
C VAL D 91 6.78 -4.23 56.74
N LEU D 92 7.74 -5.16 56.77
CA LEU D 92 8.71 -5.20 57.85
C LEU D 92 9.60 -3.97 57.82
N TYR D 93 10.35 -3.81 56.73
CA TYR D 93 11.30 -2.71 56.60
C TYR D 93 10.59 -1.36 56.72
N TRP D 94 9.32 -1.32 56.33
CA TRP D 94 8.53 -0.11 56.48
C TRP D 94 8.33 0.19 57.96
N LEU D 95 7.83 -0.81 58.69
CA LEU D 95 7.66 -0.68 60.14
C LEU D 95 8.97 -0.30 60.80
N ALA D 96 10.02 -1.06 60.51
CA ALA D 96 11.34 -0.82 61.08
C ALA D 96 11.78 0.62 60.88
N CYS D 97 11.20 1.29 59.89
CA CYS D 97 11.57 2.67 59.58
C CYS D 97 10.93 3.69 60.52
N TRP D 98 9.61 3.69 60.59
CA TRP D 98 8.91 4.66 61.43
C TRP D 98 8.80 4.24 62.89
N ILE D 99 8.57 2.95 63.12
CA ILE D 99 8.55 2.43 64.49
C ILE D 99 9.89 2.68 65.17
N GLY D 100 10.97 2.39 64.45
CA GLY D 100 12.30 2.62 64.98
C GLY D 100 12.61 4.10 65.12
N ASN D 101 11.91 4.92 64.35
CA ASN D 101 12.14 6.35 64.35
C ASN D 101 11.66 7.02 65.63
N ILE D 102 10.75 6.36 66.34
CA ILE D 102 10.24 6.87 67.61
C ILE D 102 11.36 7.11 68.61
N ALA D 103 12.08 6.05 68.94
CA ALA D 103 13.18 6.14 69.90
C ALA D 103 14.29 7.07 69.39
N MET D 104 14.37 7.20 68.06
CA MET D 104 15.35 8.08 67.45
C MET D 104 15.20 9.52 67.94
N VAL D 105 13.96 9.98 67.98
CA VAL D 105 13.67 11.36 68.38
C VAL D 105 13.91 11.57 69.87
N VAL D 106 13.35 10.68 70.68
CA VAL D 106 13.48 10.76 72.13
C VAL D 106 14.93 11.02 72.56
N ILE D 107 15.84 10.20 72.05
CA ILE D 107 17.26 10.36 72.38
C ILE D 107 17.83 11.62 71.73
N GLY D 108 17.36 11.93 70.53
CA GLY D 108 17.83 13.12 69.83
C GLY D 108 17.49 14.40 70.56
N VAL D 109 16.26 14.48 71.05
CA VAL D 109 15.81 15.63 71.83
C VAL D 109 16.54 15.66 73.17
N GLY D 110 16.85 14.48 73.70
CA GLY D 110 17.56 14.35 74.96
C GLY D 110 18.99 14.83 74.88
N TYR D 111 19.34 15.47 73.76
CA TYR D 111 20.66 16.06 73.59
C TYR D 111 20.54 17.58 73.61
N LEU D 112 19.31 18.07 73.63
CA LEU D 112 19.06 19.51 73.69
C LEU D 112 18.52 19.88 75.07
N SER D 113 17.55 19.11 75.55
CA SER D 113 16.95 19.34 76.85
C SER D 113 17.79 18.70 77.96
N TYR D 114 19.01 18.33 77.62
CA TYR D 114 19.93 17.71 78.58
C TYR D 114 21.13 18.61 78.77
N PHE D 115 21.33 19.54 77.83
CA PHE D 115 22.50 20.41 77.85
C PHE D 115 22.16 21.83 78.29
N PHE D 116 21.03 22.35 77.81
CA PHE D 116 20.66 23.73 78.09
C PHE D 116 20.28 23.97 79.56
N PRO D 117 19.33 23.19 80.10
CA PRO D 117 18.50 22.16 79.47
C PRO D 117 17.07 22.65 79.33
N ILE D 118 16.74 23.24 78.19
CA ILE D 118 15.43 23.85 77.95
C ILE D 118 14.31 23.28 78.82
N LEU D 119 13.82 22.09 78.47
CA LEU D 119 12.71 21.47 79.19
C LEU D 119 12.90 19.96 79.28
N LYS D 120 12.89 19.43 80.51
CA LYS D 120 13.32 18.06 80.76
C LYS D 120 12.27 17.18 81.44
N ASP D 121 11.00 17.52 81.30
CA ASP D 121 9.95 16.78 82.01
C ASP D 121 8.93 16.14 81.04
N PRO D 122 8.00 15.33 81.57
CA PRO D 122 7.01 14.66 80.73
C PRO D 122 6.02 15.62 80.07
N LEU D 123 5.40 15.17 78.99
CA LEU D 123 4.40 15.96 78.26
C LEU D 123 4.96 17.27 77.70
N VAL D 124 6.17 17.63 78.12
CA VAL D 124 6.82 18.83 77.64
C VAL D 124 7.81 18.46 76.56
N LEU D 125 8.37 17.27 76.67
CA LEU D 125 9.28 16.74 75.66
C LEU D 125 8.48 15.96 74.62
N THR D 126 7.34 15.44 75.05
CA THR D 126 6.45 14.67 74.17
C THR D 126 5.93 15.54 73.02
N LEU D 127 5.77 16.83 73.28
CA LEU D 127 5.24 17.74 72.27
C LEU D 127 6.34 18.36 71.41
N THR D 128 7.58 18.35 71.91
CA THR D 128 8.72 18.80 71.12
C THR D 128 9.16 17.68 70.19
N CYS D 129 8.84 16.45 70.57
CA CYS D 129 9.07 15.30 69.70
C CYS D 129 8.12 15.36 68.53
N VAL D 130 6.83 15.26 68.81
CA VAL D 130 5.80 15.35 67.78
C VAL D 130 6.07 16.56 66.88
N ALA D 131 6.59 17.63 67.48
CA ALA D 131 6.92 18.84 66.74
C ALA D 131 8.02 18.58 65.72
N VAL D 132 9.20 18.23 66.22
CA VAL D 132 10.36 18.00 65.36
C VAL D 132 10.11 16.86 64.37
N LEU D 133 9.27 15.90 64.78
CA LEU D 133 8.87 14.81 63.88
C LEU D 133 8.24 15.38 62.61
N TRP D 134 7.12 16.07 62.78
CA TRP D 134 6.40 16.64 61.65
C TRP D 134 7.23 17.65 60.88
N ILE D 135 8.27 18.18 61.51
CA ILE D 135 9.18 19.09 60.82
C ILE D 135 9.80 18.38 59.63
N PHE D 136 10.15 17.12 59.83
CA PHE D 136 10.79 16.33 58.77
C PHE D 136 9.78 15.61 57.89
N VAL D 137 8.62 15.28 58.45
CA VAL D 137 7.55 14.68 57.66
C VAL D 137 6.99 15.74 56.72
N LEU D 138 7.45 16.97 56.88
CA LEU D 138 7.07 18.08 56.02
C LEU D 138 8.24 18.55 55.17
N LEU D 139 9.46 18.21 55.59
CA LEU D 139 10.64 18.49 54.78
C LEU D 139 10.76 17.46 53.67
N ASN D 140 10.20 16.28 53.89
CA ASN D 140 10.10 15.26 52.85
C ASN D 140 9.05 15.66 51.82
N ILE D 141 7.85 15.99 52.30
CA ILE D 141 6.80 16.49 51.43
C ILE D 141 6.58 17.97 51.67
N VAL D 142 7.05 18.80 50.73
CA VAL D 142 7.67 18.29 49.52
C VAL D 142 9.16 18.61 49.50
N GLY D 143 9.93 17.79 48.77
CA GLY D 143 11.35 18.04 48.58
C GLY D 143 12.26 16.90 49.00
N PRO D 144 12.40 15.90 48.11
CA PRO D 144 13.40 14.84 48.34
C PRO D 144 14.81 15.42 48.28
N LYS D 145 14.95 16.51 47.55
CA LYS D 145 16.23 17.21 47.45
C LYS D 145 16.41 18.10 48.68
N MET D 146 15.30 18.37 49.37
CA MET D 146 15.32 19.20 50.57
C MET D 146 15.94 18.48 51.75
N ILE D 147 15.34 17.36 52.16
CA ILE D 147 15.81 16.60 53.31
C ILE D 147 17.23 16.07 53.12
N THR D 148 17.57 15.70 51.89
CA THR D 148 18.91 15.19 51.60
C THR D 148 19.96 16.28 51.79
N ARG D 149 19.55 17.53 51.61
CA ARG D 149 20.42 18.66 51.92
C ARG D 149 20.58 18.77 53.42
N VAL D 150 19.45 18.84 54.12
CA VAL D 150 19.43 18.89 55.57
C VAL D 150 20.29 17.77 56.16
N GLN D 151 19.93 16.53 55.83
CA GLN D 151 20.67 15.36 56.28
C GLN D 151 22.17 15.52 56.05
N ALA D 152 22.53 15.86 54.82
CA ALA D 152 23.94 15.99 54.44
C ALA D 152 24.68 16.96 55.35
N VAL D 153 24.05 18.08 55.67
CA VAL D 153 24.67 19.08 56.53
C VAL D 153 24.66 18.64 57.99
N ALA D 154 23.53 18.11 58.44
CA ALA D 154 23.40 17.66 59.81
C ALA D 154 24.47 16.62 60.16
N THR D 155 24.72 15.71 59.23
CA THR D 155 25.73 14.67 59.44
C THR D 155 27.14 15.23 59.31
N VAL D 156 27.26 16.30 58.52
CA VAL D 156 28.55 17.00 58.37
C VAL D 156 28.94 17.66 59.69
N LEU D 157 27.94 18.22 60.37
CA LEU D 157 28.17 18.87 61.66
C LEU D 157 28.43 17.83 62.74
N ALA D 158 27.63 16.77 62.74
CA ALA D 158 27.77 15.71 63.74
C ALA D 158 29.06 14.93 63.54
N LEU D 159 29.71 15.16 62.41
CA LEU D 159 30.96 14.48 62.10
C LEU D 159 32.15 15.28 62.61
N VAL D 160 32.01 16.60 62.61
CA VAL D 160 33.08 17.50 63.05
C VAL D 160 33.76 17.05 64.35
N PRO D 161 32.96 16.68 65.37
CA PRO D 161 33.56 16.20 66.62
C PRO D 161 34.30 14.88 66.44
N ILE D 162 33.63 13.88 65.86
CA ILE D 162 34.21 12.54 65.73
C ILE D 162 35.40 12.52 64.76
N VAL D 163 35.25 13.19 63.63
CA VAL D 163 36.36 13.32 62.69
C VAL D 163 37.42 14.21 63.31
N GLY D 164 37.00 15.09 64.21
CA GLY D 164 37.91 15.92 64.96
C GLY D 164 38.68 15.10 65.97
N ILE D 165 38.10 13.95 66.34
CA ILE D 165 38.79 13.01 67.23
C ILE D 165 39.78 12.19 66.41
N ALA D 166 40.59 12.89 65.62
CA ALA D 166 41.71 12.29 64.91
C ALA D 166 42.99 12.78 65.55
N VAL D 167 42.94 12.98 66.87
CA VAL D 167 44.08 13.44 67.64
C VAL D 167 44.43 12.43 68.73
N PHE D 168 45.41 11.58 68.43
CA PHE D 168 45.74 10.44 69.30
C PHE D 168 46.79 10.76 70.37
N GLY D 169 46.77 11.97 70.89
CA GLY D 169 47.69 12.35 71.95
C GLY D 169 47.02 12.41 73.30
N TRP D 170 47.29 11.43 74.16
CA TRP D 170 48.16 10.31 73.82
C TRP D 170 47.71 9.05 74.56
N PHE D 171 47.23 8.07 73.80
CA PHE D 171 46.65 6.85 74.37
C PHE D 171 47.52 6.18 75.43
N TRP D 172 46.89 5.68 76.48
CA TRP D 172 47.57 4.94 77.54
C TRP D 172 46.99 3.54 77.63
N PHE D 173 47.86 2.53 77.57
CA PHE D 173 47.45 1.13 77.56
C PHE D 173 46.23 0.84 78.43
N LYS D 174 45.36 -0.05 77.93
CA LYS D 174 44.15 -0.42 78.65
C LYS D 174 44.14 -1.91 78.96
N TRP D 182 41.43 -4.15 78.40
CA TRP D 182 41.11 -5.52 78.03
C TRP D 182 40.28 -6.21 79.11
N ASN D 183 39.99 -5.47 80.18
CA ASN D 183 39.27 -5.98 81.34
C ASN D 183 37.87 -6.49 81.01
N VAL D 184 37.80 -7.60 80.27
CA VAL D 184 36.53 -8.17 79.86
C VAL D 184 35.94 -9.06 80.94
N SER D 185 34.62 -9.18 80.95
CA SER D 185 33.93 -10.05 81.90
C SER D 185 34.25 -11.52 81.62
N GLY D 186 34.64 -12.23 82.68
CA GLY D 186 35.28 -13.53 82.60
C GLY D 186 34.80 -14.64 81.68
N MET D 187 35.09 -14.50 80.38
CA MET D 187 35.16 -15.65 79.48
C MET D 187 36.45 -15.56 78.66
N ASN D 188 36.80 -16.65 77.98
CA ASN D 188 37.99 -16.69 77.15
C ASN D 188 37.98 -15.58 76.10
N THR D 189 39.13 -15.33 75.48
CA THR D 189 39.24 -14.27 74.48
C THR D 189 38.14 -14.37 73.42
N PHE D 190 37.75 -15.61 73.09
CA PHE D 190 36.69 -15.84 72.10
C PHE D 190 35.32 -15.45 72.66
N GLY D 191 35.00 -15.97 73.84
CA GLY D 191 33.73 -15.69 74.48
C GLY D 191 33.58 -14.23 74.86
N ALA D 192 34.69 -13.49 74.83
CA ALA D 192 34.67 -12.07 75.14
C ALA D 192 34.31 -11.26 73.90
N ILE D 193 34.86 -11.66 72.76
CA ILE D 193 34.58 -10.98 71.50
C ILE D 193 33.11 -11.14 71.10
N GLN D 194 32.51 -12.26 71.50
CA GLN D 194 31.12 -12.54 71.17
C GLN D 194 30.16 -11.57 71.85
N SER D 195 30.55 -11.08 73.02
CA SER D 195 29.74 -10.12 73.76
C SER D 195 30.01 -8.69 73.30
N THR D 196 31.05 -8.53 72.48
CA THR D 196 31.35 -7.24 71.89
C THR D 196 30.52 -7.06 70.62
N LEU D 197 30.23 -8.19 69.98
CA LEU D 197 29.46 -8.18 68.73
C LEU D 197 28.03 -7.74 68.95
N ASN D 198 27.45 -8.14 70.08
CA ASN D 198 26.07 -7.79 70.40
C ASN D 198 25.81 -6.29 70.31
N VAL D 199 26.89 -5.52 70.19
CA VAL D 199 26.79 -4.07 70.09
C VAL D 199 27.32 -3.57 68.75
N THR D 200 28.41 -4.18 68.27
CA THR D 200 29.06 -3.73 67.05
C THR D 200 28.38 -4.22 65.78
N LEU D 201 27.59 -5.29 65.89
CA LEU D 201 26.86 -5.82 64.75
C LEU D 201 25.70 -4.90 64.37
N TRP D 202 24.88 -4.56 65.35
CA TRP D 202 23.71 -3.72 65.12
C TRP D 202 24.08 -2.25 65.04
N SER D 203 25.34 -1.97 64.73
CA SER D 203 25.78 -0.59 64.59
C SER D 203 25.88 -0.20 63.12
N PHE D 204 25.76 -1.19 62.24
CA PHE D 204 25.81 -0.94 60.80
C PHE D 204 24.44 -1.11 60.14
N ILE D 205 23.43 -1.42 60.94
CA ILE D 205 22.05 -1.42 60.47
C ILE D 205 21.71 -0.02 59.98
N GLY D 206 21.94 0.22 58.69
CA GLY D 206 21.74 1.54 58.12
C GLY D 206 22.19 1.61 56.68
N VAL D 207 22.99 0.63 56.27
CA VAL D 207 23.37 0.51 54.87
C VAL D 207 22.10 0.29 54.06
N GLU D 208 22.24 -0.17 52.83
CA GLU D 208 21.10 -0.40 51.95
C GLU D 208 20.12 0.79 51.88
N SER D 209 20.49 1.89 52.52
CA SER D 209 19.65 3.08 52.51
C SER D 209 19.57 3.65 51.10
N ALA D 210 20.67 3.55 50.35
CA ALA D 210 20.71 4.04 48.99
C ALA D 210 20.00 3.11 48.03
N SER D 211 19.92 1.83 48.39
CA SER D 211 19.22 0.84 47.58
C SER D 211 17.72 1.10 47.53
N VAL D 212 17.18 1.62 48.63
CA VAL D 212 15.77 1.99 48.66
C VAL D 212 15.59 3.42 48.18
N ALA D 213 16.67 4.19 48.23
CA ALA D 213 16.64 5.59 47.80
C ALA D 213 16.47 5.70 46.29
N ALA D 214 16.95 4.70 45.57
CA ALA D 214 16.81 4.65 44.12
C ALA D 214 15.37 4.94 43.72
N GLY D 215 15.17 5.40 42.50
CA GLY D 215 13.88 5.94 42.09
C GLY D 215 13.97 7.43 42.28
N VAL D 216 14.62 7.81 43.37
CA VAL D 216 15.11 9.16 43.56
C VAL D 216 16.60 9.08 43.26
N VAL D 217 17.42 9.72 44.09
CA VAL D 217 18.87 9.65 43.96
C VAL D 217 19.38 10.33 42.69
N LYS D 218 18.77 10.02 41.56
CA LYS D 218 19.24 10.50 40.27
C LYS D 218 20.67 10.04 39.99
N ASN D 219 20.85 9.37 38.85
CA ASN D 219 22.12 8.75 38.48
C ASN D 219 22.31 7.33 39.04
N PRO D 220 21.21 6.58 39.21
CA PRO D 220 21.32 5.25 39.82
C PRO D 220 22.20 4.30 39.02
N LYS D 221 22.35 3.08 39.51
CA LYS D 221 23.10 2.03 38.82
C LYS D 221 24.61 2.27 38.89
N ARG D 222 25.00 3.50 39.25
CA ARG D 222 26.41 3.83 39.44
C ARG D 222 26.62 4.54 40.77
N ASN D 223 25.86 5.60 41.01
CA ASN D 223 25.96 6.36 42.25
C ASN D 223 25.56 5.51 43.46
N VAL D 224 24.49 4.74 43.31
CA VAL D 224 23.99 3.92 44.40
C VAL D 224 25.08 3.04 45.03
N PRO D 225 25.73 2.19 44.21
CA PRO D 225 26.77 1.32 44.76
C PRO D 225 27.91 2.13 45.39
N ILE D 226 28.27 3.25 44.77
CA ILE D 226 29.35 4.09 45.27
C ILE D 226 29.03 4.61 46.67
N ALA D 227 27.78 5.02 46.88
CA ALA D 227 27.34 5.50 48.19
C ALA D 227 27.19 4.35 49.17
N THR D 228 26.50 3.29 48.75
CA THR D 228 26.30 2.11 49.58
C THR D 228 27.63 1.53 50.07
N ILE D 229 28.70 1.78 49.32
CA ILE D 229 30.03 1.36 49.72
C ILE D 229 30.77 2.49 50.44
N GLY D 230 30.63 3.70 49.91
CA GLY D 230 31.31 4.86 50.45
C GLY D 230 30.89 5.21 51.87
N GLY D 231 29.58 5.30 52.09
CA GLY D 231 29.06 5.62 53.40
C GLY D 231 29.51 4.64 54.47
N VAL D 232 29.39 3.35 54.17
CA VAL D 232 29.81 2.31 55.10
C VAL D 232 31.30 2.43 55.41
N LEU D 233 32.10 2.64 54.38
CA LEU D 233 33.53 2.80 54.53
C LEU D 233 33.84 3.99 55.43
N ILE D 234 33.03 5.05 55.28
CA ILE D 234 33.17 6.25 56.11
C ILE D 234 32.88 5.94 57.57
N ALA D 235 31.68 5.41 57.83
CA ALA D 235 31.25 5.10 59.18
C ALA D 235 32.14 4.04 59.83
N ALA D 236 32.72 3.17 59.01
CA ALA D 236 33.61 2.12 59.50
C ALA D 236 34.86 2.73 60.13
N VAL D 237 35.43 3.73 59.47
CA VAL D 237 36.60 4.42 59.98
C VAL D 237 36.22 5.30 61.17
N CYS D 238 35.10 6.00 61.06
CA CYS D 238 34.63 6.88 62.12
C CYS D 238 34.33 6.12 63.41
N TYR D 239 34.16 4.81 63.30
CA TYR D 239 33.96 3.98 64.48
C TYR D 239 35.28 3.57 65.11
N VAL D 240 36.14 2.95 64.32
CA VAL D 240 37.44 2.49 64.81
C VAL D 240 38.33 3.63 65.30
N LEU D 241 38.57 4.61 64.43
CA LEU D 241 39.40 5.75 64.80
C LEU D 241 38.67 6.70 65.73
N SER D 242 37.88 6.14 66.64
CA SER D 242 37.11 6.93 67.59
C SER D 242 36.87 6.14 68.87
N THR D 243 36.30 4.95 68.72
CA THR D 243 36.04 4.07 69.87
C THR D 243 37.34 3.58 70.49
N THR D 244 38.43 3.68 69.74
CA THR D 244 39.75 3.32 70.25
C THR D 244 40.49 4.59 70.62
N ALA D 245 40.13 5.69 69.98
CA ALA D 245 40.76 6.98 70.24
C ALA D 245 40.40 7.50 71.63
N ILE D 246 39.46 6.84 72.29
CA ILE D 246 39.07 7.25 73.64
C ILE D 246 39.13 6.09 74.63
N MET D 247 40.18 5.29 74.54
CA MET D 247 40.44 4.23 75.51
C MET D 247 41.77 3.53 75.22
N GLY D 248 42.88 4.21 75.45
CA GLY D 248 42.86 5.56 75.99
C GLY D 248 42.71 6.63 74.92
N MET D 249 43.03 7.87 75.26
CA MET D 249 43.65 8.18 76.54
C MET D 249 42.71 8.90 77.49
N ILE D 250 41.65 9.48 76.94
CA ILE D 250 40.80 10.40 77.69
C ILE D 250 40.13 9.80 78.93
N PRO D 251 39.19 8.86 78.72
CA PRO D 251 38.32 8.43 79.82
C PRO D 251 38.77 7.15 80.51
N ASN D 252 40.08 6.89 80.56
CA ASN D 252 40.59 5.74 81.29
C ASN D 252 40.15 5.78 82.75
N ALA D 253 39.77 4.62 83.29
CA ALA D 253 39.79 3.37 82.53
C ALA D 253 38.39 2.94 82.11
N ALA D 254 38.18 1.63 82.03
CA ALA D 254 36.89 1.09 81.61
C ALA D 254 35.84 1.16 82.72
N LEU D 255 36.10 1.98 83.72
CA LEU D 255 35.17 2.15 84.83
C LEU D 255 34.72 3.61 84.96
N ARG D 256 35.35 4.49 84.20
CA ARG D 256 34.99 5.90 84.19
C ARG D 256 33.94 6.18 83.11
N VAL D 257 34.17 5.65 81.92
CA VAL D 257 33.24 5.82 80.82
C VAL D 257 32.06 4.86 80.94
N SER D 258 32.30 3.72 81.57
CA SER D 258 31.27 2.69 81.73
C SER D 258 30.05 3.21 82.49
N ALA D 259 30.15 4.43 82.99
CA ALA D 259 29.07 5.02 83.77
C ALA D 259 28.44 6.23 83.06
N SER D 260 29.29 7.18 82.67
CA SER D 260 28.81 8.43 82.05
C SER D 260 28.72 8.33 80.53
N PRO D 261 27.68 8.95 79.95
CA PRO D 261 27.44 8.97 78.50
C PRO D 261 28.42 9.86 77.73
N PHE D 262 29.71 9.57 77.84
CA PHE D 262 30.74 10.27 77.08
C PHE D 262 30.38 11.73 76.80
N GLY D 263 30.36 12.10 75.53
CA GLY D 263 30.04 13.45 75.11
C GLY D 263 31.05 14.48 75.61
N ASP D 264 30.73 15.13 76.72
CA ASP D 264 31.57 16.16 77.30
C ASP D 264 32.86 15.57 77.87
N ALA D 265 32.85 14.26 78.09
CA ALA D 265 34.01 13.57 78.64
C ALA D 265 35.17 13.54 77.66
N ALA D 266 34.97 14.16 76.49
CA ALA D 266 36.01 14.23 75.47
C ALA D 266 36.82 15.52 75.62
N ARG D 267 36.25 16.47 76.35
CA ARG D 267 36.86 17.78 76.52
C ARG D 267 37.86 17.80 77.68
N MET D 268 37.73 16.82 78.57
CA MET D 268 38.55 16.75 79.78
C MET D 268 40.03 16.66 79.44
N ALA D 269 40.33 15.72 78.54
CA ALA D 269 41.68 15.42 78.06
C ALA D 269 42.08 16.44 77.02
N LEU D 270 43.03 16.11 76.13
CA LEU D 270 43.82 17.21 75.58
C LEU D 270 42.99 18.45 75.29
N GLY D 271 43.19 19.47 76.13
CA GLY D 271 42.61 20.79 75.95
C GLY D 271 41.28 20.91 75.26
N ASP D 272 40.25 21.23 76.04
CA ASP D 272 38.93 21.53 75.50
C ASP D 272 38.00 21.99 76.62
N THR D 273 37.68 23.28 76.63
CA THR D 273 36.97 23.90 77.74
C THR D 273 35.45 23.71 77.67
N ALA D 274 34.84 23.53 78.84
CA ALA D 274 33.39 23.45 78.95
C ALA D 274 32.75 24.77 78.54
N GLY D 275 31.48 24.74 78.14
CA GLY D 275 30.70 23.52 78.11
C GLY D 275 30.86 22.73 76.83
N ALA D 276 29.98 21.75 76.63
CA ALA D 276 30.08 20.84 75.50
C ALA D 276 29.46 21.39 74.23
N ILE D 277 30.31 21.72 73.26
CA ILE D 277 29.85 22.08 71.92
C ILE D 277 29.66 20.79 71.14
N VAL D 278 29.96 19.68 71.80
CA VAL D 278 29.75 18.35 71.23
C VAL D 278 28.27 18.02 71.18
N SER D 279 27.58 18.26 72.29
CA SER D 279 26.15 18.03 72.37
C SER D 279 25.39 18.98 71.45
N PHE D 280 26.10 19.96 70.91
CA PHE D 280 25.53 20.92 69.98
C PHE D 280 25.16 20.27 68.65
N CYS D 281 26.14 19.57 68.07
CA CYS D 281 25.96 18.96 66.75
C CYS D 281 25.57 17.48 66.83
N ALA D 282 26.02 16.81 67.88
CA ALA D 282 25.71 15.41 68.08
C ALA D 282 24.20 15.20 68.25
N ALA D 283 23.49 16.31 68.45
CA ALA D 283 22.04 16.28 68.55
C ALA D 283 21.42 16.40 67.16
N ALA D 284 22.10 17.13 66.29
CA ALA D 284 21.63 17.34 64.93
C ALA D 284 21.84 16.10 64.07
N GLY D 285 22.96 15.43 64.28
CA GLY D 285 23.26 14.21 63.54
C GLY D 285 22.28 13.10 63.85
N CYS D 286 21.51 13.28 64.92
CA CYS D 286 20.49 12.31 65.31
C CYS D 286 19.12 12.75 64.84
N LEU D 287 18.94 14.06 64.67
CA LEU D 287 17.69 14.60 64.16
C LEU D 287 17.68 14.60 62.63
N GLY D 288 18.87 14.67 62.04
CA GLY D 288 18.99 14.65 60.60
C GLY D 288 18.52 13.33 60.01
N SER D 289 18.90 12.24 60.65
CA SER D 289 18.54 10.91 60.17
C SER D 289 17.03 10.72 60.11
N LEU D 290 16.32 11.40 61.01
CA LEU D 290 14.87 11.30 61.08
C LEU D 290 14.25 11.49 59.70
N GLY D 291 14.70 12.53 58.99
CA GLY D 291 14.20 12.83 57.67
C GLY D 291 14.51 11.74 56.67
N GLY D 292 15.77 11.29 56.68
CA GLY D 292 16.20 10.25 55.77
C GLY D 292 15.44 8.95 55.95
N TRP D 293 15.19 8.58 57.20
CA TRP D 293 14.51 7.31 57.50
C TRP D 293 13.02 7.33 57.20
N THR D 294 12.43 8.52 57.17
CA THR D 294 11.05 8.66 56.75
C THR D 294 10.98 8.65 55.22
N LEU D 295 11.97 9.28 54.59
CA LEU D 295 12.11 9.23 53.15
C LEU D 295 12.09 7.78 52.69
N LEU D 296 12.82 6.93 53.41
CA LEU D 296 12.91 5.52 53.08
C LEU D 296 11.58 4.82 53.31
N ALA D 297 10.92 5.17 54.40
CA ALA D 297 9.63 4.57 54.73
C ALA D 297 8.59 4.89 53.67
N GLY D 298 8.73 6.06 53.05
CA GLY D 298 7.81 6.48 52.02
C GLY D 298 8.11 5.80 50.69
N GLN D 299 9.39 5.61 50.41
CA GLN D 299 9.83 4.98 49.17
C GLN D 299 9.39 3.51 49.09
N THR D 300 9.82 2.70 50.05
CA THR D 300 9.47 1.29 50.07
C THR D 300 7.96 1.09 49.99
N ALA D 301 7.22 1.90 50.74
CA ALA D 301 5.77 1.86 50.69
C ALA D 301 5.28 2.12 49.27
N LYS D 302 5.77 3.20 48.68
CA LYS D 302 5.42 3.55 47.30
C LYS D 302 5.75 2.39 46.37
N ALA D 303 7.04 2.06 46.28
CA ALA D 303 7.50 0.94 45.44
C ALA D 303 6.53 -0.22 45.49
N ALA D 304 6.25 -0.69 46.70
CA ALA D 304 5.31 -1.79 46.89
C ALA D 304 3.96 -1.41 46.30
N ALA D 305 3.44 -0.27 46.76
CA ALA D 305 2.14 0.22 46.30
C ALA D 305 2.03 0.20 44.79
N ASP D 306 3.10 0.64 44.13
CA ASP D 306 3.15 0.68 42.67
C ASP D 306 2.83 -0.68 42.07
N ASP D 307 3.31 -1.74 42.72
CA ASP D 307 2.97 -3.10 42.31
C ASP D 307 1.67 -3.52 42.98
N GLY D 308 1.23 -4.74 42.73
CA GLY D 308 -0.02 -5.21 43.30
C GLY D 308 0.02 -5.34 44.81
N LEU D 309 1.06 -4.78 45.42
CA LEU D 309 1.33 -4.98 46.84
C LEU D 309 1.24 -3.66 47.61
N PHE D 310 0.72 -3.74 48.83
CA PHE D 310 0.64 -2.58 49.72
C PHE D 310 -0.35 -1.54 49.22
N PRO D 311 -1.29 -1.13 50.09
CA PRO D 311 -2.36 -0.16 49.82
C PRO D 311 -1.94 0.97 48.89
N PRO D 312 -2.80 1.32 47.93
CA PRO D 312 -2.53 2.27 46.84
C PRO D 312 -2.27 3.69 47.34
N ILE D 313 -2.86 4.05 48.47
CA ILE D 313 -2.76 5.41 48.99
C ILE D 313 -1.31 5.87 49.06
N PHE D 314 -0.39 4.94 49.31
CA PHE D 314 1.02 5.25 49.42
C PHE D 314 1.64 5.52 48.06
N ALA D 315 0.80 5.65 47.04
CA ALA D 315 1.27 5.91 45.68
C ALA D 315 0.55 7.10 45.05
N ARG D 316 1.23 8.24 45.02
CA ARG D 316 0.69 9.44 44.39
C ARG D 316 1.79 10.34 43.84
N GLY D 321 1.64 14.16 43.89
CA GLY D 321 2.49 15.22 43.42
C GLY D 321 3.71 14.70 42.71
N THR D 322 4.81 14.57 43.45
CA THR D 322 6.03 13.95 42.94
C THR D 322 6.59 12.96 43.96
N PRO D 323 6.81 13.42 45.21
CA PRO D 323 7.05 12.45 46.28
C PRO D 323 5.74 11.78 46.66
N VAL D 324 5.63 11.31 47.90
CA VAL D 324 4.42 10.64 48.34
C VAL D 324 3.62 11.50 49.31
N ALA D 325 2.30 11.46 49.20
CA ALA D 325 1.42 12.18 50.11
C ALA D 325 0.95 11.25 51.23
N GLY D 326 1.08 9.95 51.00
CA GLY D 326 0.82 8.97 52.04
C GLY D 326 1.92 9.05 53.07
N LEU D 327 2.91 9.90 52.79
CA LEU D 327 4.01 10.18 53.70
C LEU D 327 3.48 10.73 55.01
N LEU D 328 2.28 11.31 54.95
CA LEU D 328 1.64 11.86 56.15
C LEU D 328 1.17 10.75 57.08
N ILE D 329 0.70 9.65 56.51
CA ILE D 329 0.24 8.53 57.31
C ILE D 329 1.37 8.02 58.19
N VAL D 330 2.58 8.16 57.69
CA VAL D 330 3.77 7.82 58.48
C VAL D 330 3.91 8.78 59.65
N GLY D 331 3.68 10.06 59.39
CA GLY D 331 3.71 11.07 60.43
C GLY D 331 2.60 10.89 61.45
N VAL D 332 1.42 10.48 60.96
CA VAL D 332 0.29 10.21 61.83
C VAL D 332 0.57 9.01 62.74
N LEU D 333 1.11 7.95 62.15
CA LEU D 333 1.45 6.75 62.90
C LEU D 333 2.58 7.02 63.89
N MET D 334 3.58 7.77 63.45
CA MET D 334 4.72 8.11 64.31
C MET D 334 4.31 8.88 65.57
N THR D 335 3.14 9.49 65.53
CA THR D 335 2.65 10.26 66.68
C THR D 335 1.64 9.48 67.52
N ILE D 336 0.71 8.79 66.87
CA ILE D 336 -0.24 7.95 67.58
C ILE D 336 0.51 7.02 68.52
N PHE D 337 1.73 6.64 68.11
CA PHE D 337 2.59 5.80 68.93
C PHE D 337 3.44 6.64 69.87
N GLN D 338 3.80 7.85 69.44
CA GLN D 338 4.60 8.74 70.26
C GLN D 338 3.89 9.09 71.56
N PHE D 339 2.56 9.15 71.52
CA PHE D 339 1.77 9.45 72.72
C PHE D 339 1.59 8.24 73.60
N SER D 340 1.34 7.08 72.98
CA SER D 340 1.17 5.84 73.73
C SER D 340 2.51 5.30 74.23
N SER D 341 3.54 6.13 74.18
CA SER D 341 4.88 5.74 74.62
C SER D 341 5.45 6.73 75.63
N MET D 342 4.71 7.80 75.89
CA MET D 342 5.17 8.83 76.80
C MET D 342 4.20 9.04 77.97
N SER D 343 3.06 9.67 77.70
CA SER D 343 2.12 10.02 78.76
C SER D 343 1.59 8.81 79.52
N PRO D 344 0.79 7.95 78.87
CA PRO D 344 0.29 6.78 79.60
C PRO D 344 1.41 5.78 79.85
N ASN D 345 1.65 5.46 81.11
CA ASN D 345 2.69 4.50 81.47
C ASN D 345 2.09 3.10 81.40
N ALA D 346 1.75 2.66 80.20
CA ALA D 346 0.98 1.42 80.03
C ALA D 346 0.72 1.13 78.55
N ALA D 347 1.66 0.43 77.93
CA ALA D 347 2.85 -0.03 78.65
C ALA D 347 4.11 0.60 78.07
N LYS D 348 5.06 0.91 78.95
CA LYS D 348 6.39 1.32 78.50
C LYS D 348 7.10 0.07 77.99
N GLU D 349 6.54 -1.08 78.32
CA GLU D 349 7.03 -2.35 77.83
C GLU D 349 6.60 -2.55 76.38
N PHE D 350 5.51 -1.88 76.01
CA PHE D 350 5.03 -1.90 74.64
C PHE D 350 5.99 -1.14 73.73
N GLY D 351 6.39 0.05 74.18
CA GLY D 351 7.33 0.87 73.44
C GLY D 351 8.76 0.35 73.54
N LEU D 352 8.94 -0.73 74.30
CA LEU D 352 10.24 -1.34 74.47
C LEU D 352 10.34 -2.63 73.65
N VAL D 353 9.28 -3.42 73.66
CA VAL D 353 9.23 -4.66 72.89
C VAL D 353 8.95 -4.35 71.42
N SER D 354 8.18 -3.29 71.18
CA SER D 354 7.92 -2.84 69.81
C SER D 354 9.16 -2.14 69.26
N SER D 355 9.96 -1.59 70.16
CA SER D 355 11.25 -1.02 69.78
C SER D 355 12.20 -2.17 69.46
N VAL D 356 11.63 -3.37 69.28
CA VAL D 356 12.37 -4.51 68.77
C VAL D 356 11.85 -4.88 67.38
N SER D 357 11.85 -3.85 66.54
CA SER D 357 11.57 -3.92 65.12
C SER D 357 12.89 -3.85 64.35
N VAL D 358 13.99 -3.70 65.06
CA VAL D 358 15.31 -3.69 64.44
C VAL D 358 15.66 -5.06 63.88
N ILE D 359 15.09 -6.10 64.49
CA ILE D 359 15.26 -7.46 63.99
C ILE D 359 14.59 -7.58 62.63
N PHE D 360 13.47 -6.88 62.46
CA PHE D 360 12.79 -6.83 61.18
C PHE D 360 13.77 -6.46 60.08
N THR D 361 14.62 -5.47 60.38
CA THR D 361 15.56 -4.93 59.40
C THR D 361 16.43 -6.02 58.77
N LEU D 362 16.68 -7.09 59.49
CA LEU D 362 17.55 -8.17 59.00
C LEU D 362 16.89 -9.08 57.96
N VAL D 363 15.59 -9.32 58.10
CA VAL D 363 14.88 -10.14 57.12
C VAL D 363 15.13 -9.69 55.68
N PRO D 364 14.98 -8.37 55.42
CA PRO D 364 15.38 -7.81 54.11
C PRO D 364 16.84 -8.12 53.78
N TYR D 365 17.75 -7.79 54.68
CA TYR D 365 19.17 -8.09 54.48
C TYR D 365 19.36 -9.53 54.03
N LEU D 366 18.72 -10.45 54.73
CA LEU D 366 18.79 -11.87 54.40
C LEU D 366 18.38 -12.13 52.95
N TYR D 367 17.22 -11.59 52.57
CA TYR D 367 16.65 -11.88 51.26
C TYR D 367 17.43 -11.29 50.09
N THR D 368 17.95 -10.08 50.26
CA THR D 368 18.69 -9.43 49.17
C THR D 368 20.03 -10.13 48.95
N CYS D 369 20.45 -10.94 49.91
CA CYS D 369 21.61 -11.80 49.71
C CYS D 369 21.23 -12.96 48.82
N ALA D 370 20.18 -13.68 49.21
CA ALA D 370 19.63 -14.75 48.39
C ALA D 370 19.34 -14.23 46.98
N ALA D 371 18.88 -12.99 46.91
CA ALA D 371 18.60 -12.36 45.63
C ALA D 371 19.84 -12.37 44.74
N LEU D 372 20.90 -11.69 45.18
CA LEU D 372 22.10 -11.55 44.38
C LEU D 372 22.66 -12.89 43.89
N LEU D 373 22.31 -13.96 44.57
CA LEU D 373 22.69 -15.29 44.13
C LEU D 373 21.71 -15.86 43.11
N LEU D 374 20.42 -15.77 43.42
CA LEU D 374 19.38 -16.34 42.55
C LEU D 374 19.06 -15.47 41.33
N LEU D 375 19.21 -14.15 41.49
CA LEU D 375 18.95 -13.21 40.41
C LEU D 375 20.12 -13.13 39.45
N GLY D 376 21.25 -12.61 39.92
CA GLY D 376 22.39 -12.34 39.07
C GLY D 376 23.50 -13.37 39.14
N HIS D 377 23.12 -14.65 39.13
CA HIS D 377 24.09 -15.73 39.10
C HIS D 377 24.92 -15.70 37.83
N GLY D 378 24.39 -15.04 36.80
CA GLY D 378 25.03 -14.98 35.51
C GLY D 378 25.86 -13.72 35.30
N HIS D 379 25.45 -12.63 35.94
CA HIS D 379 26.14 -11.36 35.78
C HIS D 379 27.47 -11.34 36.53
N PHE D 380 27.88 -12.50 37.01
CA PHE D 380 29.16 -12.64 37.70
C PHE D 380 30.30 -12.74 36.70
N GLY D 381 30.93 -13.92 36.66
CA GLY D 381 32.04 -14.18 35.76
C GLY D 381 33.30 -13.45 36.15
N LYS D 382 33.15 -12.36 36.90
CA LYS D 382 34.28 -11.53 37.26
C LYS D 382 34.97 -12.04 38.52
N ALA D 383 34.41 -13.07 39.15
CA ALA D 383 34.69 -13.33 40.54
C ALA D 383 33.51 -14.03 41.20
N ARG D 384 32.88 -14.93 40.45
CA ARG D 384 31.73 -15.66 40.97
C ARG D 384 32.04 -16.35 42.29
N PRO D 385 33.18 -17.06 42.35
CA PRO D 385 33.57 -17.66 43.63
C PRO D 385 33.74 -16.59 44.70
N LEU D 386 34.25 -15.43 44.29
CA LEU D 386 34.47 -14.31 45.22
C LEU D 386 33.13 -13.74 45.72
N TYR D 387 32.22 -13.49 44.79
CA TYR D 387 30.89 -13.02 45.14
C TYR D 387 30.14 -14.09 45.93
N LEU D 388 30.24 -15.33 45.49
CA LEU D 388 29.61 -16.45 46.16
C LEU D 388 30.13 -16.53 47.60
N LEU D 389 31.39 -16.14 47.79
CA LEU D 389 32.01 -16.10 49.10
C LEU D 389 31.45 -14.95 49.92
N ILE D 390 31.61 -13.73 49.39
CA ILE D 390 31.14 -12.52 50.07
C ILE D 390 29.70 -12.64 50.54
N THR D 391 28.79 -12.99 49.64
CA THR D 391 27.39 -13.15 49.99
C THR D 391 27.23 -14.16 51.13
N PHE D 392 28.09 -15.16 51.16
CA PHE D 392 28.08 -16.16 52.24
C PHE D 392 28.47 -15.53 53.56
N VAL D 393 29.52 -14.71 53.55
CA VAL D 393 29.92 -13.96 54.71
C VAL D 393 28.75 -13.14 55.25
N ALA D 394 28.24 -12.23 54.42
CA ALA D 394 27.11 -11.40 54.80
C ALA D 394 25.95 -12.25 55.32
N PHE D 395 25.83 -13.47 54.79
CA PHE D 395 24.80 -14.40 55.24
C PHE D 395 24.93 -14.68 56.74
N VAL D 396 26.07 -15.21 57.14
CA VAL D 396 26.30 -15.54 58.54
C VAL D 396 26.26 -14.28 59.41
N TYR D 397 26.89 -13.21 58.94
CA TYR D 397 26.88 -11.92 59.64
C TYR D 397 25.48 -11.60 60.15
N CYS D 398 24.48 -11.80 59.30
CA CYS D 398 23.10 -11.57 59.66
C CYS D 398 22.60 -12.66 60.62
N ILE D 399 22.95 -13.89 60.30
CA ILE D 399 22.51 -15.04 61.10
C ILE D 399 23.10 -14.98 62.51
N TRP D 400 24.17 -14.18 62.67
CA TRP D 400 24.81 -14.03 63.97
C TRP D 400 24.14 -12.92 64.76
N ALA D 401 24.00 -11.76 64.13
CA ALA D 401 23.35 -10.62 64.77
C ALA D 401 22.00 -11.02 65.35
N VAL D 402 21.34 -11.97 64.70
CA VAL D 402 20.06 -12.47 65.20
C VAL D 402 20.27 -13.34 66.43
N ILE D 403 21.27 -14.22 66.37
CA ILE D 403 21.58 -15.09 67.50
C ILE D 403 22.00 -14.25 68.72
N GLY D 404 22.76 -13.20 68.47
CA GLY D 404 23.20 -12.31 69.53
C GLY D 404 22.16 -11.29 69.93
N SER D 405 20.89 -11.69 69.87
CA SER D 405 19.78 -10.82 70.24
C SER D 405 18.91 -11.46 71.31
N GLY D 406 18.03 -10.67 71.91
CA GLY D 406 17.15 -11.16 72.96
C GLY D 406 16.15 -12.19 72.47
N ALA D 407 16.14 -13.35 73.10
CA ALA D 407 15.20 -14.41 72.74
C ALA D 407 13.76 -13.92 72.78
N LYS D 408 13.47 -13.02 73.71
CA LYS D 408 12.14 -12.41 73.80
C LYS D 408 11.91 -11.57 72.57
N GLU D 409 12.90 -10.74 72.26
CA GLU D 409 12.84 -9.83 71.12
C GLU D 409 12.62 -10.54 69.79
N VAL D 410 13.46 -11.53 69.52
CA VAL D 410 13.34 -12.34 68.30
C VAL D 410 12.04 -13.12 68.27
N MET D 411 11.65 -13.66 69.42
CA MET D 411 10.42 -14.45 69.54
C MET D 411 9.22 -13.74 68.92
N TRP D 412 9.13 -12.43 69.11
CA TRP D 412 8.03 -11.64 68.56
C TRP D 412 8.24 -11.32 67.09
N SER D 413 9.49 -11.03 66.72
CA SER D 413 9.84 -10.84 65.32
C SER D 413 9.25 -11.98 64.52
N PHE D 414 9.32 -13.18 65.09
CA PHE D 414 8.78 -14.38 64.46
C PHE D 414 7.25 -14.34 64.40
N VAL D 415 6.63 -14.03 65.54
CA VAL D 415 5.18 -13.94 65.59
C VAL D 415 4.66 -12.90 64.61
N THR D 416 5.46 -11.85 64.39
CA THR D 416 5.12 -10.83 63.42
C THR D 416 4.89 -11.45 62.04
N LEU D 417 5.86 -12.23 61.57
CA LEU D 417 5.77 -12.88 60.27
C LEU D 417 4.54 -13.77 60.20
N MET D 418 4.29 -14.51 61.28
CA MET D 418 3.10 -15.35 61.37
C MET D 418 1.88 -14.55 60.94
N VAL D 419 1.76 -13.36 61.49
CA VAL D 419 0.62 -12.48 61.24
C VAL D 419 0.61 -11.90 59.82
N ILE D 420 1.78 -11.53 59.33
CA ILE D 420 1.89 -10.95 57.99
C ILE D 420 1.35 -11.92 56.92
N THR D 421 1.83 -13.16 56.95
CA THR D 421 1.36 -14.15 55.99
C THR D 421 -0.15 -14.36 56.14
N ALA D 422 -0.62 -14.32 57.39
CA ALA D 422 -2.05 -14.41 57.66
C ALA D 422 -2.77 -13.23 57.04
N LEU D 423 -2.14 -12.07 57.12
CA LEU D 423 -2.69 -10.85 56.55
C LEU D 423 -2.81 -11.00 55.03
N TYR D 424 -1.67 -11.27 54.39
CA TYR D 424 -1.61 -11.46 52.95
C TYR D 424 -2.61 -12.51 52.46
N ALA D 425 -2.66 -13.65 53.14
CA ALA D 425 -3.51 -14.75 52.71
C ALA D 425 -4.98 -14.41 52.82
N LEU D 426 -5.31 -13.42 53.64
CA LEU D 426 -6.69 -13.01 53.81
C LEU D 426 -7.05 -11.87 52.86
N ASN D 427 -6.12 -10.92 52.72
CA ASN D 427 -6.34 -9.75 51.87
C ASN D 427 -6.20 -10.05 50.38
N TYR D 428 -4.98 -10.38 49.96
CA TYR D 428 -4.68 -10.61 48.56
C TYR D 428 -5.23 -11.95 48.10
N ASN D 429 -6.21 -12.45 48.84
CA ASN D 429 -6.89 -13.71 48.56
C ASN D 429 -7.04 -14.03 47.08
N ARG D 430 -7.43 -13.03 46.29
CA ARG D 430 -7.71 -13.25 44.87
C ARG D 430 -6.91 -12.35 43.92
N ILE D 431 -6.08 -11.47 44.47
CA ILE D 431 -5.15 -10.69 43.67
C ILE D 431 -3.93 -11.57 43.37
N HIS D 432 -3.85 -12.70 44.06
CA HIS D 432 -2.67 -13.55 44.04
C HIS D 432 -2.51 -14.33 42.74
N LYS D 433 -1.33 -14.21 42.11
CA LYS D 433 -0.98 -15.03 40.97
C LYS D 433 -0.27 -16.29 41.47
N ASN D 434 -1.03 -17.38 41.48
CA ASN D 434 -0.69 -18.54 42.31
C ASN D 434 -0.13 -19.74 41.54
N PRO D 435 1.21 -19.87 41.49
CA PRO D 435 1.89 -21.02 40.88
C PRO D 435 2.18 -22.08 41.93
N TYR D 436 1.86 -23.35 41.63
CA TYR D 436 1.22 -23.73 40.39
C TYR D 436 -0.27 -23.88 40.66
N PRO D 437 -1.11 -23.16 39.90
CA PRO D 437 -2.56 -23.13 40.11
C PRO D 437 -3.19 -24.52 40.18
N LEU D 438 -4.45 -24.58 40.61
CA LEU D 438 -5.19 -25.84 40.72
C LEU D 438 -5.79 -26.27 39.37
N ASP D 439 -6.95 -26.91 39.43
CA ASP D 439 -7.59 -27.45 38.23
C ASP D 439 -8.99 -26.88 37.97
N GLN E 1 -8.81 -29.69 29.25
CA GLN E 1 -7.96 -29.27 28.15
C GLN E 1 -8.15 -27.79 27.85
N VAL E 2 -7.05 -27.07 27.70
CA VAL E 2 -7.11 -25.65 27.36
C VAL E 2 -7.37 -25.51 25.86
N GLN E 3 -8.15 -24.49 25.50
CA GLN E 3 -8.44 -24.23 24.10
C GLN E 3 -7.66 -23.02 23.59
N LEU E 4 -7.96 -21.85 24.16
CA LEU E 4 -7.21 -20.64 23.85
C LEU E 4 -7.13 -20.41 22.33
N GLN E 5 -8.24 -20.05 21.71
CA GLN E 5 -8.27 -19.86 20.25
C GLN E 5 -8.71 -18.45 19.84
N GLN E 6 -8.27 -18.04 18.64
CA GLN E 6 -8.39 -16.66 18.22
C GLN E 6 -9.13 -16.51 16.89
N SER E 7 -9.01 -15.33 16.28
CA SER E 7 -9.67 -14.99 15.02
C SER E 7 -8.72 -14.87 13.82
N GLY E 8 -9.07 -15.54 12.72
CA GLY E 8 -8.26 -15.60 11.52
C GLY E 8 -7.96 -14.34 10.74
N PRO E 9 -8.95 -13.45 10.61
CA PRO E 9 -8.80 -12.21 9.85
C PRO E 9 -7.97 -11.18 10.63
N GLU E 10 -7.54 -10.11 9.96
CA GLU E 10 -7.85 -9.89 8.56
C GLU E 10 -6.72 -9.16 7.83
N LEU E 11 -7.06 -8.01 7.27
CA LEU E 11 -6.14 -7.16 6.58
C LEU E 11 -6.33 -5.70 6.93
N VAL E 12 -5.25 -4.95 6.80
CA VAL E 12 -5.28 -3.57 7.21
C VAL E 12 -4.35 -2.64 6.44
N LYS E 13 -4.66 -1.36 6.54
CA LYS E 13 -3.96 -0.31 5.84
C LYS E 13 -2.92 0.30 6.77
N PRO E 14 -1.72 0.59 6.23
CA PRO E 14 -0.62 1.16 6.99
C PRO E 14 -1.07 2.40 7.76
N GLY E 15 -0.67 2.50 9.03
CA GLY E 15 -1.06 3.62 9.85
C GLY E 15 -2.18 3.26 10.81
N ALA E 16 -3.26 2.70 10.26
CA ALA E 16 -4.39 2.29 11.06
C ALA E 16 -3.99 1.22 12.06
N LEU E 17 -4.90 0.85 12.95
CA LEU E 17 -4.59 -0.14 13.98
C LEU E 17 -5.51 -1.35 13.91
N VAL E 18 -5.06 -2.45 14.50
CA VAL E 18 -5.84 -3.69 14.54
C VAL E 18 -6.11 -4.11 15.98
N LYS E 19 -7.18 -4.87 16.19
CA LYS E 19 -7.51 -5.39 17.50
C LYS E 19 -7.83 -6.88 17.39
N ILE E 20 -6.91 -7.71 17.86
CA ILE E 20 -7.05 -9.16 17.78
C ILE E 20 -7.50 -9.72 19.12
N SER E 21 -8.25 -10.82 19.09
CA SER E 21 -8.78 -11.40 20.32
C SER E 21 -8.37 -12.86 20.50
N CYS E 22 -8.35 -13.31 21.75
CA CYS E 22 -8.00 -14.69 22.08
C CYS E 22 -8.88 -15.20 23.21
N LYS E 23 -9.92 -15.96 22.86
CA LYS E 23 -10.88 -16.45 23.85
C LYS E 23 -10.42 -17.78 24.42
N ALA E 24 -10.16 -17.79 25.73
CA ALA E 24 -9.65 -18.98 26.41
C ALA E 24 -10.77 -19.76 27.09
N SER E 25 -10.61 -21.08 27.14
CA SER E 25 -11.59 -21.95 27.77
C SER E 25 -10.93 -23.23 28.25
N GLY E 26 -11.60 -23.95 29.15
CA GLY E 26 -11.06 -25.16 29.71
C GLY E 26 -10.37 -24.91 31.04
N TYR E 27 -10.05 -23.65 31.30
CA TYR E 27 -9.45 -23.25 32.56
C TYR E 27 -10.02 -21.91 33.00
N THR E 28 -9.71 -21.49 34.22
CA THR E 28 -10.17 -20.19 34.70
C THR E 28 -9.28 -19.09 34.14
N PHE E 29 -9.89 -18.16 33.42
CA PHE E 29 -9.16 -17.14 32.69
C PHE E 29 -8.25 -16.29 33.58
N THR E 30 -8.63 -16.11 34.84
CA THR E 30 -7.91 -15.19 35.73
C THR E 30 -6.84 -15.84 36.59
N ASN E 31 -6.60 -17.13 36.39
CA ASN E 31 -5.57 -17.83 37.16
C ASN E 31 -4.18 -17.72 36.56
N TYR E 32 -4.11 -17.55 35.24
CA TYR E 32 -2.83 -17.50 34.55
C TYR E 32 -2.66 -16.18 33.80
N ASP E 33 -1.49 -16.02 33.18
CA ASP E 33 -1.24 -14.89 32.29
C ASP E 33 -1.70 -15.22 30.88
N ILE E 34 -1.63 -14.23 29.99
CA ILE E 34 -1.87 -14.46 28.57
C ILE E 34 -0.73 -13.83 27.78
N ASN E 35 -0.01 -14.66 27.02
CA ASN E 35 1.15 -14.19 26.28
C ASN E 35 0.88 -13.99 24.79
N TRP E 36 1.73 -13.18 24.15
CA TRP E 36 1.64 -12.97 22.72
C TRP E 36 3.02 -13.06 22.08
N VAL E 37 3.10 -13.79 20.98
CA VAL E 37 4.35 -13.93 20.25
C VAL E 37 4.13 -13.62 18.78
N LYS E 38 5.16 -13.09 18.13
CA LYS E 38 5.06 -12.66 16.74
C LYS E 38 6.07 -13.41 15.88
N GLN E 39 5.56 -14.28 15.02
CA GLN E 39 6.43 -15.10 14.18
C GLN E 39 6.40 -14.66 12.73
N ARG E 40 7.47 -13.99 12.30
CA ARG E 40 7.62 -13.58 10.90
C ARG E 40 7.50 -14.75 9.94
N PRO E 41 7.44 -14.48 8.63
CA PRO E 41 7.27 -15.52 7.60
C PRO E 41 8.16 -16.73 7.84
N GLY E 42 7.59 -17.80 8.38
CA GLY E 42 8.33 -19.02 8.65
C GLY E 42 9.69 -18.75 9.24
N GLN E 43 9.72 -17.95 10.30
CA GLN E 43 10.98 -17.55 10.93
C GLN E 43 10.93 -17.69 12.44
N GLY E 44 11.87 -17.04 13.13
CA GLY E 44 11.93 -17.07 14.57
C GLY E 44 10.75 -16.34 15.19
N LEU E 45 10.34 -16.81 16.37
CA LEU E 45 9.22 -16.19 17.07
C LEU E 45 9.71 -15.14 18.05
N GLU E 46 8.99 -14.03 18.13
CA GLU E 46 9.39 -12.92 18.98
C GLU E 46 8.34 -12.69 20.05
N TRP E 47 8.73 -12.85 21.32
CA TRP E 47 7.80 -12.60 22.41
C TRP E 47 7.35 -11.15 22.37
N ILE E 48 6.15 -10.89 22.88
CA ILE E 48 5.54 -9.58 22.77
C ILE E 48 5.19 -9.01 24.14
N GLY E 49 4.63 -9.86 25.00
CA GLY E 49 4.24 -9.46 26.33
C GLY E 49 3.14 -10.35 26.85
N TRP E 50 2.93 -10.31 28.16
CA TRP E 50 1.83 -11.04 28.78
C TRP E 50 0.85 -10.04 29.37
N ILE E 51 -0.31 -10.55 29.80
CA ILE E 51 -1.29 -9.72 30.48
C ILE E 51 -2.03 -10.54 31.51
N TYR E 52 -2.13 -9.99 32.73
CA TYR E 52 -2.87 -10.66 33.78
C TYR E 52 -4.33 -10.24 33.76
N PRO E 53 -5.23 -11.20 33.52
CA PRO E 53 -6.67 -10.92 33.58
C PRO E 53 -7.04 -10.35 34.95
N GLY E 54 -6.20 -10.61 35.95
CA GLY E 54 -6.36 -10.03 37.27
C GLY E 54 -6.21 -8.52 37.25
N ASP E 55 -5.18 -8.03 36.54
CA ASP E 55 -4.92 -6.59 36.47
C ASP E 55 -3.90 -6.16 35.41
N GLY E 56 -2.63 -6.04 35.80
CA GLY E 56 -1.60 -5.44 34.97
C GLY E 56 -0.96 -6.33 33.93
N SER E 57 0.16 -5.89 33.38
CA SER E 57 0.85 -6.62 32.31
C SER E 57 2.28 -6.11 32.03
N THR E 58 3.12 -7.02 31.51
CA THR E 58 4.50 -6.69 31.13
C THR E 58 4.65 -6.79 29.61
N MET E 59 5.43 -5.88 29.02
CA MET E 59 5.58 -5.83 27.56
C MET E 59 7.03 -5.86 27.10
N TYR E 60 7.29 -6.63 26.05
CA TYR E 60 8.63 -6.76 25.47
C TYR E 60 9.19 -5.38 25.11
N ASN E 61 10.41 -5.11 25.57
CA ASN E 61 11.06 -3.82 25.33
C ASN E 61 11.07 -3.42 23.85
N GLU E 62 11.77 -4.19 23.02
CA GLU E 62 11.89 -3.89 21.59
C GLU E 62 10.63 -3.24 21.04
N LYS E 63 9.52 -3.95 21.14
CA LYS E 63 8.25 -3.43 20.66
C LYS E 63 7.62 -2.49 21.67
N PHE E 64 8.36 -1.43 21.99
CA PHE E 64 7.91 -0.38 22.89
C PHE E 64 6.67 0.29 22.28
N LYS E 65 5.56 0.25 23.02
CA LYS E 65 4.29 0.73 22.48
C LYS E 65 3.93 -0.05 21.22
N GLY E 66 3.32 0.64 20.26
CA GLY E 66 2.90 0.01 19.02
C GLY E 66 1.95 -1.14 19.27
N LYS E 67 1.45 -1.22 20.50
CA LYS E 67 0.56 -2.30 20.90
C LYS E 67 0.17 -2.20 22.38
N ALA E 68 -1.07 -2.52 22.68
CA ALA E 68 -1.57 -2.46 24.05
C ALA E 68 -2.38 -3.71 24.37
N THR E 69 -1.90 -4.48 25.35
CA THR E 69 -2.59 -5.71 25.75
C THR E 69 -3.71 -5.40 26.73
N LEU E 70 -4.94 -5.75 26.37
CA LEU E 70 -6.10 -5.52 27.22
C LEU E 70 -6.85 -6.83 27.46
N THR E 71 -7.85 -6.79 28.34
CA THR E 71 -8.66 -7.97 28.61
C THR E 71 -9.93 -7.69 29.38
N ALA E 72 -10.94 -8.53 29.17
CA ALA E 72 -12.19 -8.46 29.91
C ALA E 72 -12.46 -9.79 30.61
N ASP E 73 -12.56 -9.74 31.93
CA ASP E 73 -12.78 -10.94 32.73
C ASP E 73 -14.06 -11.65 32.32
N LYS E 74 -15.07 -10.85 31.97
CA LYS E 74 -16.40 -11.35 31.67
C LYS E 74 -16.43 -12.35 30.52
N SER E 75 -15.99 -11.90 29.34
CA SER E 75 -16.05 -12.71 28.14
C SER E 75 -15.01 -13.84 28.14
N SER E 76 -14.15 -13.83 29.15
CA SER E 76 -13.09 -14.84 29.27
C SER E 76 -12.16 -14.81 28.07
N SER E 77 -12.02 -13.64 27.46
CA SER E 77 -11.08 -13.44 26.36
C SER E 77 -10.20 -12.24 26.64
N THR E 78 -9.27 -11.94 25.73
CA THR E 78 -8.33 -10.85 25.92
C THR E 78 -7.95 -10.18 24.60
N ALA E 79 -8.24 -8.89 24.50
CA ALA E 79 -7.95 -8.12 23.29
C ALA E 79 -6.45 -7.82 23.16
N TYR E 80 -6.06 -7.29 22.01
CA TYR E 80 -4.66 -7.02 21.71
C TYR E 80 -4.54 -6.15 20.46
N MET E 81 -4.14 -4.89 20.64
CA MET E 81 -4.06 -3.94 19.53
C MET E 81 -2.66 -3.73 19.01
N GLN E 82 -2.56 -3.42 17.72
CA GLN E 82 -1.30 -3.03 17.09
C GLN E 82 -1.42 -1.57 16.67
N LEU E 83 -0.71 -0.70 17.39
CA LEU E 83 -0.91 0.74 17.26
C LEU E 83 -0.55 1.29 15.87
N SER E 84 0.71 1.65 15.67
CA SER E 84 1.15 2.25 14.41
C SER E 84 1.72 1.21 13.46
N SER E 85 0.84 0.40 12.87
CA SER E 85 1.25 -0.63 11.94
C SER E 85 1.91 -0.06 10.69
N LEU E 86 2.89 -0.78 10.16
CA LEU E 86 3.54 -0.39 8.91
C LEU E 86 3.69 -1.61 7.99
N THR E 87 3.83 -1.35 6.70
CA THR E 87 3.81 -2.39 5.67
C THR E 87 4.63 -3.63 6.02
N SER E 88 5.76 -3.45 6.69
CA SER E 88 6.64 -4.56 7.02
C SER E 88 6.28 -5.25 8.33
N GLU E 89 5.69 -4.50 9.25
CA GLU E 89 5.26 -5.04 10.53
C GLU E 89 4.12 -6.05 10.36
N ASN E 90 3.76 -6.34 9.12
CA ASN E 90 2.68 -7.28 8.84
C ASN E 90 3.01 -8.68 9.30
N SER E 91 2.07 -9.29 10.02
CA SER E 91 2.26 -10.63 10.56
C SER E 91 2.54 -11.66 9.50
N SER E 92 3.24 -12.71 9.93
CA SER E 92 3.14 -14.01 9.31
C SER E 92 2.21 -14.81 10.21
N VAL E 93 2.02 -14.32 11.45
CA VAL E 93 0.97 -14.80 12.35
C VAL E 93 1.23 -14.50 13.84
N TYR E 94 0.22 -13.92 14.49
CA TYR E 94 0.30 -13.63 15.91
C TYR E 94 -0.34 -14.74 16.76
N PHE E 95 0.40 -15.22 17.75
CA PHE E 95 -0.08 -16.30 18.62
C PHE E 95 -0.32 -15.82 20.03
N CYS E 96 -1.42 -16.29 20.62
CA CYS E 96 -1.64 -16.14 22.06
C CYS E 96 -1.22 -17.44 22.73
N ALA E 97 -0.68 -17.36 23.93
CA ALA E 97 -0.16 -18.55 24.59
C ALA E 97 -0.19 -18.44 26.11
N ARG E 98 -0.50 -19.56 26.76
CA ARG E 98 -0.55 -19.63 28.22
C ARG E 98 0.49 -20.63 28.72
N LEU E 99 1.25 -20.24 29.74
CA LEU E 99 2.24 -21.14 30.33
C LEU E 99 1.53 -22.23 31.12
N ASP E 100 2.28 -23.24 31.53
CA ASP E 100 1.76 -24.27 32.43
C ASP E 100 2.12 -23.85 33.84
N GLY E 101 1.99 -22.56 34.11
CA GLY E 101 2.67 -21.94 35.24
C GLY E 101 3.97 -21.40 34.67
N ASN E 102 4.26 -20.10 34.85
CA ASN E 102 3.50 -19.18 35.69
C ASN E 102 3.64 -19.55 37.15
N TYR E 103 4.73 -19.11 37.76
CA TYR E 103 5.76 -18.34 37.07
C TYR E 103 6.76 -19.27 36.37
N GLY E 104 7.28 -18.81 35.23
CA GLY E 104 8.31 -19.54 34.52
C GLY E 104 7.91 -20.93 34.06
N GLY E 105 8.16 -21.24 32.80
CA GLY E 105 8.73 -20.29 31.87
C GLY E 105 8.62 -20.80 30.45
N TRP E 106 7.81 -21.83 30.26
CA TRP E 106 7.61 -22.44 28.96
C TRP E 106 6.13 -22.53 28.62
N PHE E 107 5.80 -22.26 27.37
CA PHE E 107 4.41 -22.19 26.93
C PHE E 107 3.85 -23.58 26.65
N ALA E 108 2.76 -23.92 27.34
CA ALA E 108 2.16 -25.24 27.22
C ALA E 108 0.96 -25.22 26.28
N TYR E 109 0.39 -24.04 26.08
CA TYR E 109 -0.81 -23.92 25.26
C TYR E 109 -0.71 -22.73 24.30
N TRP E 110 -0.91 -23.00 23.02
CA TRP E 110 -0.82 -21.98 21.99
C TRP E 110 -2.15 -21.76 21.29
N GLY E 111 -2.41 -20.52 20.88
CA GLY E 111 -3.58 -20.22 20.07
C GLY E 111 -3.37 -20.78 18.69
N GLN E 112 -4.42 -20.83 17.87
CA GLN E 112 -4.29 -21.38 16.53
C GLN E 112 -3.54 -20.41 15.62
N GLY E 113 -3.52 -19.13 15.98
CA GLY E 113 -2.79 -18.13 15.24
C GLY E 113 -3.66 -17.18 14.45
N THR E 114 -3.23 -15.93 14.35
CA THR E 114 -3.97 -14.92 13.61
C THR E 114 -3.10 -14.22 12.58
N SER E 115 -3.36 -14.52 11.30
CA SER E 115 -2.59 -13.91 10.21
C SER E 115 -3.04 -12.48 10.01
N VAL E 116 -2.07 -11.57 9.86
CA VAL E 116 -2.37 -10.16 9.73
C VAL E 116 -1.59 -9.51 8.59
N THR E 117 -2.31 -9.06 7.57
CA THR E 117 -1.70 -8.38 6.45
C THR E 117 -1.96 -6.89 6.57
N VAL E 118 -0.91 -6.08 6.46
CA VAL E 118 -1.08 -4.64 6.51
C VAL E 118 -0.64 -3.97 5.21
N SER E 119 -1.51 -4.02 4.21
CA SER E 119 -1.24 -3.40 2.92
C SER E 119 -2.42 -2.54 2.49
N SER E 120 -2.15 -1.56 1.62
CA SER E 120 -3.17 -0.64 1.16
C SER E 120 -3.81 -1.07 -0.15
N ALA E 121 -3.47 -2.26 -0.62
CA ALA E 121 -4.08 -2.81 -1.82
C ALA E 121 -5.53 -3.18 -1.56
N LYS E 122 -6.38 -2.97 -2.54
CA LYS E 122 -7.82 -3.19 -2.36
C LYS E 122 -8.20 -4.67 -2.43
N THR E 123 -9.11 -5.07 -1.54
CA THR E 123 -9.59 -6.44 -1.50
C THR E 123 -10.24 -6.84 -2.82
N THR E 124 -9.83 -7.97 -3.36
CA THR E 124 -10.29 -8.43 -4.67
C THR E 124 -10.72 -9.89 -4.64
N PRO E 125 -11.84 -10.21 -5.31
CA PRO E 125 -12.31 -11.59 -5.44
C PRO E 125 -11.42 -12.38 -6.41
N PRO E 126 -11.35 -13.71 -6.23
CA PRO E 126 -10.51 -14.57 -7.06
C PRO E 126 -11.11 -14.85 -8.43
N SER E 127 -10.37 -15.60 -9.26
CA SER E 127 -10.84 -16.00 -10.58
C SER E 127 -10.49 -17.46 -10.81
N VAL E 128 -11.43 -18.34 -10.51
CA VAL E 128 -11.20 -19.78 -10.59
C VAL E 128 -11.34 -20.31 -12.02
N TYR E 129 -10.26 -20.90 -12.53
CA TYR E 129 -10.26 -21.48 -13.87
C TYR E 129 -10.00 -22.97 -13.80
N PRO E 130 -10.98 -23.80 -14.20
CA PRO E 130 -10.75 -25.24 -14.28
C PRO E 130 -9.66 -25.54 -15.29
N LEU E 131 -8.69 -26.37 -14.92
CA LEU E 131 -7.61 -26.73 -15.83
C LEU E 131 -7.95 -28.00 -16.61
N ALA E 132 -7.92 -27.89 -17.93
CA ALA E 132 -8.31 -29.00 -18.80
C ALA E 132 -7.13 -29.85 -19.23
N PRO E 133 -7.16 -31.14 -18.89
CA PRO E 133 -6.16 -32.10 -19.37
C PRO E 133 -6.30 -32.23 -20.88
N VAL E 134 -5.13 -32.37 -21.53
CA VAL E 134 -4.93 -31.94 -22.92
C VAL E 134 -4.55 -33.06 -23.87
N CYS E 135 -4.81 -32.82 -25.16
CA CYS E 135 -4.41 -33.73 -26.24
C CYS E 135 -5.24 -35.00 -26.26
N GLY E 136 -5.35 -35.66 -25.11
CA GLY E 136 -6.16 -36.85 -24.99
C GLY E 136 -7.18 -36.70 -23.89
N ASP E 137 -8.31 -37.40 -24.02
CA ASP E 137 -9.30 -37.43 -22.95
C ASP E 137 -8.61 -37.77 -21.64
N THR E 138 -7.69 -38.74 -21.71
CA THR E 138 -6.89 -39.13 -20.57
C THR E 138 -5.51 -39.56 -21.03
N THR E 139 -4.54 -39.53 -20.12
CA THR E 139 -3.19 -39.98 -20.39
C THR E 139 -3.11 -41.48 -20.11
N GLY E 140 -1.99 -42.08 -20.50
CA GLY E 140 -1.49 -43.29 -19.88
C GLY E 140 -2.30 -43.89 -18.74
N SER E 141 -1.64 -44.19 -17.63
CA SER E 141 -2.28 -44.90 -16.52
C SER E 141 -3.29 -44.03 -15.77
N SER E 142 -2.79 -42.96 -15.14
CA SER E 142 -3.64 -42.05 -14.40
C SER E 142 -3.51 -40.62 -14.92
N VAL E 143 -4.50 -39.79 -14.60
CA VAL E 143 -4.55 -38.43 -15.12
C VAL E 143 -4.40 -37.39 -14.02
N THR E 144 -3.67 -36.33 -14.32
CA THR E 144 -3.52 -35.21 -13.40
C THR E 144 -4.24 -33.99 -13.96
N LEU E 145 -5.32 -33.59 -13.29
CA LEU E 145 -6.09 -32.42 -13.70
C LEU E 145 -5.98 -31.32 -12.64
N GLY E 146 -5.76 -30.09 -13.10
CA GLY E 146 -5.53 -28.98 -12.19
C GLY E 146 -6.69 -28.02 -12.02
N CYS E 147 -6.47 -26.98 -11.22
CA CYS E 147 -7.48 -25.96 -10.96
C CYS E 147 -6.79 -24.65 -10.57
N LEU E 148 -6.73 -23.72 -11.52
CA LEU E 148 -6.10 -22.43 -11.28
C LEU E 148 -7.04 -21.49 -10.54
N VAL E 149 -6.48 -20.49 -9.88
CA VAL E 149 -7.26 -19.48 -9.19
C VAL E 149 -6.42 -18.22 -9.02
N LYS E 150 -6.48 -17.35 -10.02
CA LYS E 150 -5.63 -16.15 -10.03
C LYS E 150 -6.42 -14.86 -9.81
N GLY E 151 -5.77 -13.88 -9.17
CA GLY E 151 -6.33 -12.56 -9.03
C GLY E 151 -7.09 -12.32 -7.74
N TYR E 152 -6.40 -11.82 -6.72
CA TYR E 152 -7.01 -11.44 -5.46
C TYR E 152 -5.96 -10.97 -4.47
N PHE E 153 -6.36 -10.14 -3.50
CA PHE E 153 -5.42 -9.64 -2.50
C PHE E 153 -5.73 -10.07 -1.06
N PRO E 154 -7.00 -10.38 -0.76
CA PRO E 154 -7.27 -10.96 0.56
C PRO E 154 -6.64 -12.34 0.67
N GLU E 155 -5.71 -12.50 1.60
CA GLU E 155 -4.84 -13.68 1.62
C GLU E 155 -5.56 -15.04 1.70
N PRO E 156 -6.28 -15.32 2.81
CA PRO E 156 -6.82 -16.66 3.03
C PRO E 156 -7.77 -17.15 1.94
N VAL E 157 -7.43 -18.28 1.33
CA VAL E 157 -8.27 -18.93 0.33
C VAL E 157 -8.36 -20.43 0.64
N THR E 158 -9.42 -21.08 0.18
CA THR E 158 -9.64 -22.49 0.51
C THR E 158 -10.02 -23.34 -0.71
N VAL E 159 -9.02 -23.89 -1.38
CA VAL E 159 -9.25 -24.80 -2.50
C VAL E 159 -9.54 -26.22 -1.99
N THR E 160 -10.57 -26.84 -2.52
CA THR E 160 -10.98 -28.16 -2.07
C THR E 160 -11.44 -29.01 -3.25
N TRP E 161 -11.13 -30.30 -3.23
CA TRP E 161 -11.55 -31.20 -4.30
C TRP E 161 -12.67 -32.12 -3.85
N ASN E 162 -13.84 -31.95 -4.45
CA ASN E 162 -15.03 -32.72 -4.10
C ASN E 162 -15.43 -32.55 -2.63
N SER E 163 -15.48 -31.30 -2.18
CA SER E 163 -15.91 -30.97 -0.83
C SER E 163 -15.08 -31.65 0.25
N GLY E 164 -13.89 -32.11 -0.11
CA GLY E 164 -12.98 -32.72 0.84
C GLY E 164 -13.04 -34.24 0.84
N SER E 165 -13.76 -34.81 -0.11
CA SER E 165 -13.86 -36.25 -0.24
C SER E 165 -12.71 -36.80 -1.09
N LEU E 166 -12.33 -36.04 -2.11
CA LEU E 166 -11.16 -36.36 -2.91
C LEU E 166 -9.95 -35.61 -2.37
N SER E 167 -9.34 -36.16 -1.33
CA SER E 167 -8.22 -35.50 -0.67
C SER E 167 -6.91 -36.25 -0.87
N SER E 168 -6.91 -37.21 -1.78
CA SER E 168 -5.70 -37.97 -2.10
C SER E 168 -5.08 -37.47 -3.39
N GLY E 169 -3.76 -37.59 -3.50
CA GLY E 169 -3.05 -37.17 -4.68
C GLY E 169 -3.27 -35.71 -5.04
N VAL E 170 -3.63 -34.91 -4.04
CA VAL E 170 -3.85 -33.49 -4.25
C VAL E 170 -2.71 -32.65 -3.70
N HIS E 171 -2.16 -31.77 -4.54
CA HIS E 171 -1.07 -30.90 -4.14
C HIS E 171 -1.44 -29.44 -4.34
N THR E 172 -1.80 -28.76 -3.25
CA THR E 172 -2.13 -27.34 -3.30
C THR E 172 -0.88 -26.50 -3.03
N PHE E 173 -0.58 -25.59 -3.94
CA PHE E 173 0.65 -24.79 -3.87
C PHE E 173 0.41 -23.45 -3.21
N PRO E 174 1.40 -22.98 -2.44
CA PRO E 174 1.35 -21.67 -1.77
C PRO E 174 1.09 -20.54 -2.75
N ALA E 175 0.34 -19.53 -2.33
CA ALA E 175 0.02 -18.40 -3.19
C ALA E 175 1.24 -17.53 -3.42
N VAL E 176 1.21 -16.77 -4.51
CA VAL E 176 2.27 -15.83 -4.83
C VAL E 176 1.70 -14.55 -5.41
N LEU E 177 2.22 -13.41 -4.97
CA LEU E 177 1.75 -12.12 -5.49
C LEU E 177 2.82 -11.47 -6.37
N GLN E 178 2.48 -11.25 -7.64
CA GLN E 178 3.39 -10.65 -8.59
C GLN E 178 3.21 -9.13 -8.61
N SER E 179 2.07 -8.67 -8.09
CA SER E 179 1.78 -7.25 -8.01
C SER E 179 0.49 -7.01 -7.23
N ASP E 180 0.59 -7.11 -5.90
CA ASP E 180 -0.56 -6.87 -5.02
C ASP E 180 -1.73 -7.80 -5.34
N LEU E 181 -1.44 -8.94 -5.96
CA LEU E 181 -2.48 -9.94 -6.23
C LEU E 181 -1.94 -11.36 -6.14
N TYR E 182 -2.40 -12.09 -5.12
CA TYR E 182 -2.02 -13.48 -4.95
C TYR E 182 -2.66 -14.34 -6.01
N THR E 183 -1.88 -15.24 -6.59
CA THR E 183 -2.42 -16.25 -7.51
C THR E 183 -2.02 -17.63 -7.00
N LEU E 184 -2.95 -18.58 -7.06
CA LEU E 184 -2.73 -19.90 -6.49
C LEU E 184 -3.13 -21.00 -7.47
N SER E 185 -2.54 -22.18 -7.31
CA SER E 185 -2.82 -23.31 -8.17
C SER E 185 -2.89 -24.60 -7.35
N SER E 186 -3.49 -25.65 -7.93
CA SER E 186 -3.62 -26.93 -7.23
C SER E 186 -3.85 -28.07 -8.22
N SER E 187 -3.44 -29.27 -7.83
CA SER E 187 -3.56 -30.43 -8.69
C SER E 187 -4.16 -31.63 -7.96
N VAL E 188 -4.70 -32.57 -8.72
CA VAL E 188 -5.25 -33.81 -8.15
C VAL E 188 -5.05 -34.96 -9.12
N THR E 189 -4.59 -36.09 -8.61
CA THR E 189 -4.29 -37.24 -9.45
C THR E 189 -5.22 -38.42 -9.20
N VAL E 190 -5.85 -38.90 -10.26
CA VAL E 190 -6.76 -40.04 -10.19
C VAL E 190 -6.61 -40.92 -11.43
N PRO E 191 -6.97 -42.21 -11.31
CA PRO E 191 -6.89 -43.15 -12.43
C PRO E 191 -7.56 -42.61 -13.69
N SER E 192 -7.17 -43.13 -14.84
CA SER E 192 -7.73 -42.69 -16.12
C SER E 192 -9.20 -43.05 -16.25
N SER E 193 -9.64 -44.03 -15.47
CA SER E 193 -11.01 -44.52 -15.54
C SER E 193 -11.94 -43.80 -14.58
N THR E 194 -11.35 -43.00 -13.68
CA THR E 194 -12.14 -42.33 -12.65
C THR E 194 -12.68 -40.97 -13.08
N TRP E 195 -11.80 -40.11 -13.59
CA TRP E 195 -12.20 -38.74 -13.94
C TRP E 195 -13.25 -38.68 -15.05
N PRO E 196 -12.99 -39.32 -16.19
CA PRO E 196 -13.99 -39.31 -17.27
C PRO E 196 -15.39 -39.60 -16.74
N SER E 197 -15.50 -40.60 -15.88
CA SER E 197 -16.77 -40.97 -15.27
C SER E 197 -17.26 -39.91 -14.29
N GLU E 198 -16.91 -40.07 -13.02
CA GLU E 198 -17.33 -39.13 -11.98
C GLU E 198 -16.86 -37.71 -12.29
N THR E 199 -17.40 -36.75 -11.54
CA THR E 199 -17.03 -35.35 -11.73
C THR E 199 -16.07 -34.86 -10.66
N VAL E 200 -14.88 -34.45 -11.08
CA VAL E 200 -13.90 -33.88 -10.16
C VAL E 200 -14.02 -32.36 -10.18
N THR E 201 -14.57 -31.80 -9.11
CA THR E 201 -14.81 -30.37 -9.01
C THR E 201 -14.01 -29.75 -7.86
N CYS E 202 -13.37 -28.61 -8.15
CA CYS E 202 -12.60 -27.91 -7.12
C CYS E 202 -13.41 -26.78 -6.48
N ASN E 203 -13.73 -26.96 -5.21
CA ASN E 203 -14.51 -25.98 -4.46
C ASN E 203 -13.65 -24.89 -3.86
N VAL E 204 -13.28 -23.90 -4.68
CA VAL E 204 -12.49 -22.78 -4.19
C VAL E 204 -13.34 -21.83 -3.35
N ALA E 205 -12.81 -21.44 -2.20
CA ALA E 205 -13.53 -20.55 -1.30
C ALA E 205 -12.69 -19.33 -0.94
N HIS E 206 -13.34 -18.18 -0.79
CA HIS E 206 -12.66 -16.95 -0.44
C HIS E 206 -13.61 -16.03 0.32
N PRO E 207 -13.55 -16.10 1.67
CA PRO E 207 -14.49 -15.41 2.55
C PRO E 207 -14.22 -13.91 2.66
N ALA E 208 -12.98 -13.51 2.45
CA ALA E 208 -12.59 -12.11 2.62
C ALA E 208 -13.34 -11.18 1.67
N SER E 209 -13.73 -11.71 0.51
CA SER E 209 -14.60 -10.97 -0.40
C SER E 209 -15.91 -11.73 -0.53
N SER E 210 -16.11 -12.68 0.38
CA SER E 210 -17.32 -13.50 0.41
C SER E 210 -17.69 -14.03 -0.98
N THR E 211 -16.73 -14.69 -1.62
CA THR E 211 -16.93 -15.23 -2.95
C THR E 211 -16.63 -16.72 -3.01
N LYS E 212 -17.65 -17.54 -2.82
CA LYS E 212 -17.52 -18.98 -2.99
C LYS E 212 -17.94 -19.42 -4.38
N VAL E 213 -16.97 -19.87 -5.16
CA VAL E 213 -17.22 -20.35 -6.52
C VAL E 213 -16.61 -21.73 -6.72
N ASP E 214 -17.45 -22.71 -7.01
CA ASP E 214 -17.01 -24.10 -7.09
C ASP E 214 -17.06 -24.65 -8.52
N LYS E 215 -16.03 -24.36 -9.29
CA LYS E 215 -15.96 -24.82 -10.68
C LYS E 215 -15.77 -26.33 -10.79
N LYS E 216 -16.14 -26.88 -11.95
CA LYS E 216 -15.97 -28.30 -12.22
C LYS E 216 -15.07 -28.50 -13.43
N ILE E 217 -14.29 -29.58 -13.42
CA ILE E 217 -13.40 -29.86 -14.54
C ILE E 217 -14.01 -30.82 -15.55
N VAL E 218 -14.16 -30.34 -16.78
CA VAL E 218 -14.69 -31.14 -17.87
C VAL E 218 -13.79 -31.02 -19.09
N GLN F 1 -7.13 3.84 -23.29
CA GLN F 1 -7.11 5.08 -22.54
C GLN F 1 -5.74 5.74 -22.62
N VAL F 2 -5.73 7.03 -22.91
CA VAL F 2 -4.48 7.79 -22.97
C VAL F 2 -4.03 8.11 -21.55
N GLN F 3 -2.72 8.10 -21.32
CA GLN F 3 -2.18 8.44 -20.01
C GLN F 3 -1.54 9.82 -20.02
N LEU F 4 -0.47 9.97 -20.81
CA LEU F 4 0.16 11.27 -20.99
C LEU F 4 0.49 11.93 -19.66
N GLN F 5 1.46 11.39 -18.93
CA GLN F 5 1.82 11.93 -17.62
C GLN F 5 3.27 12.40 -17.51
N GLN F 6 3.51 13.32 -16.59
CA GLN F 6 4.78 14.03 -16.53
C GLN F 6 5.48 13.94 -15.17
N SER F 7 6.46 14.82 -14.97
CA SER F 7 7.32 14.81 -13.78
C SER F 7 7.11 15.97 -12.80
N GLY F 8 7.17 15.64 -11.51
CA GLY F 8 6.94 16.58 -10.42
C GLY F 8 7.89 17.76 -10.24
N PRO F 9 9.18 17.53 -10.47
CA PRO F 9 10.20 18.59 -10.31
C PRO F 9 10.08 19.62 -11.40
N GLU F 10 10.74 20.78 -11.26
CA GLU F 10 11.65 21.04 -10.16
C GLU F 10 11.91 22.54 -9.98
N LEU F 11 12.56 22.89 -8.88
CA LEU F 11 12.91 24.28 -8.58
C LEU F 11 14.00 24.77 -9.53
N VAL F 12 13.98 26.06 -9.84
CA VAL F 12 14.97 26.64 -10.74
C VAL F 12 15.56 27.96 -10.24
N LYS F 13 16.76 28.29 -10.72
CA LYS F 13 17.44 29.53 -10.37
C LYS F 13 17.31 30.45 -11.57
N PRO F 14 16.90 31.69 -11.33
CA PRO F 14 16.67 32.64 -12.43
C PRO F 14 17.86 32.64 -13.40
N GLY F 15 17.56 32.61 -14.69
CA GLY F 15 18.60 32.58 -15.71
C GLY F 15 18.82 31.19 -16.27
N ALA F 16 19.01 30.22 -15.38
CA ALA F 16 19.19 28.82 -15.79
C ALA F 16 17.95 28.32 -16.53
N LEU F 17 18.03 27.11 -17.06
CA LEU F 17 16.91 26.56 -17.83
C LEU F 17 16.42 25.23 -17.25
N VAL F 18 15.19 24.87 -17.60
CA VAL F 18 14.59 23.62 -17.14
C VAL F 18 14.21 22.74 -18.32
N LYS F 19 14.15 21.44 -18.09
CA LYS F 19 13.72 20.49 -19.12
C LYS F 19 12.69 19.53 -18.55
N ILE F 20 11.43 19.74 -18.95
CA ILE F 20 10.32 18.94 -18.45
C ILE F 20 9.94 17.88 -19.47
N SER F 21 9.44 16.74 -18.99
CA SER F 21 9.09 15.63 -19.87
C SER F 21 7.64 15.19 -19.72
N CYS F 22 7.10 14.60 -20.78
CA CYS F 22 5.73 14.09 -20.79
C CYS F 22 5.65 12.77 -21.54
N LYS F 23 5.64 11.67 -20.79
CA LYS F 23 5.63 10.35 -21.39
C LYS F 23 4.20 9.88 -21.67
N ALA F 24 3.90 9.68 -22.95
CA ALA F 24 2.55 9.28 -23.36
C ALA F 24 2.44 7.78 -23.56
N SER F 25 1.25 7.25 -23.27
CA SER F 25 0.98 5.82 -23.44
C SER F 25 -0.50 5.58 -23.68
N GLY F 26 -0.83 4.40 -24.19
CA GLY F 26 -2.21 4.07 -24.50
C GLY F 26 -2.54 4.33 -25.95
N TYR F 27 -1.70 5.12 -26.60
CA TYR F 27 -1.85 5.40 -28.03
C TYR F 27 -0.47 5.46 -28.69
N THR F 28 -0.45 5.53 -30.01
CA THR F 28 0.82 5.64 -30.73
C THR F 28 1.31 7.08 -30.68
N PHE F 29 2.51 7.26 -30.13
CA PHE F 29 3.05 8.59 -29.87
C PHE F 29 3.15 9.46 -31.12
N THR F 30 3.35 8.84 -32.28
CA THR F 30 3.61 9.58 -33.51
C THR F 30 2.38 9.87 -34.37
N ASN F 31 1.20 9.49 -33.88
CA ASN F 31 -0.04 9.74 -34.62
C ASN F 31 -0.63 11.12 -34.36
N TYR F 32 -0.37 11.68 -33.18
CA TYR F 32 -0.93 12.96 -32.80
C TYR F 32 0.15 13.99 -32.50
N ASP F 33 -0.27 15.22 -32.19
CA ASP F 33 0.63 16.25 -31.72
C ASP F 33 0.78 16.16 -30.21
N ILE F 34 1.67 16.98 -29.66
CA ILE F 34 1.79 17.14 -28.21
C ILE F 34 1.77 18.63 -27.87
N ASN F 35 0.78 19.04 -27.08
CA ASN F 35 0.64 20.45 -26.74
C ASN F 35 1.12 20.80 -25.34
N TRP F 36 1.41 22.08 -25.14
CA TRP F 36 1.83 22.57 -23.83
C TRP F 36 1.07 23.85 -23.49
N VAL F 37 0.54 23.91 -22.27
CA VAL F 37 -0.16 25.09 -21.80
C VAL F 37 0.40 25.53 -20.45
N LYS F 38 0.35 26.83 -20.20
CA LYS F 38 0.93 27.40 -19.00
C LYS F 38 -0.13 28.13 -18.18
N GLN F 39 -0.48 27.55 -17.03
CA GLN F 39 -1.53 28.12 -16.19
C GLN F 39 -0.98 28.79 -14.94
N ARG F 40 -0.95 30.11 -14.93
CA ARG F 40 -0.52 30.88 -13.77
C ARG F 40 -1.31 30.51 -12.51
N PRO F 41 -0.88 31.00 -11.34
CA PRO F 41 -1.53 30.68 -10.06
C PRO F 41 -3.06 30.75 -10.13
N GLY F 42 -3.69 29.59 -10.23
CA GLY F 42 -5.14 29.51 -10.31
C GLY F 42 -5.73 30.57 -11.22
N GLN F 43 -5.21 30.65 -12.44
CA GLN F 43 -5.65 31.66 -13.39
C GLN F 43 -5.92 31.07 -14.77
N GLY F 44 -5.98 31.93 -15.77
CA GLY F 44 -6.21 31.51 -17.14
C GLY F 44 -5.04 30.71 -17.68
N LEU F 45 -5.34 29.77 -18.58
CA LEU F 45 -4.30 28.94 -19.17
C LEU F 45 -3.83 29.55 -20.49
N GLU F 46 -2.52 29.49 -20.71
CA GLU F 46 -1.92 30.08 -21.90
C GLU F 46 -1.28 28.99 -22.75
N TRP F 47 -1.79 28.83 -23.98
CA TRP F 47 -1.21 27.86 -24.89
C TRP F 47 0.25 28.20 -25.16
N ILE F 48 1.05 27.20 -25.48
CA ILE F 48 2.48 27.38 -25.60
C ILE F 48 2.99 26.94 -26.97
N GLY F 49 2.46 25.81 -27.43
CA GLY F 49 2.86 25.25 -28.70
C GLY F 49 2.66 23.75 -28.73
N TRP F 50 2.64 23.19 -29.93
CA TRP F 50 2.57 21.75 -30.09
C TRP F 50 3.86 21.24 -30.71
N ILE F 51 4.02 19.92 -30.75
CA ILE F 51 5.15 19.31 -31.41
C ILE F 51 4.77 17.97 -32.01
N TYR F 52 5.12 17.78 -33.28
CA TYR F 52 4.84 16.52 -33.94
C TYR F 52 5.99 15.55 -33.74
N PRO F 53 5.73 14.43 -33.06
CA PRO F 53 6.73 13.37 -32.91
C PRO F 53 7.24 12.91 -34.27
N GLY F 54 6.44 13.16 -35.31
CA GLY F 54 6.87 12.89 -36.68
C GLY F 54 8.03 13.76 -37.11
N ASP F 55 7.96 15.06 -36.79
CA ASP F 55 9.01 16.00 -37.16
C ASP F 55 8.94 17.37 -36.48
N GLY F 56 8.30 18.33 -37.15
CA GLY F 56 8.34 19.73 -36.73
C GLY F 56 7.38 20.15 -35.64
N SER F 57 7.19 21.46 -35.47
CA SER F 57 6.34 22.00 -34.41
C SER F 57 6.01 23.48 -34.57
N THR F 58 4.86 23.89 -34.02
CA THR F 58 4.43 25.29 -34.03
C THR F 58 4.45 25.85 -32.60
N MET F 59 4.87 27.11 -32.45
CA MET F 59 5.00 27.72 -31.12
C MET F 59 4.24 29.04 -30.97
N TYR F 60 3.57 29.19 -29.84
CA TYR F 60 2.82 30.41 -29.53
C TYR F 60 3.69 31.65 -29.67
N ASN F 61 3.19 32.63 -30.43
CA ASN F 61 3.93 33.87 -30.67
C ASN F 61 4.44 34.54 -29.40
N GLU F 62 3.51 35.01 -28.56
CA GLU F 62 3.87 35.69 -27.32
C GLU F 62 5.17 35.17 -26.73
N LYS F 63 5.18 33.89 -26.40
CA LYS F 63 6.36 33.26 -25.82
C LYS F 63 7.37 32.89 -26.91
N PHE F 64 7.80 33.91 -27.65
CA PHE F 64 8.81 33.76 -28.69
C PHE F 64 10.10 33.27 -28.05
N LYS F 65 10.59 32.12 -28.50
CA LYS F 65 11.75 31.50 -27.87
C LYS F 65 11.46 31.23 -26.40
N GLY F 66 12.47 31.37 -25.56
CA GLY F 66 12.33 31.12 -24.14
C GLY F 66 11.87 29.70 -23.87
N LYS F 67 11.92 28.87 -24.90
CA LYS F 67 11.46 27.48 -24.80
C LYS F 67 11.59 26.76 -26.13
N ALA F 68 11.98 25.49 -26.08
CA ALA F 68 12.12 24.67 -27.28
C ALA F 68 11.48 23.30 -27.08
N THR F 69 10.46 23.00 -27.88
CA THR F 69 9.78 21.72 -27.78
C THR F 69 10.52 20.64 -28.57
N LEU F 70 10.96 19.60 -27.88
CA LEU F 70 11.67 18.49 -28.51
C LEU F 70 10.97 17.17 -28.22
N THR F 71 11.44 16.10 -28.86
CA THR F 71 10.86 14.77 -28.62
C THR F 71 11.71 13.63 -29.17
N ALA F 72 11.58 12.47 -28.54
CA ALA F 72 12.24 11.25 -29.00
C ALA F 72 11.19 10.17 -29.25
N ASP F 73 11.13 9.69 -30.48
CA ASP F 73 10.15 8.68 -30.86
C ASP F 73 10.32 7.41 -30.01
N LYS F 74 11.57 7.10 -29.70
CA LYS F 74 11.93 5.85 -29.01
C LYS F 74 11.26 5.71 -27.65
N SER F 75 11.53 6.65 -26.76
CA SER F 75 11.03 6.60 -25.39
C SER F 75 9.53 6.90 -25.29
N SER F 76 8.94 7.28 -26.42
CA SER F 76 7.52 7.61 -26.48
C SER F 76 7.17 8.76 -25.54
N SER F 77 8.15 9.64 -25.32
CA SER F 77 7.93 10.85 -24.53
C SER F 77 8.41 12.07 -25.31
N THR F 78 8.26 13.24 -24.71
CA THR F 78 8.63 14.48 -25.39
C THR F 78 9.14 15.53 -24.40
N ALA F 79 10.38 15.97 -24.60
CA ALA F 79 11.00 16.96 -23.73
C ALA F 79 10.44 18.37 -23.99
N TYR F 80 10.82 19.32 -23.14
CA TYR F 80 10.31 20.68 -23.21
C TYR F 80 11.12 21.60 -22.30
N MET F 81 11.92 22.49 -22.91
CA MET F 81 12.81 23.36 -22.13
C MET F 81 12.27 24.78 -21.97
N GLN F 82 12.63 25.41 -20.86
CA GLN F 82 12.35 26.83 -20.64
C GLN F 82 13.67 27.58 -20.63
N LEU F 83 13.92 28.35 -21.68
CA LEU F 83 15.24 28.94 -21.90
C LEU F 83 15.66 29.93 -20.82
N SER F 84 15.29 31.19 -21.00
CA SER F 84 15.70 32.24 -20.07
C SER F 84 14.65 32.50 -19.00
N SER F 85 14.54 31.58 -18.04
CA SER F 85 13.56 31.70 -16.97
C SER F 85 13.83 32.92 -16.09
N LEU F 86 12.77 33.53 -15.59
CA LEU F 86 12.88 34.64 -14.65
C LEU F 86 11.90 34.47 -13.49
N THR F 87 12.21 35.11 -12.36
CA THR F 87 11.48 34.92 -11.12
C THR F 87 9.95 34.86 -11.27
N SER F 88 9.41 35.65 -12.19
CA SER F 88 7.96 35.73 -12.37
C SER F 88 7.43 34.68 -13.34
N GLU F 89 8.27 34.27 -14.29
CA GLU F 89 7.89 33.24 -15.26
C GLU F 89 7.70 31.89 -14.60
N ASN F 90 7.81 31.84 -13.28
CA ASN F 90 7.65 30.60 -12.53
C ASN F 90 6.25 30.03 -12.65
N SER F 91 6.16 28.74 -12.98
CA SER F 91 4.89 28.06 -13.13
C SER F 91 4.04 28.21 -11.87
N SER F 92 2.72 28.33 -12.01
CA SER F 92 2.01 28.23 -13.28
C SER F 92 2.16 26.83 -13.86
N VAL F 93 1.85 25.82 -13.04
CA VAL F 93 1.94 24.42 -13.46
C VAL F 93 1.85 24.28 -14.98
N TYR F 94 2.80 23.56 -15.56
CA TYR F 94 2.82 23.32 -16.99
C TYR F 94 2.16 21.99 -17.34
N PHE F 95 1.22 22.05 -18.29
CA PHE F 95 0.49 20.85 -18.71
C PHE F 95 0.84 20.43 -20.12
N CYS F 96 1.00 19.12 -20.33
CA CYS F 96 1.06 18.57 -21.67
C CYS F 96 -0.33 18.05 -22.02
N ALA F 97 -0.71 18.16 -23.30
CA ALA F 97 -2.06 17.78 -23.70
C ALA F 97 -2.14 17.32 -25.15
N ARG F 98 -2.98 16.33 -25.39
CA ARG F 98 -3.18 15.79 -26.73
C ARG F 98 -4.63 15.97 -27.14
N LEU F 99 -4.86 16.47 -28.36
CA LEU F 99 -6.21 16.64 -28.89
C LEU F 99 -6.82 15.27 -29.19
N ASP F 100 -8.13 15.27 -29.44
CA ASP F 100 -8.80 14.06 -29.90
C ASP F 100 -8.82 14.10 -31.42
N GLY F 101 -7.71 14.55 -32.00
CA GLY F 101 -7.70 15.04 -33.36
C GLY F 101 -7.89 16.55 -33.25
N ASN F 102 -7.00 17.36 -33.83
CA ASN F 102 -5.93 16.92 -34.72
C ASN F 102 -6.49 16.38 -36.02
N TYR F 103 -6.81 17.29 -36.94
CA TYR F 103 -6.63 18.73 -36.70
C TYR F 103 -7.86 19.31 -35.99
N GLY F 104 -7.63 20.32 -35.16
CA GLY F 104 -8.71 21.03 -34.49
C GLY F 104 -9.59 20.18 -33.60
N GLY F 105 -9.83 20.64 -32.38
CA GLY F 105 -9.25 21.87 -31.89
C GLY F 105 -9.44 21.97 -30.38
N TRP F 106 -9.82 20.85 -29.78
CA TRP F 106 -10.05 20.81 -28.34
C TRP F 106 -9.27 19.67 -27.70
N PHE F 107 -8.72 19.93 -26.51
CA PHE F 107 -7.86 18.98 -25.84
C PHE F 107 -8.66 17.93 -25.09
N ALA F 108 -8.44 16.67 -25.42
CA ALA F 108 -9.19 15.57 -24.82
C ALA F 108 -8.40 14.90 -23.71
N TYR F 109 -7.09 15.08 -23.73
CA TYR F 109 -6.22 14.43 -22.75
C TYR F 109 -5.19 15.40 -22.18
N TRP F 110 -5.14 15.50 -20.86
CA TRP F 110 -4.22 16.40 -20.19
C TRP F 110 -3.22 15.65 -19.32
N GLY F 111 -2.01 16.17 -19.21
CA GLY F 111 -1.02 15.63 -18.30
C GLY F 111 -1.44 15.96 -16.89
N GLN F 112 -0.80 15.35 -15.89
CA GLN F 112 -1.17 15.60 -14.51
C GLN F 112 -0.66 16.98 -14.05
N GLY F 113 0.34 17.49 -14.76
CA GLY F 113 0.87 18.82 -14.48
C GLY F 113 2.22 18.83 -13.81
N THR F 114 3.04 19.82 -14.16
CA THR F 114 4.38 19.94 -13.59
C THR F 114 4.61 21.32 -12.98
N SER F 115 4.64 21.37 -11.65
CA SER F 115 4.87 22.63 -10.95
C SER F 115 6.33 23.05 -11.06
N VAL F 116 6.57 24.31 -11.37
CA VAL F 116 7.91 24.81 -11.57
C VAL F 116 8.17 26.12 -10.83
N THR F 117 9.05 26.07 -9.85
CA THR F 117 9.42 27.27 -9.10
C THR F 117 10.79 27.74 -9.57
N VAL F 118 10.90 29.02 -9.90
CA VAL F 118 12.19 29.58 -10.30
C VAL F 118 12.65 30.68 -9.35
N SER F 119 13.20 30.26 -8.22
CA SER F 119 13.74 31.19 -7.23
C SER F 119 15.15 30.79 -6.82
N SER F 120 15.90 31.76 -6.32
CA SER F 120 17.29 31.53 -5.94
C SER F 120 17.44 31.21 -4.45
N ALA F 121 16.32 31.06 -3.76
CA ALA F 121 16.35 30.69 -2.35
C ALA F 121 16.79 29.23 -2.20
N LYS F 122 17.56 28.95 -1.16
CA LYS F 122 18.15 27.62 -0.98
C LYS F 122 17.14 26.61 -0.45
N THR F 123 17.18 25.40 -0.99
CA THR F 123 16.31 24.32 -0.54
C THR F 123 16.50 24.01 0.94
N THR F 124 15.39 23.97 1.68
CA THR F 124 15.43 23.78 3.12
C THR F 124 14.46 22.71 3.58
N PRO F 125 14.88 21.86 4.53
CA PRO F 125 14.00 20.85 5.12
C PRO F 125 12.99 21.48 6.06
N PRO F 126 11.83 20.83 6.25
CA PRO F 126 10.74 21.36 7.09
C PRO F 126 11.01 21.17 8.57
N SER F 127 10.09 21.67 9.40
CA SER F 127 10.18 21.51 10.84
C SER F 127 8.81 21.16 11.41
N VAL F 128 8.55 19.86 11.54
CA VAL F 128 7.24 19.38 11.97
C VAL F 128 7.05 19.45 13.48
N TYR F 129 6.04 20.20 13.91
CA TYR F 129 5.72 20.35 15.32
C TYR F 129 4.33 19.81 15.61
N PRO F 130 4.24 18.74 16.41
CA PRO F 130 2.92 18.25 16.84
C PRO F 130 2.19 19.30 17.65
N LEU F 131 0.94 19.58 17.31
CA LEU F 131 0.16 20.56 18.06
C LEU F 131 -0.61 19.91 19.20
N ALA F 132 -0.38 20.41 20.41
CA ALA F 132 -0.98 19.82 21.61
C ALA F 132 -2.27 20.52 22.02
N PRO F 133 -3.37 19.75 22.06
CA PRO F 133 -4.64 20.26 22.59
C PRO F 133 -4.55 20.35 24.11
N VAL F 134 -5.37 21.15 24.77
CA VAL F 134 -6.10 22.27 24.24
C VAL F 134 -6.02 23.13 25.47
N CYS F 135 -5.25 22.58 26.42
CA CYS F 135 -4.96 23.13 27.74
C CYS F 135 -5.58 22.30 28.87
N GLY F 136 -6.89 22.04 28.79
CA GLY F 136 -7.58 21.23 29.77
C GLY F 136 -8.61 20.31 29.15
N ASP F 137 -8.67 19.07 29.63
CA ASP F 137 -9.57 18.07 29.05
C ASP F 137 -10.85 17.85 29.85
N THR F 138 -11.40 16.64 29.76
CA THR F 138 -12.75 16.36 30.25
C THR F 138 -13.69 17.44 29.74
N THR F 139 -13.36 17.97 28.56
CA THR F 139 -14.10 19.09 27.98
C THR F 139 -15.23 18.64 27.07
N GLY F 140 -15.17 18.99 25.78
CA GLY F 140 -16.35 18.80 24.96
C GLY F 140 -16.58 17.43 24.35
N SER F 141 -17.35 17.43 23.26
CA SER F 141 -17.73 16.21 22.57
C SER F 141 -16.54 15.59 21.83
N SER F 142 -16.01 16.31 20.86
CA SER F 142 -14.88 15.84 20.07
C SER F 142 -13.70 16.80 20.15
N VAL F 143 -12.51 16.31 19.83
CA VAL F 143 -11.30 17.10 19.95
C VAL F 143 -10.64 17.37 18.62
N THR F 144 -10.12 18.59 18.45
CA THR F 144 -9.40 18.96 17.25
C THR F 144 -7.92 19.15 17.58
N LEU F 145 -7.08 18.26 17.08
CA LEU F 145 -5.65 18.34 17.29
C LEU F 145 -4.92 18.63 15.98
N GLY F 146 -3.96 19.54 16.03
CA GLY F 146 -3.28 19.99 14.82
C GLY F 146 -1.88 19.47 14.65
N CYS F 147 -1.23 19.89 13.57
CA CYS F 147 0.13 19.49 13.24
C CYS F 147 0.80 20.57 12.38
N LEU F 148 1.65 21.37 13.00
CA LEU F 148 2.34 22.44 12.29
C LEU F 148 3.55 21.90 11.54
N VAL F 149 3.99 22.64 10.53
CA VAL F 149 5.18 22.28 9.76
C VAL F 149 5.73 23.52 9.08
N LYS F 150 6.62 24.23 9.79
CA LYS F 150 7.14 25.50 9.32
C LYS F 150 8.61 25.42 8.91
N GLY F 151 8.99 26.23 7.93
CA GLY F 151 10.38 26.36 7.54
C GLY F 151 10.84 25.46 6.42
N TYR F 152 10.74 25.94 5.19
CA TYR F 152 11.24 25.22 4.01
C TYR F 152 10.93 26.00 2.74
N PHE F 153 11.72 25.77 1.70
CA PHE F 153 11.50 26.46 0.42
C PHE F 153 11.15 25.55 -0.76
N PRO F 154 11.53 24.27 -0.69
CA PRO F 154 11.06 23.34 -1.73
C PRO F 154 9.55 23.15 -1.58
N GLU F 155 8.79 23.52 -2.61
CA GLU F 155 7.34 23.64 -2.47
C GLU F 155 6.59 22.37 -2.04
N PRO F 156 6.62 21.31 -2.86
CA PRO F 156 5.77 20.14 -2.58
C PRO F 156 6.02 19.47 -1.23
N VAL F 157 4.97 19.38 -0.41
CA VAL F 157 5.01 18.70 0.87
C VAL F 157 3.79 17.80 1.01
N THR F 158 3.88 16.76 1.83
CA THR F 158 2.80 15.80 1.95
C THR F 158 2.45 15.46 3.40
N VAL F 159 1.52 16.21 3.98
CA VAL F 159 1.03 15.93 5.34
C VAL F 159 -0.05 14.84 5.29
N THR F 160 0.06 13.87 6.18
CA THR F 160 -0.86 12.75 6.19
C THR F 160 -1.16 12.33 7.63
N TRP F 161 -2.41 11.96 7.90
CA TRP F 161 -2.79 11.51 9.23
C TRP F 161 -2.99 10.01 9.28
N ASN F 162 -2.14 9.33 10.04
CA ASN F 162 -2.18 7.87 10.16
C ASN F 162 -2.00 7.17 8.82
N SER F 163 -0.99 7.60 8.06
CA SER F 163 -0.64 6.98 6.80
C SER F 163 -1.79 6.98 5.79
N GLY F 164 -2.78 7.83 6.02
CA GLY F 164 -3.90 7.97 5.10
C GLY F 164 -5.13 7.18 5.53
N SER F 165 -5.08 6.62 6.73
CA SER F 165 -6.22 5.88 7.26
C SER F 165 -7.19 6.82 7.96
N LEU F 166 -6.64 7.82 8.64
CA LEU F 166 -7.45 8.87 9.25
C LEU F 166 -7.55 10.04 8.29
N SER F 167 -8.47 9.94 7.34
CA SER F 167 -8.61 10.96 6.31
C SER F 167 -9.93 11.72 6.44
N SER F 168 -10.62 11.54 7.55
CA SER F 168 -11.86 12.25 7.81
C SER F 168 -11.63 13.41 8.76
N GLY F 169 -12.44 14.45 8.62
CA GLY F 169 -12.35 15.62 9.49
C GLY F 169 -10.97 16.26 9.47
N VAL F 170 -10.23 16.04 8.38
CA VAL F 170 -8.90 16.63 8.24
C VAL F 170 -8.90 17.80 7.26
N HIS F 171 -8.37 18.92 7.70
CA HIS F 171 -8.30 20.12 6.86
C HIS F 171 -6.86 20.59 6.72
N THR F 172 -6.23 20.28 5.60
CA THR F 172 -4.87 20.73 5.32
C THR F 172 -4.88 22.06 4.58
N PHE F 173 -4.18 23.05 5.13
CA PHE F 173 -4.21 24.41 4.60
C PHE F 173 -3.04 24.67 3.66
N PRO F 174 -3.27 25.46 2.60
CA PRO F 174 -2.26 25.84 1.62
C PRO F 174 -1.06 26.50 2.30
N ALA F 175 0.14 26.25 1.77
CA ALA F 175 1.35 26.81 2.33
C ALA F 175 1.44 28.31 2.08
N VAL F 176 2.23 29.00 2.89
CA VAL F 176 2.45 30.43 2.72
C VAL F 176 3.90 30.77 3.03
N LEU F 177 4.51 31.62 2.22
CA LEU F 177 5.89 32.02 2.45
C LEU F 177 5.96 33.50 2.89
N GLN F 178 6.47 33.72 4.09
CA GLN F 178 6.60 35.07 4.64
C GLN F 178 7.95 35.66 4.27
N SER F 179 8.89 34.80 3.89
CA SER F 179 10.22 35.23 3.49
C SER F 179 11.02 34.05 2.95
N ASP F 180 10.73 33.67 1.71
CA ASP F 180 11.45 32.57 1.05
C ASP F 180 11.36 31.27 1.84
N LEU F 181 10.33 31.14 2.67
CA LEU F 181 10.10 29.89 3.41
C LEU F 181 8.61 29.61 3.59
N TYR F 182 8.15 28.56 2.93
CA TYR F 182 6.76 28.12 3.07
C TYR F 182 6.53 27.51 4.44
N THR F 183 5.43 27.90 5.07
CA THR F 183 4.99 27.26 6.31
C THR F 183 3.56 26.75 6.13
N LEU F 184 3.31 25.54 6.63
CA LEU F 184 2.02 24.90 6.42
C LEU F 184 1.45 24.35 7.72
N SER F 185 0.12 24.20 7.76
CA SER F 185 -0.56 23.67 8.94
C SER F 185 -1.69 22.73 8.55
N SER F 186 -2.14 21.92 9.49
CA SER F 186 -3.22 20.97 9.21
C SER F 186 -3.93 20.55 10.50
N SER F 187 -5.19 20.17 10.37
CA SER F 187 -6.00 19.76 11.53
C SER F 187 -6.74 18.46 11.29
N VAL F 188 -7.13 17.80 12.37
CA VAL F 188 -7.92 16.58 12.28
C VAL F 188 -8.87 16.49 13.47
N THR F 189 -10.12 16.13 13.21
CA THR F 189 -11.13 16.09 14.25
C THR F 189 -11.63 14.68 14.52
N VAL F 190 -11.56 14.27 15.78
CA VAL F 190 -12.01 12.95 16.20
C VAL F 190 -12.67 13.04 17.58
N PRO F 191 -13.56 12.07 17.90
CA PRO F 191 -14.26 12.03 19.19
C PRO F 191 -13.28 12.15 20.36
N SER F 192 -13.79 12.58 21.51
CA SER F 192 -12.96 12.75 22.70
C SER F 192 -12.44 11.41 23.22
N SER F 193 -13.11 10.33 22.84
CA SER F 193 -12.76 9.00 23.32
C SER F 193 -11.77 8.30 22.40
N THR F 194 -11.53 8.87 21.23
CA THR F 194 -10.69 8.25 20.24
C THR F 194 -9.20 8.60 20.38
N TRP F 195 -8.91 9.90 20.44
CA TRP F 195 -7.51 10.35 20.49
C TRP F 195 -6.75 9.89 21.72
N PRO F 196 -7.29 10.14 22.92
CA PRO F 196 -6.60 9.68 24.13
C PRO F 196 -6.14 8.24 23.99
N SER F 197 -7.02 7.38 23.48
CA SER F 197 -6.71 5.97 23.28
C SER F 197 -5.67 5.79 22.16
N GLU F 198 -6.15 5.59 20.94
CA GLU F 198 -5.28 5.37 19.79
C GLU F 198 -4.32 6.54 19.60
N THR F 199 -3.31 6.35 18.74
CA THR F 199 -2.34 7.39 18.47
C THR F 199 -2.58 8.07 17.13
N VAL F 200 -2.85 9.36 17.17
CA VAL F 200 -3.02 10.15 15.96
C VAL F 200 -1.69 10.81 15.58
N THR F 201 -1.06 10.29 14.53
CA THR F 201 0.24 10.77 14.10
C THR F 201 0.19 11.35 12.70
N CYS F 202 0.82 12.51 12.51
CA CYS F 202 0.84 13.16 11.21
C CYS F 202 2.14 12.86 10.46
N ASN F 203 2.02 12.10 9.38
CA ASN F 203 3.17 11.71 8.56
C ASN F 203 3.53 12.76 7.52
N VAL F 204 4.25 13.79 7.95
CA VAL F 204 4.68 14.83 7.02
C VAL F 204 5.83 14.34 6.15
N ALA F 205 5.73 14.60 4.85
CA ALA F 205 6.75 14.15 3.91
C ALA F 205 7.24 15.32 3.06
N HIS F 206 8.53 15.31 2.75
CA HIS F 206 9.15 16.35 1.95
C HIS F 206 10.33 15.79 1.17
N PRO F 207 10.09 15.38 -0.08
CA PRO F 207 11.06 14.66 -0.91
C PRO F 207 12.14 15.58 -1.48
N ALA F 208 11.82 16.87 -1.65
CA ALA F 208 12.74 17.80 -2.27
C ALA F 208 14.05 17.95 -1.47
N SER F 209 13.96 17.74 -0.16
CA SER F 209 15.16 17.69 0.67
C SER F 209 15.27 16.29 1.26
N SER F 210 14.48 15.37 0.72
CA SER F 210 14.45 13.99 1.16
C SER F 210 14.37 13.87 2.68
N THR F 211 13.38 14.53 3.27
CA THR F 211 13.22 14.52 4.71
C THR F 211 11.82 14.06 5.10
N LYS F 212 11.69 12.76 5.36
CA LYS F 212 10.44 12.22 5.88
C LYS F 212 10.47 12.11 7.40
N VAL F 213 9.66 12.93 8.06
CA VAL F 213 9.57 12.91 9.51
C VAL F 213 8.11 12.80 9.95
N ASP F 214 7.80 11.73 10.67
CA ASP F 214 6.41 11.43 11.03
C ASP F 214 6.16 11.57 12.53
N LYS F 215 5.93 12.80 12.98
CA LYS F 215 5.68 13.07 14.40
C LYS F 215 4.34 12.51 14.87
N LYS F 216 4.23 12.31 16.18
CA LYS F 216 2.99 11.85 16.79
C LYS F 216 2.47 12.86 17.80
N ILE F 217 1.16 12.97 17.93
CA ILE F 217 0.57 13.92 18.87
C ILE F 217 0.24 13.27 20.22
N VAL F 218 0.86 13.77 21.27
CA VAL F 218 0.62 13.29 22.63
C VAL F 218 0.38 14.48 23.54
N PRO F 219 -0.48 14.32 24.57
CA PRO F 219 -0.79 15.44 25.46
C PRO F 219 0.40 15.84 26.33
N GLU G 1 17.62 -9.58 25.44
CA GLU G 1 18.66 -9.68 24.42
C GLU G 1 19.57 -10.87 24.67
N LEU G 2 18.98 -12.06 24.72
CA LEU G 2 19.74 -13.29 24.89
C LEU G 2 19.56 -14.18 23.66
N VAL G 3 20.57 -14.17 22.79
CA VAL G 3 20.47 -14.86 21.49
C VAL G 3 20.52 -16.38 21.60
N MET G 4 19.72 -17.05 20.77
CA MET G 4 19.60 -18.50 20.82
C MET G 4 20.40 -19.21 19.74
N THR G 5 20.45 -18.63 18.55
CA THR G 5 21.24 -19.15 17.44
C THR G 5 21.42 -20.68 17.43
N GLN G 6 20.39 -21.39 16.98
CA GLN G 6 20.45 -22.85 16.95
C GLN G 6 20.81 -23.41 15.58
N SER G 7 21.57 -24.50 15.59
CA SER G 7 22.05 -25.13 14.35
C SER G 7 21.91 -26.65 14.41
N PRO G 8 21.77 -27.30 13.26
CA PRO G 8 21.84 -26.70 11.92
C PRO G 8 20.57 -25.93 11.55
N ALA G 9 20.66 -25.09 10.52
CA ALA G 9 19.50 -24.37 10.02
C ALA G 9 18.50 -25.35 9.40
N ILE G 10 18.96 -26.10 8.42
CA ILE G 10 18.16 -27.15 7.80
C ILE G 10 18.95 -28.44 7.75
N MET G 11 18.27 -29.56 7.99
CA MET G 11 18.92 -30.87 7.94
C MET G 11 17.93 -31.94 7.50
N SER G 12 18.47 -33.07 7.05
CA SER G 12 17.66 -34.18 6.58
C SER G 12 18.20 -35.51 7.07
N ALA G 13 17.29 -36.47 7.28
CA ALA G 13 17.70 -37.78 7.79
C ALA G 13 16.76 -38.88 7.32
N SER G 14 17.31 -40.07 7.14
CA SER G 14 16.53 -41.22 6.73
C SER G 14 15.85 -41.84 7.94
N PRO G 15 14.68 -42.46 7.73
CA PRO G 15 13.99 -43.18 8.79
C PRO G 15 14.90 -44.19 9.47
N GLY G 16 15.05 -44.07 10.79
CA GLY G 16 15.89 -44.97 11.55
C GLY G 16 17.22 -44.36 11.93
N GLU G 17 17.54 -43.21 11.31
CA GLU G 17 18.79 -42.51 11.55
C GLU G 17 18.71 -41.67 12.83
N LYS G 18 19.86 -41.46 13.48
CA LYS G 18 19.90 -40.62 14.67
C LYS G 18 20.05 -39.15 14.32
N VAL G 19 19.09 -38.34 14.78
CA VAL G 19 19.13 -36.91 14.53
C VAL G 19 19.54 -36.13 15.78
N THR G 20 20.34 -35.10 15.59
CA THR G 20 20.80 -34.28 16.71
C THR G 20 20.97 -32.81 16.32
N MET G 21 20.06 -31.98 16.81
CA MET G 21 20.14 -30.54 16.61
C MET G 21 20.56 -29.85 17.92
N THR G 22 21.43 -28.87 17.83
CA THR G 22 21.92 -28.17 19.01
C THR G 22 21.30 -26.78 19.15
N CYS G 23 21.65 -26.10 20.24
CA CYS G 23 21.16 -24.75 20.51
C CYS G 23 22.19 -24.01 21.35
N SER G 24 22.99 -23.16 20.70
CA SER G 24 23.92 -22.31 21.42
C SER G 24 23.14 -21.27 22.20
N ALA G 25 23.84 -20.44 22.97
CA ALA G 25 23.18 -19.42 23.78
C ALA G 25 24.13 -18.28 24.11
N SER G 26 23.73 -17.07 23.73
CA SER G 26 24.52 -15.85 23.98
C SER G 26 25.29 -15.93 25.30
N SER G 27 24.56 -16.17 26.38
CA SER G 27 25.16 -16.31 27.70
C SER G 27 24.45 -17.42 28.48
N SER G 28 25.11 -17.90 29.53
CA SER G 28 24.60 -19.05 30.28
C SER G 28 23.16 -18.89 30.77
N VAL G 29 22.37 -19.94 30.61
CA VAL G 29 21.00 -19.97 31.11
C VAL G 29 20.74 -21.29 31.82
N ASN G 30 19.67 -21.34 32.59
CA ASN G 30 19.26 -22.58 33.25
C ASN G 30 17.92 -23.01 32.71
N TYR G 31 17.89 -24.18 32.07
CA TYR G 31 16.69 -24.65 31.37
C TYR G 31 16.58 -24.09 29.94
N MET G 32 16.16 -24.95 29.02
CA MET G 32 15.83 -24.55 27.66
C MET G 32 14.57 -25.32 27.24
N HIS G 33 13.78 -24.73 26.34
CA HIS G 33 12.52 -25.34 25.94
C HIS G 33 12.42 -25.53 24.44
N TRP G 34 11.82 -26.64 24.03
CA TRP G 34 11.73 -26.98 22.61
C TRP G 34 10.28 -27.19 22.17
N TYR G 35 9.92 -26.55 21.06
CA TYR G 35 8.58 -26.71 20.48
C TYR G 35 8.66 -27.24 19.05
N GLN G 36 7.64 -27.99 18.63
CA GLN G 36 7.61 -28.60 17.31
C GLN G 36 6.53 -27.99 16.42
N GLN G 37 6.94 -27.10 15.51
CA GLN G 37 6.01 -26.43 14.61
C GLN G 37 5.99 -27.08 13.23
N LYS G 38 4.84 -27.62 12.85
CA LYS G 38 4.68 -28.23 11.53
C LYS G 38 3.99 -27.29 10.54
N SER G 39 4.70 -26.91 9.49
CA SER G 39 4.14 -26.13 8.39
C SER G 39 3.35 -24.90 8.86
N GLY G 40 4.04 -23.96 9.49
CA GLY G 40 3.44 -22.68 9.85
C GLY G 40 2.41 -22.70 10.95
N THR G 41 1.78 -23.84 11.19
CA THR G 41 0.72 -23.95 12.19
C THR G 41 1.23 -23.61 13.59
N SER G 42 0.30 -23.52 14.55
CA SER G 42 0.64 -23.17 15.92
C SER G 42 1.60 -24.19 16.54
N PRO G 43 2.73 -23.70 17.09
CA PRO G 43 3.75 -24.51 17.76
C PRO G 43 3.16 -25.50 18.76
N LYS G 44 3.92 -26.53 19.10
CA LYS G 44 3.49 -27.50 20.11
C LYS G 44 4.59 -27.70 21.16
N ARG G 45 4.19 -27.76 22.42
CA ARG G 45 5.12 -28.03 23.51
C ARG G 45 5.72 -29.41 23.33
N TRP G 46 7.04 -29.50 23.43
CA TRP G 46 7.74 -30.77 23.26
C TRP G 46 8.77 -31.03 24.35
N ILE G 47 9.69 -30.09 24.55
CA ILE G 47 10.72 -30.23 25.56
C ILE G 47 10.72 -29.04 26.52
N TYR G 48 10.33 -29.28 27.76
CA TYR G 48 10.32 -28.22 28.77
C TYR G 48 11.26 -28.56 29.93
N ASP G 49 11.82 -27.53 30.55
CA ASP G 49 12.81 -27.73 31.59
C ASP G 49 13.96 -28.59 31.09
N THR G 50 14.41 -28.29 29.87
CA THR G 50 15.59 -28.92 29.28
C THR G 50 15.44 -30.40 28.90
N SER G 51 14.90 -31.21 29.79
CA SER G 51 14.90 -32.66 29.54
C SER G 51 13.55 -33.35 29.79
N LYS G 52 12.51 -32.55 30.05
CA LYS G 52 11.19 -33.12 30.27
C LYS G 52 10.43 -33.31 28.97
N LEU G 53 9.88 -34.52 28.79
CA LEU G 53 9.03 -34.81 27.64
C LEU G 53 7.60 -34.36 27.91
N ALA G 54 6.95 -33.80 26.89
CA ALA G 54 5.57 -33.37 27.02
C ALA G 54 4.63 -34.56 27.06
N SER G 55 3.33 -34.28 27.06
CA SER G 55 2.31 -35.32 27.16
C SER G 55 2.49 -36.47 26.16
N GLY G 56 2.29 -36.16 24.88
CA GLY G 56 2.27 -37.18 23.85
C GLY G 56 3.62 -37.56 23.27
N VAL G 57 4.59 -36.65 23.36
CA VAL G 57 5.92 -36.88 22.81
C VAL G 57 6.42 -38.29 23.06
N PRO G 58 6.85 -38.99 22.01
CA PRO G 58 7.31 -40.38 22.08
C PRO G 58 8.69 -40.52 22.72
N ALA G 59 8.96 -41.70 23.27
CA ALA G 59 10.23 -41.96 23.96
C ALA G 59 11.42 -41.68 23.05
N ARG G 60 11.20 -41.76 21.75
CA ARG G 60 12.25 -41.57 20.76
C ARG G 60 13.00 -40.25 20.96
N PHE G 61 12.31 -39.28 21.54
CA PHE G 61 12.90 -37.95 21.75
C PHE G 61 13.60 -37.82 23.09
N SER G 62 14.44 -36.80 23.21
CA SER G 62 15.21 -36.56 24.43
C SER G 62 15.98 -35.25 24.32
N GLY G 63 16.13 -34.56 25.43
CA GLY G 63 16.83 -33.29 25.45
C GLY G 63 17.89 -33.28 26.53
N SER G 64 18.83 -32.35 26.42
CA SER G 64 19.92 -32.25 27.40
C SER G 64 20.74 -30.98 27.23
N GLY G 65 21.72 -30.80 28.11
CA GLY G 65 22.59 -29.65 28.04
C GLY G 65 22.60 -28.79 29.30
N SER G 66 23.35 -27.69 29.25
CA SER G 66 23.43 -26.75 30.36
C SER G 66 24.25 -25.52 29.98
N GLY G 67 24.08 -24.44 30.73
CA GLY G 67 24.84 -23.23 30.49
C GLY G 67 24.54 -22.59 29.15
N THR G 68 25.38 -22.87 28.16
CA THR G 68 25.21 -22.27 26.84
C THR G 68 24.92 -23.30 25.76
N SER G 69 25.15 -24.57 26.07
CA SER G 69 24.98 -25.63 25.06
C SER G 69 23.86 -26.60 25.40
N TYR G 70 22.75 -26.48 24.68
CA TYR G 70 21.65 -27.44 24.80
C TYR G 70 21.43 -28.11 23.45
N SER G 71 20.74 -29.25 23.45
CA SER G 71 20.55 -30.00 22.22
C SER G 71 19.41 -31.01 22.29
N LEU G 72 18.61 -31.07 21.23
CA LEU G 72 17.51 -32.02 21.11
C LEU G 72 17.93 -33.15 20.19
N THR G 73 17.62 -34.39 20.56
CA THR G 73 18.03 -35.56 19.78
C THR G 73 16.95 -36.62 19.70
N ILE G 74 17.08 -37.49 18.70
CA ILE G 74 16.14 -38.60 18.51
C ILE G 74 16.88 -39.86 18.07
N SER G 75 16.68 -40.94 18.81
CA SER G 75 17.34 -42.22 18.51
C SER G 75 17.13 -42.62 17.05
N SER G 76 15.89 -42.95 16.71
CA SER G 76 15.56 -43.30 15.34
C SER G 76 14.59 -42.27 14.76
N MET G 77 14.91 -41.76 13.58
CA MET G 77 14.06 -40.79 12.92
C MET G 77 12.73 -41.41 12.51
N GLU G 78 11.75 -40.57 12.26
CA GLU G 78 10.45 -41.02 11.79
C GLU G 78 9.87 -39.98 10.85
N ALA G 79 8.97 -40.40 9.97
CA ALA G 79 8.33 -39.49 9.03
C ALA G 79 7.70 -38.31 9.78
N GLU G 80 7.02 -38.62 10.87
CA GLU G 80 6.34 -37.62 11.67
C GLU G 80 7.30 -36.57 12.19
N ASP G 81 8.45 -37.03 12.65
CA ASP G 81 9.46 -36.14 13.23
C ASP G 81 9.76 -34.95 12.34
N ALA G 82 9.48 -35.07 11.05
CA ALA G 82 9.70 -33.99 10.11
C ALA G 82 8.96 -32.72 10.53
N ALA G 83 9.73 -31.65 10.80
CA ALA G 83 9.15 -30.36 11.17
C ALA G 83 10.25 -29.34 11.47
N THR G 84 9.85 -28.25 12.10
CA THR G 84 10.80 -27.26 12.60
C THR G 84 10.75 -27.23 14.11
N TYR G 85 11.89 -27.41 14.75
CA TYR G 85 11.96 -27.39 16.21
C TYR G 85 12.56 -26.09 16.71
N TYR G 86 11.90 -25.49 17.70
CA TYR G 86 12.31 -24.20 18.23
C TYR G 86 12.75 -24.30 19.68
N CYS G 87 14.01 -23.96 19.92
CA CYS G 87 14.50 -23.84 21.28
C CYS G 87 14.14 -22.46 21.79
N GLN G 88 13.79 -22.37 23.08
CA GLN G 88 13.35 -21.11 23.68
C GLN G 88 13.74 -21.03 25.15
N GLN G 89 13.92 -19.81 25.66
CA GLN G 89 14.34 -19.61 27.03
C GLN G 89 13.45 -18.60 27.77
N TRP G 90 13.48 -18.63 29.10
CA TRP G 90 12.78 -17.66 29.93
C TRP G 90 13.65 -17.36 31.16
N SER G 91 14.94 -17.64 31.04
CA SER G 91 15.87 -17.48 32.16
C SER G 91 16.27 -16.03 32.38
N TYR G 92 16.00 -15.19 31.38
CA TYR G 92 16.20 -13.76 31.52
C TYR G 92 15.07 -13.00 30.83
N ASN G 93 15.31 -11.74 30.52
CA ASN G 93 14.27 -10.92 29.91
C ASN G 93 14.79 -10.16 28.69
N PRO G 94 14.02 -10.17 27.60
CA PRO G 94 12.75 -10.91 27.52
C PRO G 94 12.99 -12.38 27.25
N PRO G 95 11.91 -13.18 27.24
CA PRO G 95 12.03 -14.57 26.78
C PRO G 95 12.27 -14.56 25.28
N THR G 96 13.07 -15.50 24.78
CA THR G 96 13.39 -15.51 23.36
C THR G 96 13.40 -16.92 22.77
N PHE G 97 13.32 -16.98 21.45
CA PHE G 97 13.33 -18.24 20.72
C PHE G 97 14.55 -18.34 19.82
N GLY G 98 14.80 -19.54 19.29
CA GLY G 98 15.92 -19.75 18.39
C GLY G 98 15.53 -19.56 16.93
N GLY G 99 16.53 -19.63 16.05
CA GLY G 99 16.27 -19.51 14.63
C GLY G 99 15.45 -20.67 14.11
N GLY G 100 15.46 -21.77 14.85
CA GLY G 100 14.74 -22.97 14.45
C GLY G 100 15.62 -23.93 13.68
N THR G 101 15.38 -25.23 13.86
CA THR G 101 16.09 -26.25 13.11
C THR G 101 15.09 -27.00 12.23
N LYS G 102 15.27 -26.89 10.92
CA LYS G 102 14.33 -27.47 9.97
C LYS G 102 14.71 -28.89 9.58
N LEU G 103 14.00 -29.87 10.14
CA LEU G 103 14.27 -31.28 9.88
C LEU G 103 13.41 -31.83 8.75
N GLU G 104 14.05 -32.41 7.75
CA GLU G 104 13.34 -33.00 6.61
C GLU G 104 13.63 -34.49 6.48
N ILE G 105 12.63 -35.26 6.05
CA ILE G 105 12.81 -36.69 5.86
C ILE G 105 13.58 -36.95 4.57
N LYS G 106 14.43 -37.97 4.59
CA LYS G 106 15.21 -38.35 3.41
C LYS G 106 14.56 -39.54 2.72
N ARG G 107 14.41 -39.44 1.40
CA ARG G 107 13.82 -40.52 0.62
C ARG G 107 14.61 -40.75 -0.65
N ALA G 108 14.37 -41.89 -1.29
CA ALA G 108 15.04 -42.22 -2.53
C ALA G 108 14.73 -41.17 -3.59
N ASP G 109 15.78 -40.67 -4.25
CA ASP G 109 15.61 -39.68 -5.31
C ASP G 109 14.58 -40.14 -6.33
N ALA G 110 13.67 -39.24 -6.68
CA ALA G 110 12.64 -39.55 -7.67
C ALA G 110 12.58 -38.46 -8.73
N ALA G 111 12.24 -38.85 -9.95
CA ALA G 111 12.15 -37.92 -11.06
C ALA G 111 10.74 -37.34 -11.20
N PRO G 112 10.65 -36.07 -11.66
CA PRO G 112 9.38 -35.36 -11.82
C PRO G 112 8.37 -36.11 -12.67
N THR G 113 7.09 -35.88 -12.38
CA THR G 113 6.01 -36.37 -13.23
C THR G 113 5.34 -35.16 -13.87
N VAL G 114 5.96 -34.65 -14.92
CA VAL G 114 5.57 -33.37 -15.51
C VAL G 114 4.27 -33.41 -16.31
N SER G 115 3.42 -32.42 -16.07
CA SER G 115 2.19 -32.24 -16.83
C SER G 115 2.09 -30.77 -17.27
N ILE G 116 1.52 -30.54 -18.44
CA ILE G 116 1.35 -29.17 -18.92
C ILE G 116 -0.11 -28.89 -19.27
N PHE G 117 -0.52 -27.64 -19.08
CA PHE G 117 -1.92 -27.27 -19.27
C PHE G 117 -2.06 -25.97 -20.07
N PRO G 118 -3.18 -25.82 -20.80
CA PRO G 118 -3.44 -24.68 -21.66
C PRO G 118 -4.26 -23.62 -20.93
N PRO G 119 -4.28 -22.39 -21.46
CA PRO G 119 -5.17 -21.36 -20.93
C PRO G 119 -6.62 -21.79 -21.08
N SER G 120 -7.31 -21.99 -19.95
CA SER G 120 -8.69 -22.44 -19.97
C SER G 120 -9.59 -21.44 -20.73
N SER G 121 -10.68 -21.95 -21.29
CA SER G 121 -11.57 -21.14 -22.11
C SER G 121 -11.91 -19.79 -21.50
N GLU G 122 -12.43 -19.79 -20.29
CA GLU G 122 -12.89 -18.55 -19.64
C GLU G 122 -11.74 -17.60 -19.28
N GLN G 123 -10.53 -17.93 -19.72
CA GLN G 123 -9.40 -17.02 -19.54
C GLN G 123 -9.13 -16.26 -20.83
N LEU G 124 -9.29 -16.93 -21.96
CA LEU G 124 -9.16 -16.28 -23.26
C LEU G 124 -10.39 -15.42 -23.52
N THR G 125 -11.48 -15.74 -22.83
CA THR G 125 -12.71 -14.97 -22.95
C THR G 125 -12.77 -13.87 -21.89
N SER G 126 -11.60 -13.41 -21.47
CA SER G 126 -11.51 -12.32 -20.49
C SER G 126 -10.25 -11.49 -20.72
N GLY G 127 -9.48 -11.84 -21.74
CA GLY G 127 -8.33 -11.06 -22.14
C GLY G 127 -7.01 -11.48 -21.51
N GLY G 128 -6.85 -12.77 -21.25
CA GLY G 128 -5.63 -13.28 -20.65
C GLY G 128 -5.35 -14.72 -21.03
N ALA G 129 -4.10 -15.15 -20.83
CA ALA G 129 -3.71 -16.51 -21.16
C ALA G 129 -2.56 -16.97 -20.27
N SER G 130 -2.73 -18.14 -19.65
CA SER G 130 -1.71 -18.68 -18.76
C SER G 130 -1.49 -20.17 -18.99
N VAL G 131 -0.23 -20.56 -19.15
CA VAL G 131 0.14 -21.96 -19.33
C VAL G 131 0.68 -22.54 -18.03
N VAL G 132 0.03 -23.59 -17.54
CA VAL G 132 0.43 -24.21 -16.28
C VAL G 132 1.29 -25.45 -16.49
N CYS G 133 2.28 -25.65 -15.62
CA CYS G 133 3.15 -26.81 -15.68
C CYS G 133 3.34 -27.40 -14.29
N PHE G 134 2.95 -28.67 -14.12
CA PHE G 134 2.98 -29.31 -12.81
C PHE G 134 4.07 -30.37 -12.70
N LEU G 135 5.22 -29.97 -12.18
CA LEU G 135 6.33 -30.89 -11.91
C LEU G 135 6.09 -31.54 -10.56
N ASN G 136 5.60 -32.78 -10.56
CA ASN G 136 5.13 -33.42 -9.34
C ASN G 136 5.97 -34.58 -8.80
N ASN G 137 5.91 -34.76 -7.48
CA ASN G 137 6.50 -35.91 -6.82
C ASN G 137 7.95 -36.21 -7.20
N PHE G 138 8.86 -35.32 -6.80
CA PHE G 138 10.27 -35.51 -7.09
C PHE G 138 11.14 -35.29 -5.85
N TYR G 139 12.37 -35.81 -5.91
CA TYR G 139 13.32 -35.65 -4.82
C TYR G 139 14.74 -35.67 -5.39
N PRO G 140 15.62 -34.79 -4.89
CA PRO G 140 15.38 -33.86 -3.78
C PRO G 140 14.60 -32.61 -4.19
N LYS G 141 14.54 -31.65 -3.28
CA LYS G 141 13.80 -30.41 -3.50
C LYS G 141 14.33 -29.63 -4.69
N ASP G 142 15.65 -29.60 -4.84
CA ASP G 142 16.29 -28.80 -5.88
C ASP G 142 15.88 -29.20 -7.30
N ILE G 143 15.18 -28.29 -7.97
CA ILE G 143 14.78 -28.51 -9.36
C ILE G 143 14.66 -27.18 -10.08
N ASN G 144 15.01 -27.18 -11.37
CA ASN G 144 14.87 -25.99 -12.19
C ASN G 144 14.05 -26.29 -13.45
N VAL G 145 13.31 -25.30 -13.93
CA VAL G 145 12.40 -25.51 -15.04
C VAL G 145 13.10 -25.83 -16.39
N LYS G 146 13.68 -24.89 -17.13
CA LYS G 146 13.84 -23.50 -16.79
C LYS G 146 13.57 -22.67 -18.05
N TRP G 147 12.49 -21.91 -17.97
CA TRP G 147 12.20 -20.75 -18.81
C TRP G 147 11.19 -21.03 -19.91
N LYS G 148 10.32 -21.99 -19.69
CA LYS G 148 9.32 -22.35 -20.69
C LYS G 148 9.94 -22.48 -22.07
N LYS G 149 9.17 -22.14 -23.11
CA LYS G 149 9.64 -22.19 -24.49
C LYS G 149 8.50 -21.99 -25.48
N ILE G 150 8.48 -20.83 -26.13
CA ILE G 150 7.46 -20.54 -27.14
C ILE G 150 8.09 -20.43 -28.54
N ASP G 151 7.76 -21.39 -29.40
CA ASP G 151 8.33 -21.47 -30.74
C ASP G 151 9.86 -21.59 -30.70
N GLY G 152 10.36 -22.32 -29.70
CA GLY G 152 11.79 -22.49 -29.53
C GLY G 152 12.40 -21.43 -28.63
N SER G 153 11.88 -20.21 -28.74
CA SER G 153 12.35 -19.10 -27.91
C SER G 153 11.74 -19.18 -26.51
N GLU G 154 12.60 -19.26 -25.50
CA GLU G 154 12.14 -19.41 -24.13
C GLU G 154 12.00 -18.06 -23.41
N ARG G 155 10.77 -17.73 -23.01
CA ARG G 155 10.49 -16.47 -22.34
C ARG G 155 11.18 -16.40 -20.98
N GLN G 156 11.34 -15.18 -20.46
CA GLN G 156 12.04 -14.97 -19.20
C GLN G 156 11.14 -14.34 -18.15
N ASN G 157 10.49 -13.24 -18.51
CA ASN G 157 9.56 -12.56 -17.60
C ASN G 157 8.13 -13.05 -17.76
N GLY G 158 7.39 -13.07 -16.66
CA GLY G 158 6.03 -13.57 -16.66
C GLY G 158 5.95 -14.96 -16.08
N VAL G 159 7.09 -15.45 -15.59
CA VAL G 159 7.18 -16.78 -15.01
C VAL G 159 6.89 -16.72 -13.51
N LEU G 160 5.99 -17.57 -13.05
CA LEU G 160 5.55 -17.54 -11.66
C LEU G 160 5.65 -18.92 -11.00
N ASN G 161 6.68 -19.11 -10.19
CA ASN G 161 6.91 -20.39 -9.54
C ASN G 161 6.52 -20.41 -8.07
N SER G 162 5.89 -21.50 -7.64
CA SER G 162 5.54 -21.72 -6.23
C SER G 162 5.73 -23.19 -5.87
N TRP G 163 6.32 -23.43 -4.70
CA TRP G 163 6.76 -24.78 -4.35
C TRP G 163 5.98 -25.41 -3.20
N THR G 164 5.65 -26.70 -3.35
CA THR G 164 5.04 -27.47 -2.28
C THR G 164 6.08 -27.67 -1.17
N ASP G 165 5.60 -27.75 0.07
CA ASP G 165 6.50 -28.03 1.18
C ASP G 165 7.15 -29.39 0.97
N GLN G 166 6.46 -30.45 1.38
CA GLN G 166 6.96 -31.82 1.22
C GLN G 166 5.87 -32.80 1.61
N ASP G 167 5.26 -33.43 0.61
CA ASP G 167 4.13 -34.32 0.84
C ASP G 167 4.33 -35.21 2.06
N SER G 168 3.27 -35.43 2.81
CA SER G 168 3.34 -36.13 4.09
C SER G 168 3.14 -37.63 3.94
N LYS G 169 2.82 -38.09 2.74
CA LYS G 169 2.48 -39.49 2.52
C LYS G 169 3.49 -40.22 1.63
N ASP G 170 4.49 -39.48 1.13
CA ASP G 170 5.56 -40.09 0.35
C ASP G 170 6.89 -39.35 0.53
N SER G 171 6.81 -38.11 1.03
CA SER G 171 7.99 -37.30 1.31
C SER G 171 8.62 -36.69 0.06
N THR G 172 7.84 -36.59 -1.01
CA THR G 172 8.33 -35.98 -2.24
C THR G 172 7.95 -34.50 -2.30
N TYR G 173 8.47 -33.81 -3.32
CA TYR G 173 8.19 -32.39 -3.50
C TYR G 173 7.40 -32.17 -4.77
N SER G 174 6.70 -31.03 -4.83
CA SER G 174 6.01 -30.63 -6.05
C SER G 174 6.33 -29.17 -6.37
N MET G 175 6.17 -28.81 -7.63
CA MET G 175 6.53 -27.48 -8.09
C MET G 175 5.57 -27.00 -9.17
N SER G 176 5.14 -25.75 -9.07
CA SER G 176 4.17 -25.21 -10.02
C SER G 176 4.70 -23.97 -10.74
N SER G 177 4.98 -24.13 -12.02
CA SER G 177 5.40 -23.01 -12.86
C SER G 177 4.28 -22.65 -13.83
N THR G 178 3.86 -21.39 -13.79
CA THR G 178 2.77 -20.93 -14.64
C THR G 178 3.16 -19.67 -15.44
N LEU G 179 2.97 -19.74 -16.74
CA LEU G 179 3.34 -18.65 -17.65
C LEU G 179 2.13 -17.84 -18.10
N THR G 180 2.03 -16.61 -17.60
CA THR G 180 0.91 -15.74 -17.94
C THR G 180 1.33 -14.67 -18.95
N LEU G 181 0.43 -14.39 -19.90
CA LEU G 181 0.66 -13.35 -20.89
C LEU G 181 -0.66 -12.79 -21.39
N THR G 182 -0.60 -12.07 -22.51
CA THR G 182 -1.79 -11.49 -23.12
C THR G 182 -2.48 -12.53 -23.99
N LYS G 183 -3.73 -12.25 -24.35
CA LYS G 183 -4.48 -13.10 -25.28
C LYS G 183 -3.78 -13.11 -26.64
N ASP G 184 -3.09 -12.01 -26.95
CA ASP G 184 -2.43 -11.86 -28.24
C ASP G 184 -1.23 -12.79 -28.41
N GLU G 185 -0.33 -12.77 -27.43
CA GLU G 185 0.91 -13.54 -27.52
C GLU G 185 0.66 -15.05 -27.54
N TYR G 186 -0.51 -15.46 -27.08
CA TYR G 186 -0.86 -16.87 -27.01
C TYR G 186 -1.34 -17.41 -28.35
N GLU G 187 -1.82 -16.53 -29.20
CA GLU G 187 -2.26 -16.91 -30.55
C GLU G 187 -1.22 -16.51 -31.59
N ARG G 188 -0.33 -15.59 -31.20
CA ARG G 188 0.76 -15.17 -32.06
C ARG G 188 1.66 -16.36 -32.38
N HIS G 189 2.06 -17.08 -31.34
CA HIS G 189 2.89 -18.27 -31.49
C HIS G 189 2.03 -19.52 -31.37
N ASN G 190 2.66 -20.69 -31.40
CA ASN G 190 1.91 -21.94 -31.33
C ASN G 190 2.70 -23.15 -30.84
N SER G 191 3.96 -22.94 -30.44
CA SER G 191 4.79 -24.02 -29.92
C SER G 191 5.19 -23.74 -28.48
N TYR G 192 4.56 -24.45 -27.54
CA TYR G 192 4.80 -24.21 -26.12
C TYR G 192 5.43 -25.42 -25.42
N THR G 193 6.55 -25.18 -24.73
CA THR G 193 7.27 -26.24 -24.06
C THR G 193 7.75 -25.81 -22.68
N CYS G 194 7.55 -26.66 -21.69
CA CYS G 194 8.11 -26.44 -20.36
C CYS G 194 8.90 -27.66 -19.93
N GLU G 195 10.22 -27.49 -19.78
CA GLU G 195 11.09 -28.61 -19.47
C GLU G 195 11.39 -28.69 -17.97
N ALA G 196 12.20 -29.67 -17.59
CA ALA G 196 12.55 -29.88 -16.19
C ALA G 196 13.93 -30.51 -16.05
N THR G 197 14.87 -29.74 -15.53
CA THR G 197 16.24 -30.23 -15.34
C THR G 197 16.49 -30.65 -13.90
N HIS G 198 15.88 -31.76 -13.50
CA HIS G 198 16.10 -32.32 -12.17
C HIS G 198 17.29 -33.28 -12.20
N LYS G 199 18.16 -33.15 -11.21
CA LYS G 199 19.43 -33.90 -11.19
C LYS G 199 19.27 -35.41 -11.03
N THR G 200 18.06 -35.94 -11.24
CA THR G 200 17.86 -37.38 -11.31
C THR G 200 18.19 -37.84 -12.72
N SER G 201 18.19 -36.89 -13.64
CA SER G 201 18.50 -37.14 -15.04
C SER G 201 19.14 -35.89 -15.64
N THR G 202 20.21 -36.08 -16.40
CA THR G 202 20.91 -34.96 -17.02
C THR G 202 20.15 -34.45 -18.25
N SER G 203 19.16 -35.22 -18.69
CA SER G 203 18.35 -34.85 -19.84
C SER G 203 16.96 -34.40 -19.41
N PRO G 204 16.60 -33.14 -19.72
CA PRO G 204 15.34 -32.52 -19.31
C PRO G 204 14.12 -33.31 -19.76
N ILE G 205 13.22 -33.60 -18.82
CA ILE G 205 11.94 -34.19 -19.14
C ILE G 205 10.98 -33.10 -19.57
N VAL G 206 10.49 -33.17 -20.80
CA VAL G 206 9.74 -32.07 -21.39
C VAL G 206 8.31 -32.43 -21.78
N LYS G 207 7.42 -31.46 -21.67
CA LYS G 207 6.04 -31.58 -22.13
C LYS G 207 5.67 -30.38 -23.00
N SER G 208 5.00 -30.64 -24.11
CA SER G 208 4.66 -29.60 -25.06
C SER G 208 3.23 -29.72 -25.55
N PHE G 209 2.66 -28.62 -26.03
CA PHE G 209 1.33 -28.63 -26.63
C PHE G 209 1.19 -27.57 -27.71
N ASN G 210 0.44 -27.90 -28.75
CA ASN G 210 0.20 -26.98 -29.85
C ASN G 210 -1.30 -26.81 -30.11
N ARG G 211 -1.68 -25.66 -30.62
CA ARG G 211 -3.09 -25.35 -30.87
C ARG G 211 -3.53 -25.82 -32.25
N GLU H 1 -4.31 36.39 -30.68
CA GLU H 1 -4.81 37.52 -29.90
C GLU H 1 -6.33 37.63 -29.98
N LEU H 2 -7.01 36.56 -29.61
CA LEU H 2 -8.47 36.54 -29.58
C LEU H 2 -8.94 36.35 -28.14
N VAL H 3 -9.37 37.45 -27.51
CA VAL H 3 -9.72 37.44 -26.09
C VAL H 3 -11.03 36.71 -25.80
N MET H 4 -11.06 35.98 -24.67
CA MET H 4 -12.22 35.18 -24.31
C MET H 4 -13.11 35.84 -23.26
N THR H 5 -12.48 36.52 -22.30
CA THR H 5 -13.21 37.28 -21.28
C THR H 5 -14.58 36.69 -20.89
N GLN H 6 -14.57 35.65 -20.05
CA GLN H 6 -15.82 35.00 -19.64
C GLN H 6 -16.30 35.46 -18.28
N SER H 7 -17.62 35.56 -18.14
CA SER H 7 -18.25 36.04 -16.90
C SER H 7 -19.45 35.17 -16.53
N PRO H 8 -19.77 35.11 -15.23
CA PRO H 8 -19.13 35.86 -14.13
C PRO H 8 -17.76 35.31 -13.74
N ALA H 9 -16.97 36.10 -13.03
CA ALA H 9 -15.69 35.65 -12.51
C ALA H 9 -15.90 34.56 -11.48
N ILE H 10 -16.65 34.89 -10.43
CA ILE H 10 -17.02 33.92 -9.41
C ILE H 10 -18.51 33.95 -9.16
N MET H 11 -19.12 32.78 -8.95
CA MET H 11 -20.54 32.71 -8.68
C MET H 11 -20.86 31.53 -7.79
N SER H 12 -22.03 31.56 -7.17
CA SER H 12 -22.46 30.51 -6.26
C SER H 12 -23.93 30.16 -6.46
N ALA H 13 -24.27 28.90 -6.25
CA ALA H 13 -25.64 28.44 -6.44
C ALA H 13 -26.00 27.29 -5.52
N SER H 14 -27.26 27.24 -5.12
CA SER H 14 -27.76 26.17 -4.26
C SER H 14 -28.06 24.94 -5.09
N PRO H 15 -27.93 23.75 -4.49
CA PRO H 15 -28.30 22.50 -5.16
C PRO H 15 -29.72 22.56 -5.71
N GLY H 16 -29.88 22.34 -7.01
CA GLY H 16 -31.19 22.36 -7.65
C GLY H 16 -31.42 23.64 -8.45
N GLU H 17 -30.56 24.62 -8.24
CA GLU H 17 -30.66 25.92 -8.91
C GLU H 17 -30.07 25.85 -10.32
N LYS H 18 -30.59 26.68 -11.22
CA LYS H 18 -30.07 26.75 -12.58
C LYS H 18 -28.87 27.69 -12.68
N VAL H 19 -27.75 27.16 -13.15
CA VAL H 19 -26.53 27.94 -13.30
C VAL H 19 -26.27 28.26 -14.77
N THR H 20 -25.81 29.48 -15.04
CA THR H 20 -25.51 29.90 -16.40
C THR H 20 -24.33 30.86 -16.46
N MET H 21 -23.20 30.36 -16.97
CA MET H 21 -22.03 31.19 -17.20
C MET H 21 -21.84 31.43 -18.69
N THR H 22 -21.47 32.66 -19.05
CA THR H 22 -21.30 33.01 -20.45
C THR H 22 -19.82 33.14 -20.82
N CYS H 23 -19.58 33.40 -22.10
CA CYS H 23 -18.24 33.57 -22.62
C CYS H 23 -18.27 34.51 -23.82
N SER H 24 -17.90 35.76 -23.60
CA SER H 24 -17.79 36.72 -24.68
C SER H 24 -16.60 36.34 -25.57
N ALA H 25 -16.40 37.06 -26.65
CA ALA H 25 -15.28 36.77 -27.56
C ALA H 25 -14.87 38.00 -28.37
N SER H 26 -13.60 38.37 -28.24
CA SER H 26 -13.05 39.52 -28.96
C SER H 26 -13.69 39.70 -30.34
N SER H 27 -13.63 38.65 -31.16
CA SER H 27 -14.23 38.66 -32.48
C SER H 27 -14.88 37.31 -32.78
N SER H 28 -15.76 37.28 -33.77
CA SER H 28 -16.55 36.08 -34.06
C SER H 28 -15.70 34.83 -34.27
N VAL H 29 -16.16 33.73 -33.70
CA VAL H 29 -15.50 32.44 -33.88
C VAL H 29 -16.56 31.37 -34.12
N ASN H 30 -16.13 30.22 -34.62
CA ASN H 30 -17.03 29.09 -34.84
C ASN H 30 -16.59 27.95 -33.94
N TYR H 31 -17.47 27.56 -33.02
CA TYR H 31 -17.14 26.57 -31.99
C TYR H 31 -16.43 27.18 -30.78
N MET H 32 -16.81 26.73 -29.59
CA MET H 32 -16.12 27.07 -28.35
C MET H 32 -16.03 25.81 -27.50
N HIS H 33 -15.00 25.72 -26.67
CA HIS H 33 -14.78 24.51 -25.87
C HIS H 33 -14.70 24.81 -24.38
N TRP H 34 -15.26 23.91 -23.57
CA TRP H 34 -15.31 24.11 -22.12
C TRP H 34 -14.66 22.96 -21.37
N TYR H 35 -13.78 23.31 -20.43
CA TYR H 35 -13.14 22.32 -19.56
C TYR H 35 -13.45 22.57 -18.09
N GLN H 36 -13.46 21.51 -17.30
CA GLN H 36 -13.79 21.61 -15.88
C GLN H 36 -12.59 21.29 -14.98
N GLN H 37 -11.95 22.34 -14.46
CA GLN H 37 -10.78 22.16 -13.60
C GLN H 37 -11.13 22.27 -12.12
N LYS H 38 -10.93 21.18 -11.39
CA LYS H 38 -11.18 21.18 -9.95
C LYS H 38 -9.90 21.35 -9.13
N SER H 39 -9.83 22.45 -8.39
CA SER H 39 -8.74 22.70 -7.46
C SER H 39 -7.35 22.49 -8.07
N GLY H 40 -7.00 23.32 -9.06
CA GLY H 40 -5.67 23.34 -9.62
C GLY H 40 -5.26 22.14 -10.46
N THR H 41 -5.92 21.00 -10.24
CA THR H 41 -5.56 19.76 -10.94
C THR H 41 -5.74 19.90 -12.46
N SER H 42 -5.28 18.90 -13.19
CA SER H 42 -5.35 18.91 -14.65
C SER H 42 -6.79 19.02 -15.15
N PRO H 43 -7.05 20.00 -16.02
CA PRO H 43 -8.37 20.25 -16.62
C PRO H 43 -9.00 18.99 -17.19
N LYS H 44 -10.31 19.01 -17.38
CA LYS H 44 -11.02 17.88 -17.99
C LYS H 44 -11.90 18.35 -19.14
N ARG H 45 -11.90 17.60 -20.23
CA ARG H 45 -12.76 17.90 -21.37
C ARG H 45 -14.23 17.78 -20.95
N TRP H 46 -15.01 18.80 -21.29
CA TRP H 46 -16.43 18.82 -20.92
C TRP H 46 -17.34 19.20 -22.08
N ILE H 47 -17.06 20.34 -22.70
CA ILE H 47 -17.87 20.80 -23.83
C ILE H 47 -16.99 21.08 -25.04
N TYR H 48 -17.14 20.25 -26.08
CA TYR H 48 -16.38 20.44 -27.31
C TYR H 48 -17.32 20.69 -28.49
N ASP H 49 -16.82 21.46 -29.46
CA ASP H 49 -17.66 21.84 -30.59
C ASP H 49 -18.93 22.54 -30.11
N THR H 50 -18.76 23.42 -29.13
CA THR H 50 -19.84 24.28 -28.64
C THR H 50 -20.95 23.57 -27.86
N SER H 51 -21.47 22.46 -28.37
CA SER H 51 -22.63 21.83 -27.75
C SER H 51 -22.51 20.33 -27.53
N LYS H 52 -21.33 19.78 -27.78
CA LYS H 52 -21.12 18.34 -27.57
C LYS H 52 -20.71 18.02 -26.13
N LEU H 53 -21.39 17.06 -25.53
CA LEU H 53 -21.04 16.58 -24.20
C LEU H 53 -19.94 15.53 -24.30
N ALA H 54 -18.99 15.60 -23.36
CA ALA H 54 -17.91 14.63 -23.31
C ALA H 54 -18.41 13.26 -22.84
N SER H 55 -17.49 12.33 -22.67
CA SER H 55 -17.82 10.96 -22.28
C SER H 55 -18.74 10.87 -21.07
N GLY H 56 -18.22 11.26 -19.90
CA GLY H 56 -18.93 11.07 -18.65
C GLY H 56 -19.90 12.18 -18.28
N VAL H 57 -19.67 13.39 -18.80
CA VAL H 57 -20.51 14.54 -18.48
C VAL H 57 -21.99 14.19 -18.44
N PRO H 58 -22.66 14.55 -17.34
CA PRO H 58 -24.08 14.23 -17.12
C PRO H 58 -25.01 15.10 -17.96
N ALA H 59 -26.21 14.58 -18.22
CA ALA H 59 -27.19 15.29 -19.04
C ALA H 59 -27.49 16.68 -18.50
N ARG H 60 -27.27 16.86 -17.21
CA ARG H 60 -27.55 18.12 -16.53
C ARG H 60 -26.86 19.30 -17.22
N PHE H 61 -25.76 19.03 -17.89
CA PHE H 61 -25.00 20.07 -18.57
C PHE H 61 -25.45 20.30 -20.01
N SER H 62 -25.05 21.44 -20.56
CA SER H 62 -25.40 21.81 -21.92
C SER H 62 -24.71 23.11 -22.33
N GLY H 63 -24.35 23.21 -23.61
CA GLY H 63 -23.67 24.39 -24.11
C GLY H 63 -24.37 24.93 -25.35
N SER H 64 -24.08 26.19 -25.69
CA SER H 64 -24.72 26.83 -26.83
C SER H 64 -24.06 28.16 -27.19
N GLY H 65 -24.55 28.78 -28.26
CA GLY H 65 -24.04 30.07 -28.69
C GLY H 65 -23.50 30.09 -30.10
N SER H 66 -22.97 31.24 -30.49
CA SER H 66 -22.38 31.41 -31.81
C SER H 66 -21.73 32.80 -31.95
N GLY H 67 -20.84 32.94 -32.92
CA GLY H 67 -20.21 34.22 -33.18
C GLY H 67 -19.33 34.70 -32.03
N THR H 68 -19.89 35.56 -31.19
CA THR H 68 -19.13 36.11 -30.06
C THR H 68 -19.70 35.72 -28.71
N SER H 69 -20.93 35.21 -28.69
CA SER H 69 -21.59 34.89 -27.44
C SER H 69 -21.85 33.39 -27.27
N TYR H 70 -21.07 32.75 -26.40
CA TYR H 70 -21.29 31.36 -26.04
C TYR H 70 -21.55 31.27 -24.54
N SER H 71 -22.14 30.17 -24.09
CA SER H 71 -22.50 30.02 -22.68
C SER H 71 -22.76 28.58 -22.26
N LEU H 72 -22.23 28.23 -21.09
CA LEU H 72 -22.43 26.91 -20.51
C LEU H 72 -23.49 26.99 -19.41
N THR H 73 -24.40 26.03 -19.38
CA THR H 73 -25.49 26.06 -18.40
C THR H 73 -25.79 24.68 -17.81
N ILE H 74 -26.47 24.68 -16.66
CA ILE H 74 -26.86 23.45 -16.00
C ILE H 74 -28.25 23.58 -15.39
N SER H 75 -29.15 22.68 -15.75
CA SER H 75 -30.52 22.70 -15.25
C SER H 75 -30.56 22.79 -13.74
N SER H 76 -30.14 21.72 -13.07
CA SER H 76 -30.07 21.70 -11.61
C SER H 76 -28.62 21.58 -11.15
N MET H 77 -28.21 22.45 -10.24
CA MET H 77 -26.86 22.42 -9.72
C MET H 77 -26.63 21.16 -8.91
N GLU H 78 -25.36 20.83 -8.70
CA GLU H 78 -24.98 19.70 -7.88
C GLU H 78 -23.68 20.01 -7.16
N ALA H 79 -23.44 19.35 -6.03
CA ALA H 79 -22.22 19.56 -5.28
C ALA H 79 -20.99 19.37 -6.17
N GLU H 80 -21.03 18.32 -6.98
CA GLU H 80 -19.92 17.98 -7.87
C GLU H 80 -19.63 19.12 -8.84
N ASP H 81 -20.69 19.71 -9.38
CA ASP H 81 -20.56 20.78 -10.36
C ASP H 81 -19.60 21.87 -9.91
N ALA H 82 -19.39 21.97 -8.60
CA ALA H 82 -18.49 22.98 -8.06
C ALA H 82 -17.09 22.84 -8.65
N ALA H 83 -16.65 23.89 -9.33
CA ALA H 83 -15.31 23.92 -9.92
C ALA H 83 -15.07 25.22 -10.70
N THR H 84 -14.03 25.23 -11.51
CA THR H 84 -13.78 26.33 -12.43
C THR H 84 -13.92 25.82 -13.85
N TYR H 85 -14.77 26.49 -14.64
CA TYR H 85 -14.97 26.09 -16.02
C TYR H 85 -14.27 27.04 -16.97
N TYR H 86 -13.54 26.47 -17.93
CA TYR H 86 -12.75 27.26 -18.87
C TYR H 86 -13.28 27.13 -20.28
N CYS H 87 -13.69 28.26 -20.86
CA CYS H 87 -14.02 28.30 -22.28
C CYS H 87 -12.72 28.49 -23.07
N GLN H 88 -12.63 27.85 -24.23
CA GLN H 88 -11.43 27.92 -25.05
C GLN H 88 -11.76 27.81 -26.54
N GLN H 89 -10.90 28.39 -27.36
CA GLN H 89 -11.12 28.41 -28.81
C GLN H 89 -9.89 27.93 -29.60
N TRP H 90 -10.12 27.52 -30.85
CA TRP H 90 -9.03 27.16 -31.76
C TRP H 90 -9.40 27.63 -33.16
N SER H 91 -10.30 28.60 -33.23
CA SER H 91 -10.82 29.09 -34.52
C SER H 91 -9.84 30.04 -35.19
N TYR H 92 -8.88 30.54 -34.42
CA TYR H 92 -7.80 31.35 -34.98
C TYR H 92 -6.48 30.99 -34.31
N ASN H 93 -5.50 31.88 -34.42
CA ASN H 93 -4.19 31.62 -33.85
C ASN H 93 -3.67 32.79 -33.02
N PRO H 94 -3.13 32.48 -31.83
CA PRO H 94 -3.06 31.12 -31.31
C PRO H 94 -4.39 30.69 -30.69
N PRO H 95 -4.48 29.42 -30.26
CA PRO H 95 -5.65 29.00 -29.48
C PRO H 95 -5.57 29.66 -28.11
N THR H 96 -6.71 30.02 -27.54
CA THR H 96 -6.72 30.73 -26.26
C THR H 96 -7.82 30.25 -25.33
N PHE H 97 -7.67 30.57 -24.05
CA PHE H 97 -8.64 30.20 -23.03
C PHE H 97 -9.26 31.43 -22.39
N GLY H 98 -10.33 31.23 -21.63
CA GLY H 98 -11.00 32.32 -20.94
C GLY H 98 -10.43 32.56 -19.55
N GLY H 99 -10.92 33.59 -18.89
CA GLY H 99 -10.49 33.90 -17.54
C GLY H 99 -10.95 32.83 -16.56
N GLY H 100 -11.98 32.09 -16.95
CA GLY H 100 -12.54 31.04 -16.12
C GLY H 100 -13.72 31.54 -15.31
N THR H 101 -14.70 30.66 -15.09
CA THR H 101 -15.84 30.97 -14.25
C THR H 101 -15.82 30.08 -13.02
N LYS H 102 -15.65 30.69 -11.84
CA LYS H 102 -15.52 29.93 -10.61
C LYS H 102 -16.86 29.70 -9.93
N LEU H 103 -17.36 28.47 -10.05
CA LEU H 103 -18.66 28.11 -9.47
C LEU H 103 -18.49 27.48 -8.10
N GLU H 104 -19.20 28.02 -7.11
CA GLU H 104 -19.17 27.52 -5.74
C GLU H 104 -20.55 27.07 -5.29
N ILE H 105 -20.60 26.02 -4.46
CA ILE H 105 -21.88 25.56 -3.93
C ILE H 105 -22.34 26.47 -2.80
N LYS H 106 -23.65 26.66 -2.71
CA LYS H 106 -24.22 27.48 -1.66
C LYS H 106 -24.78 26.60 -0.55
N ARG H 107 -24.46 26.93 0.69
CA ARG H 107 -24.94 26.17 1.84
C ARG H 107 -25.40 27.11 2.95
N ALA H 108 -26.15 26.57 3.89
CA ALA H 108 -26.62 27.35 5.03
C ALA H 108 -25.44 27.93 5.80
N ASP H 109 -25.49 29.23 6.07
CA ASP H 109 -24.44 29.89 6.83
C ASP H 109 -24.14 29.13 8.11
N ALA H 110 -22.86 28.93 8.39
CA ALA H 110 -22.44 28.25 9.61
C ALA H 110 -21.37 29.05 10.33
N ALA H 111 -21.35 28.96 11.65
CA ALA H 111 -20.38 29.69 12.46
C ALA H 111 -19.13 28.85 12.71
N PRO H 112 -17.97 29.51 12.82
CA PRO H 112 -16.67 28.86 13.03
C PRO H 112 -16.65 27.94 14.24
N THR H 113 -15.81 26.92 14.17
CA THR H 113 -15.55 26.07 15.32
C THR H 113 -14.09 26.29 15.72
N VAL H 114 -13.86 27.37 16.45
CA VAL H 114 -12.50 27.85 16.73
C VAL H 114 -11.74 27.01 17.75
N SER H 115 -10.48 26.72 17.44
CA SER H 115 -9.59 26.03 18.34
C SER H 115 -8.26 26.79 18.38
N ILE H 116 -7.60 26.79 19.52
CA ILE H 116 -6.31 27.46 19.64
C ILE H 116 -5.26 26.50 20.19
N PHE H 117 -4.01 26.69 19.75
CA PHE H 117 -2.92 25.78 20.11
C PHE H 117 -1.66 26.54 20.54
N PRO H 118 -0.86 25.92 21.41
CA PRO H 118 0.36 26.51 21.95
C PRO H 118 1.59 26.13 21.15
N PRO H 119 2.69 26.86 21.32
CA PRO H 119 3.97 26.46 20.72
C PRO H 119 4.39 25.10 21.27
N SER H 120 4.46 24.11 20.40
CA SER H 120 4.83 22.76 20.82
C SER H 120 6.22 22.73 21.43
N SER H 121 6.46 21.77 22.31
CA SER H 121 7.72 21.68 23.05
C SER H 121 8.96 21.87 22.17
N GLU H 122 9.08 21.05 21.13
CA GLU H 122 10.27 21.07 20.29
C GLU H 122 10.41 22.36 19.46
N GLN H 123 9.54 23.33 19.72
CA GLN H 123 9.67 24.64 19.07
C GLN H 123 10.33 25.62 20.02
N LEU H 124 10.00 25.52 21.31
CA LEU H 124 10.64 26.34 22.33
C LEU H 124 12.04 25.83 22.59
N THR H 125 12.28 24.57 22.24
CA THR H 125 13.59 23.95 22.40
C THR H 125 14.41 24.10 21.11
N SER H 126 14.12 25.15 20.35
CA SER H 126 14.86 25.45 19.13
C SER H 126 14.90 26.95 18.86
N GLY H 127 14.32 27.73 19.76
CA GLY H 127 14.40 29.18 19.70
C GLY H 127 13.27 29.86 18.95
N GLY H 128 12.08 29.30 19.04
CA GLY H 128 10.92 29.87 18.37
C GLY H 128 9.61 29.53 19.05
N ALA H 129 8.56 30.29 18.74
CA ALA H 129 7.25 30.06 19.33
C ALA H 129 6.14 30.51 18.39
N SER H 130 5.18 29.61 18.16
CA SER H 130 4.07 29.91 17.26
C SER H 130 2.74 29.45 17.84
N VAL H 131 1.76 30.35 17.85
CA VAL H 131 0.42 30.03 18.32
C VAL H 131 -0.52 29.80 17.14
N VAL H 132 -1.12 28.61 17.10
CA VAL H 132 -2.01 28.24 16.00
C VAL H 132 -3.48 28.43 16.37
N CYS H 133 -4.28 28.87 15.40
CA CYS H 133 -5.71 29.05 15.61
C CYS H 133 -6.48 28.49 14.41
N PHE H 134 -7.35 27.51 14.67
CA PHE H 134 -8.08 26.82 13.60
C PHE H 134 -9.56 27.18 13.57
N LEU H 135 -9.90 28.16 12.73
CA LEU H 135 -11.30 28.53 12.52
C LEU H 135 -11.88 27.60 11.46
N ASN H 136 -12.65 26.61 11.90
CA ASN H 136 -13.09 25.53 11.01
C ASN H 136 -14.58 25.50 10.66
N ASN H 137 -14.88 24.96 9.49
CA ASN H 137 -16.24 24.68 9.06
C ASN H 137 -17.21 25.85 9.20
N PHE H 138 -17.01 26.89 8.40
CA PHE H 138 -17.87 28.07 8.44
C PHE H 138 -18.32 28.50 7.05
N TYR H 139 -19.40 29.27 7.00
CA TYR H 139 -19.92 29.79 5.74
C TYR H 139 -20.62 31.13 6.00
N PRO H 140 -20.41 32.11 5.11
CA PRO H 140 -19.66 32.01 3.86
C PRO H 140 -18.15 32.09 4.07
N LYS H 141 -17.42 32.22 2.97
CA LYS H 141 -15.97 32.28 2.98
C LYS H 141 -15.44 33.46 3.78
N ASP H 142 -16.11 34.60 3.66
CA ASP H 142 -15.66 35.84 4.30
C ASP H 142 -15.59 35.75 5.81
N ILE H 143 -14.37 35.82 6.35
CA ILE H 143 -14.16 35.82 7.80
C ILE H 143 -12.88 36.59 8.15
N ASN H 144 -12.91 37.27 9.29
CA ASN H 144 -11.73 37.98 9.76
C ASN H 144 -11.40 37.54 11.18
N VAL H 145 -10.12 37.54 11.52
CA VAL H 145 -9.68 36.97 12.79
C VAL H 145 -9.96 37.85 13.98
N LYS H 146 -8.96 38.70 14.24
CA LYS H 146 -8.91 39.64 15.33
C LYS H 146 -7.47 39.96 15.73
N TRP H 147 -6.51 39.88 14.79
CA TRP H 147 -5.16 40.34 15.09
C TRP H 147 -4.64 39.73 16.39
N LYS H 148 -5.01 38.48 16.64
CA LYS H 148 -4.64 37.80 17.88
C LYS H 148 -4.91 38.69 19.09
N LYS H 149 -4.09 38.54 20.13
CA LYS H 149 -4.21 39.34 21.35
C LYS H 149 -3.30 38.80 22.46
N ILE H 150 -2.23 39.54 22.76
CA ILE H 150 -1.33 39.17 23.83
C ILE H 150 -1.40 40.16 25.00
N ASP H 151 -1.92 39.70 26.13
CA ASP H 151 -2.12 40.54 27.30
C ASP H 151 -3.03 41.72 26.99
N GLY H 152 -4.03 41.48 26.15
CA GLY H 152 -4.97 42.52 25.76
C GLY H 152 -4.52 43.24 24.50
N SER H 153 -3.22 43.44 24.38
CA SER H 153 -2.64 44.10 23.20
C SER H 153 -2.57 43.12 22.04
N GLU H 154 -3.22 43.48 20.93
CA GLU H 154 -3.26 42.60 19.76
C GLU H 154 -2.17 42.91 18.75
N ARG H 155 -1.28 41.94 18.53
CA ARG H 155 -0.16 42.10 17.62
C ARG H 155 -0.64 42.28 16.17
N GLN H 156 0.23 42.83 15.32
CA GLN H 156 -0.14 43.11 13.94
C GLN H 156 0.73 42.34 12.95
N ASN H 157 2.06 42.45 13.10
CA ASN H 157 2.97 41.74 12.21
C ASN H 157 3.44 40.42 12.80
N GLY H 158 3.60 39.41 11.94
CA GLY H 158 3.93 38.07 12.37
C GLY H 158 2.73 37.16 12.21
N VAL H 159 1.65 37.71 11.66
CA VAL H 159 0.42 36.96 11.44
C VAL H 159 0.44 36.28 10.07
N LEU H 160 0.14 34.99 10.04
CA LEU H 160 0.24 34.22 8.82
C LEU H 160 -1.05 33.42 8.56
N ASN H 161 -1.87 33.93 7.64
CA ASN H 161 -3.15 33.30 7.33
C ASN H 161 -3.15 32.51 6.02
N SER H 162 -3.77 31.34 6.04
CA SER H 162 -3.94 30.52 4.84
C SER H 162 -5.32 29.86 4.86
N TRP H 163 -5.99 29.86 3.72
CA TRP H 163 -7.39 29.46 3.67
C TRP H 163 -7.64 28.16 2.91
N THR H 164 -8.52 27.33 3.47
CA THR H 164 -8.97 26.13 2.78
C THR H 164 -9.83 26.53 1.58
N ASP H 165 -9.81 25.72 0.53
CA ASP H 165 -10.67 25.97 -0.62
C ASP H 165 -12.12 25.92 -0.17
N GLN H 166 -12.69 24.72 -0.14
CA GLN H 166 -14.07 24.52 0.28
C GLN H 166 -14.36 23.04 0.39
N ASP H 167 -14.44 22.54 1.63
CA ASP H 167 -14.60 21.12 1.88
C ASP H 167 -15.61 20.48 0.93
N SER H 168 -15.31 19.26 0.49
CA SER H 168 -16.11 18.59 -0.53
C SER H 168 -17.24 17.76 0.05
N LYS H 169 -17.29 17.64 1.38
CA LYS H 169 -18.26 16.77 2.02
C LYS H 169 -19.29 17.53 2.86
N ASP H 170 -19.15 18.85 2.93
CA ASP H 170 -20.13 19.69 3.61
C ASP H 170 -20.25 21.07 2.97
N SER H 171 -19.24 21.44 2.20
CA SER H 171 -19.22 22.71 1.47
C SER H 171 -18.89 23.91 2.36
N THR H 172 -18.24 23.65 3.48
CA THR H 172 -17.85 24.73 4.39
C THR H 172 -16.41 25.14 4.13
N TYR H 173 -15.98 26.22 4.78
CA TYR H 173 -14.61 26.71 4.62
C TYR H 173 -13.84 26.58 5.93
N SER H 174 -12.51 26.56 5.82
CA SER H 174 -11.66 26.58 7.00
C SER H 174 -10.56 27.62 6.84
N MET H 175 -10.02 28.08 7.96
CA MET H 175 -9.04 29.15 7.95
C MET H 175 -8.00 28.91 9.04
N SER H 176 -6.73 29.14 8.69
CA SER H 176 -5.64 28.89 9.62
C SER H 176 -4.80 30.14 9.87
N SER H 177 -4.92 30.70 11.07
CA SER H 177 -4.11 31.84 11.47
C SER H 177 -3.08 31.40 12.50
N THR H 178 -1.80 31.64 12.21
CA THR H 178 -0.73 31.23 13.09
C THR H 178 0.20 32.40 13.43
N LEU H 179 0.42 32.62 14.72
CA LEU H 179 1.25 33.73 15.19
C LEU H 179 2.63 33.26 15.65
N THR H 180 3.65 33.61 14.86
CA THR H 180 5.01 33.22 15.17
C THR H 180 5.81 34.38 15.75
N LEU H 181 6.64 34.08 16.75
CA LEU H 181 7.52 35.07 17.35
C LEU H 181 8.76 34.41 17.95
N THR H 182 9.47 35.15 18.80
CA THR H 182 10.67 34.64 19.44
C THR H 182 10.29 33.85 20.68
N LYS H 183 11.24 33.07 21.20
CA LYS H 183 11.04 32.35 22.44
C LYS H 183 10.83 33.33 23.58
N ASP H 184 11.42 34.52 23.45
CA ASP H 184 11.36 35.54 24.48
C ASP H 184 9.96 36.12 24.66
N GLU H 185 9.36 36.57 23.56
CA GLU H 185 8.07 37.25 23.60
C GLU H 185 6.96 36.32 24.08
N TYR H 186 7.18 35.02 23.99
CA TYR H 186 6.17 34.04 24.37
C TYR H 186 6.15 33.80 25.88
N GLU H 187 7.26 34.10 26.55
CA GLU H 187 7.33 33.97 27.99
C GLU H 187 7.25 35.34 28.66
N ARG H 188 7.50 36.38 27.88
CA ARG H 188 7.37 37.75 28.35
C ARG H 188 5.94 38.03 28.79
N HIS H 189 4.99 37.68 27.93
CA HIS H 189 3.56 37.85 28.22
C HIS H 189 2.96 36.50 28.62
N ASN H 190 1.66 36.46 28.85
CA ASN H 190 1.01 35.23 29.26
C ASN H 190 -0.50 35.15 28.97
N SER H 191 -1.03 36.15 28.30
CA SER H 191 -2.44 36.16 27.93
C SER H 191 -2.61 36.18 26.41
N TYR H 192 -2.98 35.03 25.84
CA TYR H 192 -3.10 34.90 24.40
C TYR H 192 -4.53 34.62 23.94
N THR H 193 -5.02 35.44 23.00
CA THR H 193 -6.38 35.31 22.52
C THR H 193 -6.45 35.48 21.00
N CYS H 194 -7.19 34.61 20.34
CA CYS H 194 -7.46 34.76 18.91
C CYS H 194 -8.96 34.69 18.69
N GLU H 195 -9.54 35.80 18.24
CA GLU H 195 -10.99 35.88 18.08
C GLU H 195 -11.40 35.64 16.63
N ALA H 196 -12.70 35.70 16.38
CA ALA H 196 -13.23 35.46 15.04
C ALA H 196 -14.53 36.24 14.80
N THR H 197 -14.45 37.24 13.92
CA THR H 197 -15.62 38.05 13.60
C THR H 197 -16.28 37.61 12.31
N HIS H 198 -16.94 36.45 12.36
CA HIS H 198 -17.69 35.95 11.20
C HIS H 198 -19.11 36.48 11.26
N LYS H 199 -19.60 36.95 10.12
CA LYS H 199 -20.91 37.61 10.05
C LYS H 199 -22.12 36.71 10.35
N THR H 200 -21.88 35.54 10.92
CA THR H 200 -22.98 34.71 11.42
C THR H 200 -23.35 35.19 12.81
N SER H 201 -22.43 35.93 13.42
CA SER H 201 -22.63 36.51 14.74
C SER H 201 -21.86 37.82 14.84
N THR H 202 -22.49 38.84 15.41
CA THR H 202 -21.85 40.14 15.54
C THR H 202 -20.87 40.15 16.70
N SER H 203 -20.92 39.11 17.53
CA SER H 203 -20.03 38.98 18.67
C SER H 203 -18.97 37.92 18.41
N PRO H 204 -17.69 38.33 18.45
CA PRO H 204 -16.55 37.46 18.15
C PRO H 204 -16.49 36.21 19.02
N ILE H 205 -16.37 35.05 18.39
CA ILE H 205 -16.14 33.81 19.11
C ILE H 205 -14.65 33.68 19.40
N VAL H 206 -14.30 33.63 20.69
CA VAL H 206 -12.91 33.72 21.09
C VAL H 206 -12.39 32.49 21.84
N LYS H 207 -11.12 32.20 21.66
CA LYS H 207 -10.43 31.15 22.39
C LYS H 207 -9.12 31.70 22.96
N SER H 208 -8.83 31.36 24.21
CA SER H 208 -7.65 31.88 24.89
C SER H 208 -6.92 30.79 25.66
N PHE H 209 -5.64 31.01 25.93
CA PHE H 209 -4.87 30.09 26.76
C PHE H 209 -3.78 30.83 27.52
N ASN H 210 -3.51 30.36 28.74
CA ASN H 210 -2.47 30.95 29.57
C ASN H 210 -1.51 29.89 30.08
N ARG H 211 -0.26 30.29 30.32
CA ARG H 211 0.78 29.35 30.75
C ARG H 211 0.79 29.20 32.27
#